data_7VPH
#
_entry.id   7VPH
#
_cell.length_a   150.657
_cell.length_b   103.319
_cell.length_c   136.588
_cell.angle_alpha   90.00
_cell.angle_beta   97.45
_cell.angle_gamma   90.00
#
_symmetry.space_group_name_H-M   'C 1 2 1'
#
loop_
_entity.id
_entity.type
_entity.pdbx_description
1 polymer 'mRNA export factor'
2 polymer 'Isoform 3 of Nuclear pore complex protein Nup98-Nup96'
3 polymer 'ORF6 protein'
4 water water
#
loop_
_entity_poly.entity_id
_entity_poly.type
_entity_poly.pdbx_seq_one_letter_code
_entity_poly.pdbx_strand_id
1 'polypeptide(L)'
;MSLFGTTSGFGTSGTSMFGSATTDNHNPMKDIEVTSSPDDSIGCLSFSPPTLPGNFLIAGSWANDVRCWEVQDSGQTIPK
AQQMHTGPVLDVCWSDDGSKVFTASCDKTAKMWDLSSNQAIQIAQHDAPVKTIHWIKAPNYSCVMTGSWDKTLKFWDTRS
SNPMMVLQLPERCYCADVIYPMAVVATAERGLIVYQLENQPSEFRRIESPLKHQHRCVAIFKDKQNKPTGFALGSIEGRV
AIHYINPPNPAKDNFTFKCHRSNGTNTSAPQDIYAVNGIAFHPVHGTLATVGSDGRFSFWDKDARTKLKTSEQLDQPISA
CCFNHNGNIFAYASSYDWSKGHEFYNPQKKNYIFLRNAAEELKPRNKKHHHHHHHHHH
;
A,C,E,G
2 'polypeptide(L)' MHHHHHHHHHHTGTTIKFNPPTGTDTMVKAGVSTNISTKHQCITAMKEYESKSLEELRLEDYQANRK B,D,F,H
3 'polypeptide(L)' SKSLTENKYSQLDEEQPMEID I,J,K,X
#
# COMPACT_ATOMS: atom_id res chain seq x y z
N ASN A 25 34.18 18.94 9.91
CA ASN A 25 35.19 17.97 10.29
C ASN A 25 34.63 16.94 11.29
N HIS A 26 33.92 17.42 12.32
CA HIS A 26 33.25 16.52 13.26
C HIS A 26 32.09 15.79 12.60
N ASN A 27 31.39 16.47 11.69
CA ASN A 27 30.23 15.94 10.97
C ASN A 27 30.49 16.06 9.46
N PRO A 28 31.34 15.19 8.90
CA PRO A 28 31.69 15.30 7.48
C PRO A 28 30.55 14.97 6.54
N MET A 29 29.57 14.19 6.97
CA MET A 29 28.47 13.84 6.09
C MET A 29 27.39 14.92 6.05
N LYS A 30 27.59 16.04 6.73
CA LYS A 30 26.59 17.10 6.81
C LYS A 30 25.22 16.55 7.22
N ASP A 31 25.22 15.60 8.14
CA ASP A 31 24.01 15.01 8.67
C ASP A 31 23.49 15.81 9.88
N ILE A 32 22.28 15.46 10.32
CA ILE A 32 21.63 16.15 11.42
C ILE A 32 22.15 15.66 12.77
N GLU A 33 22.43 16.59 13.68
CA GLU A 33 22.94 16.28 15.02
C GLU A 33 21.77 16.25 16.00
N VAL A 34 21.77 15.24 16.86
CA VAL A 34 20.78 15.22 17.92
C VAL A 34 21.20 16.25 18.97
N THR A 35 20.30 17.19 19.27
CA THR A 35 20.67 18.21 20.26
C THR A 35 20.78 17.53 21.61
N SER A 36 21.58 18.12 22.49
CA SER A 36 21.79 17.62 23.86
C SER A 36 22.23 16.15 23.86
N SER A 37 23.36 15.91 23.22
CA SER A 37 23.86 14.55 23.12
C SER A 37 24.57 14.12 24.41
N PRO A 38 24.79 12.83 24.58
CA PRO A 38 25.37 12.33 25.82
C PRO A 38 26.74 12.91 26.13
N ASP A 39 27.02 12.99 27.44
CA ASP A 39 28.25 13.57 27.96
C ASP A 39 29.45 12.68 27.75
N ASP A 40 29.28 11.36 27.76
CA ASP A 40 30.38 10.41 27.54
C ASP A 40 30.11 9.61 26.26
N SER A 41 31.04 8.72 25.92
CA SER A 41 30.90 7.93 24.69
C SER A 41 29.62 7.11 24.71
N ILE A 42 29.00 6.97 23.52
CA ILE A 42 27.70 6.31 23.37
C ILE A 42 27.89 4.82 23.11
N GLY A 43 27.14 3.99 23.82
CA GLY A 43 27.35 2.57 23.73
C GLY A 43 26.29 1.87 22.92
N CYS A 44 25.12 2.49 22.78
CA CYS A 44 23.99 1.78 22.20
C CYS A 44 22.95 2.80 21.78
N LEU A 45 22.24 2.46 20.72
CA LEU A 45 21.14 3.26 20.20
C LEU A 45 19.96 2.34 19.98
N SER A 46 18.76 2.94 20.02
CA SER A 46 17.55 2.14 19.84
C SER A 46 16.36 3.03 19.52
N PHE A 47 15.67 2.71 18.43
CA PHE A 47 14.49 3.47 18.01
C PHE A 47 13.22 2.79 18.51
N SER A 48 12.19 3.60 18.68
CA SER A 48 10.90 3.13 19.19
C SER A 48 10.25 2.20 18.17
N PRO A 49 9.40 1.29 18.62
CA PRO A 49 8.69 0.39 17.70
C PRO A 49 7.64 1.11 16.87
N PRO A 50 7.05 0.44 15.89
CA PRO A 50 6.02 1.09 15.07
C PRO A 50 4.68 1.21 15.78
N THR A 51 4.52 0.56 16.92
CA THR A 51 3.31 0.73 17.71
C THR A 51 3.26 2.10 18.36
N LEU A 52 4.38 2.86 18.36
CA LEU A 52 4.44 4.24 18.84
C LEU A 52 4.32 5.21 17.69
N PRO A 53 3.46 6.23 17.79
CA PRO A 53 3.38 7.24 16.72
C PRO A 53 4.61 8.13 16.75
N GLY A 54 5.12 8.45 15.57
CA GLY A 54 6.35 9.21 15.48
C GLY A 54 7.54 8.32 15.78
N ASN A 55 8.67 8.97 16.10
CA ASN A 55 9.93 8.26 16.29
C ASN A 55 10.58 8.73 17.57
N PHE A 56 11.01 7.79 18.41
CA PHE A 56 11.73 8.12 19.62
C PHE A 56 13.01 7.31 19.67
N LEU A 57 14.10 7.99 20.03
CA LEU A 57 15.44 7.41 20.03
C LEU A 57 15.96 7.33 21.46
N ILE A 58 16.56 6.18 21.81
CA ILE A 58 17.14 5.94 23.12
C ILE A 58 18.63 5.70 22.97
N ALA A 59 19.45 6.29 23.84
CA ALA A 59 20.88 6.05 23.86
C ALA A 59 21.37 5.91 25.29
N GLY A 60 22.18 4.88 25.54
CA GLY A 60 22.90 4.76 26.79
C GLY A 60 24.34 5.19 26.59
N SER A 61 24.96 5.76 27.61
CA SER A 61 26.34 6.20 27.45
C SER A 61 27.19 5.60 28.56
N TRP A 62 28.47 5.95 28.53
CA TRP A 62 29.45 5.54 29.52
C TRP A 62 29.51 6.49 30.70
N ALA A 63 28.66 7.52 30.69
CA ALA A 63 28.42 8.38 31.83
C ALA A 63 27.27 7.87 32.71
N ASN A 64 26.80 6.66 32.41
CA ASN A 64 25.88 5.85 33.18
C ASN A 64 24.43 6.21 32.91
N ASP A 65 24.13 7.00 31.90
CA ASP A 65 22.76 7.47 31.70
C ASP A 65 22.08 6.76 30.53
N VAL A 66 20.75 6.87 30.52
CA VAL A 66 19.94 6.47 29.40
C VAL A 66 19.09 7.68 29.04
N ARG A 67 19.10 8.07 27.79
CA ARG A 67 18.41 9.29 27.39
C ARG A 67 17.46 8.96 26.26
N CYS A 68 16.49 9.83 26.06
CA CYS A 68 15.45 9.61 25.06
C CYS A 68 15.14 10.93 24.38
N TRP A 69 15.31 10.95 23.06
CA TRP A 69 14.90 12.09 22.26
C TRP A 69 13.74 11.70 21.35
N GLU A 70 12.92 12.69 21.02
CA GLU A 70 11.88 12.57 20.01
C GLU A 70 12.47 13.20 18.76
N VAL A 71 12.59 12.42 17.74
CA VAL A 71 12.96 12.91 16.42
C VAL A 71 11.72 13.32 15.66
N GLN A 72 11.78 14.44 14.97
CA GLN A 72 10.62 14.98 14.31
C GLN A 72 10.83 14.91 12.80
N ASP A 73 9.73 14.85 12.07
CA ASP A 73 9.85 14.64 10.63
C ASP A 73 10.65 15.74 9.96
N SER A 74 10.56 16.96 10.48
CA SER A 74 11.41 18.03 9.97
C SER A 74 12.88 17.76 10.25
N GLY A 75 13.19 16.88 11.19
CA GLY A 75 14.56 16.54 11.52
C GLY A 75 15.00 17.08 12.85
N GLN A 76 14.20 17.94 13.48
CA GLN A 76 14.57 18.53 14.76
C GLN A 76 14.48 17.47 15.86
N THR A 77 15.40 17.56 16.81
CA THR A 77 15.39 16.65 17.93
C THR A 77 14.99 17.37 19.21
N ILE A 78 14.18 16.70 20.03
CA ILE A 78 13.72 17.22 21.29
C ILE A 78 14.05 16.24 22.43
N PRO A 79 14.89 16.59 23.37
CA PRO A 79 15.16 15.66 24.49
C PRO A 79 13.91 15.48 25.34
N LYS A 80 13.55 14.22 25.60
CA LYS A 80 12.31 13.95 26.31
C LYS A 80 12.49 13.46 27.75
N ALA A 81 13.48 12.62 28.03
CA ALA A 81 13.60 12.09 29.38
C ALA A 81 14.96 11.42 29.51
N GLN A 82 15.36 11.19 30.78
CA GLN A 82 16.62 10.55 31.08
C GLN A 82 16.50 9.73 32.35
N GLN A 83 17.13 8.56 32.37
CA GLN A 83 17.24 7.68 33.53
C GLN A 83 18.72 7.42 33.85
N MET A 84 18.97 6.69 34.93
CA MET A 84 20.32 6.55 35.47
C MET A 84 20.58 5.14 35.92
N HIS A 85 21.73 4.61 35.55
CA HIS A 85 22.31 3.40 36.13
C HIS A 85 23.48 3.82 37.01
N THR A 86 24.05 2.90 37.77
CA THR A 86 25.22 3.27 38.54
C THR A 86 26.52 2.93 37.82
N GLY A 87 26.43 2.44 36.60
CA GLY A 87 27.58 2.08 35.79
C GLY A 87 27.18 2.24 34.34
N PRO A 88 28.14 2.14 33.43
CA PRO A 88 27.86 2.46 32.03
C PRO A 88 26.76 1.57 31.46
N VAL A 89 25.94 2.16 30.60
CA VAL A 89 24.83 1.45 29.97
C VAL A 89 25.34 0.82 28.68
N LEU A 90 25.25 -0.50 28.58
CA LEU A 90 25.81 -1.14 27.40
C LEU A 90 24.79 -1.46 26.34
N ASP A 91 23.51 -1.62 26.69
CA ASP A 91 22.49 -1.97 25.73
C ASP A 91 21.14 -1.41 26.17
N VAL A 92 20.28 -1.19 25.18
CA VAL A 92 18.92 -0.72 25.42
C VAL A 92 18.01 -1.33 24.36
N CYS A 93 16.74 -1.50 24.71
CA CYS A 93 15.74 -1.93 23.75
C CYS A 93 14.36 -1.48 24.21
N TRP A 94 13.37 -1.69 23.35
CA TRP A 94 11.99 -1.28 23.56
C TRP A 94 11.12 -2.50 23.77
N SER A 95 9.89 -2.26 24.25
CA SER A 95 8.85 -3.27 24.31
C SER A 95 7.91 -3.08 23.14
N ASP A 96 7.27 -4.17 22.69
CA ASP A 96 6.52 -4.09 21.44
C ASP A 96 5.52 -2.95 21.42
N ASP A 97 4.84 -2.68 22.55
CA ASP A 97 3.87 -1.60 22.59
C ASP A 97 4.51 -0.21 22.74
N GLY A 98 5.83 -0.13 22.91
CA GLY A 98 6.49 1.16 23.00
C GLY A 98 6.25 1.89 24.29
N SER A 99 5.78 1.20 25.33
CA SER A 99 5.50 1.81 26.63
C SER A 99 6.68 1.78 27.59
N LYS A 100 7.58 0.80 27.44
CA LYS A 100 8.66 0.53 28.37
C LYS A 100 9.98 0.52 27.63
N VAL A 101 11.04 1.01 28.27
CA VAL A 101 12.39 0.91 27.70
C VAL A 101 13.25 0.11 28.67
N PHE A 102 13.94 -0.88 28.14
CA PHE A 102 14.79 -1.74 28.95
C PHE A 102 16.25 -1.36 28.75
N THR A 103 16.99 -1.34 29.86
CA THR A 103 18.35 -0.85 29.93
C THR A 103 19.21 -1.92 30.57
N ALA A 104 20.45 -2.05 30.10
CA ALA A 104 21.38 -3.03 30.64
C ALA A 104 22.69 -2.31 30.92
N SER A 105 23.33 -2.65 32.04
CA SER A 105 24.39 -1.81 32.58
C SER A 105 25.52 -2.63 33.18
N CYS A 106 26.66 -1.98 33.33
CA CYS A 106 27.80 -2.58 34.00
C CYS A 106 27.60 -2.73 35.49
N ASP A 107 26.58 -2.09 36.10
CA ASP A 107 26.31 -2.33 37.52
C ASP A 107 25.61 -3.65 37.76
N LYS A 108 25.65 -4.55 36.80
CA LYS A 108 25.26 -5.93 36.88
C LYS A 108 23.76 -6.11 36.92
N THR A 109 22.99 -5.08 36.57
CA THR A 109 21.53 -5.13 36.62
C THR A 109 20.93 -4.55 35.35
N ALA A 110 19.64 -4.81 35.13
CA ALA A 110 18.90 -4.20 34.06
C ALA A 110 17.56 -3.67 34.59
N LYS A 111 17.09 -2.56 34.00
CA LYS A 111 15.92 -1.83 34.49
C LYS A 111 14.83 -1.76 33.42
N MET A 112 13.57 -1.66 33.91
CA MET A 112 12.41 -1.36 33.08
C MET A 112 11.99 0.08 33.32
N TRP A 113 11.87 0.85 32.24
CA TRP A 113 11.74 2.29 32.30
C TRP A 113 10.43 2.69 31.64
N ASP A 114 9.44 3.06 32.47
CA ASP A 114 8.12 3.49 31.98
C ASP A 114 8.18 4.95 31.58
N LEU A 115 8.06 5.22 30.28
CA LEU A 115 8.27 6.58 29.80
C LEU A 115 7.22 7.55 30.34
N SER A 116 5.94 7.19 30.26
CA SER A 116 4.89 8.12 30.67
C SER A 116 5.06 8.56 32.12
N SER A 117 5.37 7.64 33.02
CA SER A 117 5.61 8.01 34.41
C SER A 117 7.03 8.46 34.67
N ASN A 118 7.94 8.16 33.75
CA ASN A 118 9.39 8.40 33.91
C ASN A 118 9.93 7.74 35.17
N GLN A 119 9.47 6.53 35.47
CA GLN A 119 10.09 5.76 36.54
C GLN A 119 10.68 4.48 35.98
N ALA A 120 11.72 3.99 36.66
CA ALA A 120 12.41 2.80 36.19
C ALA A 120 12.66 1.86 37.34
N ILE A 121 12.41 0.57 37.13
CA ILE A 121 12.62 -0.42 38.19
C ILE A 121 13.54 -1.51 37.69
N GLN A 122 14.24 -2.12 38.63
CA GLN A 122 15.10 -3.25 38.33
C GLN A 122 14.27 -4.50 38.00
N ILE A 123 14.69 -5.22 36.97
CA ILE A 123 13.98 -6.43 36.55
C ILE A 123 14.97 -7.57 36.34
N ALA A 124 16.28 -7.29 36.37
CA ALA A 124 17.26 -8.34 36.16
C ALA A 124 18.52 -8.06 36.97
N GLN A 125 19.22 -9.14 37.37
CA GLN A 125 20.47 -9.05 38.10
C GLN A 125 21.41 -10.16 37.65
N HIS A 126 22.67 -9.81 37.41
CA HIS A 126 23.72 -10.78 37.11
C HIS A 126 24.93 -10.62 38.02
N ASP A 127 25.85 -11.55 37.89
CA ASP A 127 27.10 -11.52 38.61
C ASP A 127 28.20 -10.78 37.86
N ALA A 128 27.92 -10.27 36.68
CA ALA A 128 28.92 -9.52 35.95
C ALA A 128 28.16 -8.45 35.18
N PRO A 129 28.83 -7.54 34.49
CA PRO A 129 28.11 -6.60 33.63
C PRO A 129 27.18 -7.31 32.67
N VAL A 130 26.10 -6.63 32.34
CA VAL A 130 25.03 -7.15 31.52
C VAL A 130 25.24 -6.54 30.17
N LYS A 131 25.67 -7.34 29.18
CA LYS A 131 26.06 -6.77 27.90
C LYS A 131 24.87 -6.57 26.97
N THR A 132 23.91 -7.49 26.97
CA THR A 132 22.87 -7.43 25.95
C THR A 132 21.49 -7.51 26.58
N ILE A 133 20.52 -6.84 25.95
CA ILE A 133 19.14 -6.90 26.41
C ILE A 133 18.22 -6.82 25.20
N HIS A 134 17.22 -7.70 25.18
CA HIS A 134 16.25 -7.83 24.11
C HIS A 134 14.90 -8.21 24.70
N TRP A 135 13.85 -7.88 23.96
CA TRP A 135 12.46 -8.17 24.30
C TRP A 135 11.94 -9.28 23.40
N ILE A 136 11.45 -10.36 23.99
CA ILE A 136 10.86 -11.46 23.23
C ILE A 136 9.34 -11.37 23.39
N LYS A 137 8.63 -11.14 22.27
CA LYS A 137 7.17 -11.24 22.23
C LYS A 137 6.80 -12.49 21.43
N ALA A 138 6.48 -13.52 22.11
CA ALA A 138 6.00 -14.72 21.49
C ALA A 138 4.49 -14.81 21.66
N PRO A 139 3.81 -15.55 20.78
CA PRO A 139 2.34 -15.66 20.92
C PRO A 139 1.90 -16.11 22.29
N ASN A 140 2.72 -16.88 23.01
CA ASN A 140 2.32 -17.41 24.31
C ASN A 140 3.16 -16.92 25.50
N TYR A 141 4.16 -16.07 25.29
CA TYR A 141 4.88 -15.53 26.45
C TYR A 141 5.59 -14.25 26.06
N SER A 142 6.01 -13.50 27.07
CA SER A 142 6.79 -12.29 26.89
C SER A 142 7.84 -12.23 27.98
N CYS A 143 9.04 -11.83 27.61
CA CYS A 143 10.08 -11.73 28.62
C CYS A 143 11.22 -10.90 28.07
N VAL A 144 12.09 -10.52 28.99
CA VAL A 144 13.31 -9.81 28.71
C VAL A 144 14.42 -10.83 28.74
N MET A 145 15.29 -10.81 27.71
CA MET A 145 16.46 -11.68 27.71
C MET A 145 17.70 -10.84 27.99
N THR A 146 18.53 -11.32 28.93
CA THR A 146 19.76 -10.63 29.26
C THR A 146 20.93 -11.57 29.03
N GLY A 147 21.95 -11.07 28.36
CA GLY A 147 23.20 -11.80 28.15
C GLY A 147 24.35 -11.06 28.82
N SER A 148 25.14 -11.76 29.63
CA SER A 148 26.04 -11.09 30.54
C SER A 148 27.45 -11.70 30.53
N TRP A 149 28.44 -10.90 30.98
CA TRP A 149 29.80 -11.41 31.10
C TRP A 149 29.95 -12.43 32.20
N ASP A 150 28.90 -12.70 32.98
CA ASP A 150 28.90 -13.82 33.92
C ASP A 150 28.57 -15.13 33.23
N LYS A 151 28.56 -15.14 31.89
CA LYS A 151 28.42 -16.34 31.08
C LYS A 151 27.02 -16.94 31.17
N THR A 152 25.99 -16.12 31.28
CA THR A 152 24.63 -16.65 31.40
C THR A 152 23.74 -15.84 30.49
N LEU A 153 22.65 -16.49 30.11
CA LEU A 153 21.63 -15.86 29.30
C LEU A 153 20.33 -16.10 30.08
N LYS A 154 19.69 -15.03 30.52
CA LYS A 154 18.59 -15.13 31.47
C LYS A 154 17.37 -14.40 30.92
N PHE A 155 16.19 -14.86 31.33
CA PHE A 155 14.92 -14.35 30.84
C PHE A 155 14.03 -14.00 32.02
N TRP A 156 13.41 -12.82 31.99
CA TRP A 156 12.71 -12.21 33.11
C TRP A 156 11.33 -11.76 32.73
N ASP A 157 10.33 -11.97 33.60
CA ASP A 157 8.99 -11.52 33.26
C ASP A 157 8.71 -10.07 33.61
N THR A 158 9.65 -9.38 34.29
CA THR A 158 9.54 -7.99 34.78
C THR A 158 8.64 -7.83 36.00
N ARG A 159 8.25 -8.91 36.64
CA ARG A 159 7.50 -8.87 37.89
C ARG A 159 8.21 -9.61 39.01
N SER A 160 8.78 -10.78 38.71
CA SER A 160 9.47 -11.60 39.69
C SER A 160 10.93 -11.22 39.78
N SER A 161 11.48 -11.38 40.98
CA SER A 161 12.92 -11.21 41.15
C SER A 161 13.71 -12.43 40.69
N ASN A 162 13.06 -13.59 40.63
CA ASN A 162 13.66 -14.83 40.09
C ASN A 162 13.53 -14.88 38.58
N PRO A 163 14.60 -15.16 37.83
CA PRO A 163 14.46 -15.23 36.38
C PRO A 163 13.58 -16.41 36.02
N MET A 164 12.81 -16.20 34.97
CA MET A 164 11.95 -17.26 34.47
C MET A 164 12.75 -18.43 33.95
N MET A 165 13.85 -18.15 33.27
CA MET A 165 14.70 -19.18 32.68
C MET A 165 16.14 -18.71 32.74
N VAL A 166 17.06 -19.65 32.95
CA VAL A 166 18.49 -19.36 32.95
C VAL A 166 19.20 -20.41 32.11
N LEU A 167 19.94 -19.97 31.08
CA LEU A 167 20.78 -20.84 30.24
C LEU A 167 22.24 -20.45 30.39
N GLN A 168 23.13 -21.45 30.37
CA GLN A 168 24.56 -21.20 30.40
C GLN A 168 25.14 -20.95 29.00
N LEU A 169 26.01 -19.93 28.90
CA LEU A 169 26.73 -19.57 27.69
C LEU A 169 28.11 -20.20 27.71
N PRO A 170 28.72 -20.41 26.53
CA PRO A 170 30.04 -21.07 26.46
C PRO A 170 31.20 -20.22 26.94
N GLU A 171 31.02 -18.92 27.05
CA GLU A 171 31.98 -17.95 27.59
C GLU A 171 31.19 -16.64 27.69
N ARG A 172 31.88 -15.53 28.01
CA ARG A 172 31.26 -14.22 28.25
C ARG A 172 30.48 -13.72 27.04
N CYS A 173 29.29 -13.18 27.30
CA CYS A 173 28.43 -12.70 26.24
C CYS A 173 28.97 -11.40 25.65
N TYR A 174 29.12 -11.36 24.31
CA TYR A 174 29.63 -10.16 23.66
C TYR A 174 28.61 -9.43 22.81
N CYS A 175 27.66 -10.11 22.21
CA CYS A 175 26.62 -9.38 21.50
C CYS A 175 25.50 -10.36 21.21
N ALA A 176 24.32 -9.84 20.89
CA ALA A 176 23.19 -10.73 20.64
C ALA A 176 22.11 -10.02 19.85
N ASP A 177 21.20 -10.80 19.27
CA ASP A 177 20.07 -10.22 18.56
C ASP A 177 18.88 -11.16 18.63
N VAL A 178 17.69 -10.58 18.48
CA VAL A 178 16.43 -11.33 18.57
C VAL A 178 15.46 -10.82 17.53
N ILE A 179 14.94 -11.74 16.72
CA ILE A 179 13.73 -11.52 15.93
C ILE A 179 12.91 -12.79 16.02
N TYR A 180 11.83 -12.78 16.81
CA TYR A 180 11.05 -13.98 17.01
C TYR A 180 10.72 -14.62 15.67
N PRO A 181 10.96 -15.93 15.50
CA PRO A 181 11.26 -16.89 16.56
C PRO A 181 12.73 -17.23 16.78
N MET A 182 13.64 -16.35 16.44
CA MET A 182 15.04 -16.70 16.47
C MET A 182 15.83 -15.74 17.34
N ALA A 183 16.89 -16.25 17.98
CA ALA A 183 17.88 -15.43 18.68
C ALA A 183 19.30 -15.92 18.37
N VAL A 184 20.26 -14.99 18.37
CA VAL A 184 21.67 -15.31 18.15
C VAL A 184 22.47 -14.70 19.28
N VAL A 185 23.36 -15.49 19.88
CA VAL A 185 24.29 -14.96 20.87
C VAL A 185 25.72 -15.28 20.43
N ALA A 186 26.61 -14.28 20.53
CA ALA A 186 28.03 -14.45 20.29
C ALA A 186 28.80 -14.12 21.56
N THR A 187 29.81 -14.93 21.86
CA THR A 187 30.59 -14.83 23.07
C THR A 187 32.09 -14.69 22.78
N ALA A 188 32.85 -14.45 23.85
CA ALA A 188 34.30 -14.58 23.72
C ALA A 188 34.66 -15.98 23.23
N GLU A 189 35.85 -16.06 22.63
CA GLU A 189 36.40 -17.32 22.10
C GLU A 189 35.50 -17.92 21.00
N ARG A 190 34.94 -17.06 20.16
CA ARG A 190 34.25 -17.46 18.93
C ARG A 190 32.98 -18.26 19.21
N GLY A 191 32.44 -18.13 20.41
CA GLY A 191 31.18 -18.80 20.74
C GLY A 191 30.04 -18.22 19.93
N LEU A 192 29.23 -19.08 19.35
CA LEU A 192 28.17 -18.64 18.45
C LEU A 192 27.01 -19.60 18.59
N ILE A 193 25.87 -19.14 19.08
CA ILE A 193 24.72 -20.04 19.30
C ILE A 193 23.43 -19.39 18.83
N VAL A 194 22.63 -20.16 18.09
CA VAL A 194 21.32 -19.75 17.63
C VAL A 194 20.28 -20.35 18.56
N TYR A 195 19.23 -19.62 18.83
CA TYR A 195 18.19 -20.09 19.72
C TYR A 195 16.86 -20.11 18.97
N GLN A 196 16.07 -21.15 19.22
CA GLN A 196 14.69 -21.16 18.80
C GLN A 196 13.82 -20.75 20.00
N LEU A 197 12.78 -19.95 19.73
CA LEU A 197 12.00 -19.23 20.73
C LEU A 197 10.53 -19.63 20.80
N GLU A 198 10.08 -20.52 19.94
CA GLU A 198 8.68 -20.88 19.94
C GLU A 198 8.39 -21.66 21.20
N ASN A 199 7.39 -21.17 21.97
CA ASN A 199 6.94 -21.70 23.26
C ASN A 199 7.86 -21.39 24.44
N GLN A 200 9.13 -21.72 24.32
CA GLN A 200 10.09 -21.59 25.40
C GLN A 200 11.46 -21.45 24.75
N PRO A 201 12.33 -20.57 25.22
CA PRO A 201 13.65 -20.46 24.58
C PRO A 201 14.44 -21.74 24.78
N SER A 202 15.13 -22.16 23.71
CA SER A 202 15.99 -23.34 23.75
C SER A 202 17.11 -23.16 22.76
N GLU A 203 18.17 -23.88 23.02
CA GLU A 203 19.34 -23.87 22.16
C GLU A 203 19.00 -24.61 20.89
N PHE A 204 19.17 -23.95 19.75
CA PHE A 204 18.94 -24.56 18.44
C PHE A 204 20.24 -25.11 17.84
N ARG A 205 21.24 -24.26 17.66
CA ARG A 205 22.47 -24.80 17.10
C ARG A 205 23.64 -24.01 17.60
N ARG A 206 24.70 -24.73 17.97
CA ARG A 206 26.01 -24.13 18.19
C ARG A 206 26.77 -24.14 16.87
N ILE A 207 27.11 -22.95 16.37
CA ILE A 207 27.73 -22.76 15.05
C ILE A 207 29.25 -22.76 15.16
N GLU A 208 29.93 -23.53 14.31
CA GLU A 208 31.38 -23.32 14.24
C GLU A 208 31.61 -21.99 13.54
N SER A 209 32.10 -21.01 14.29
CA SER A 209 32.00 -19.63 13.85
C SER A 209 32.77 -19.41 12.56
N PRO A 210 32.20 -18.71 11.58
CA PRO A 210 32.93 -18.39 10.35
C PRO A 210 34.05 -17.39 10.52
N LEU A 211 34.10 -16.68 11.66
CA LEU A 211 35.15 -15.69 11.94
C LEU A 211 36.20 -16.28 12.86
N LYS A 212 37.45 -15.86 12.68
CA LYS A 212 38.55 -16.41 13.47
C LYS A 212 39.04 -15.48 14.56
N HIS A 213 38.50 -14.26 14.66
CA HIS A 213 38.89 -13.28 15.67
C HIS A 213 37.65 -12.74 16.36
N GLN A 214 37.89 -11.93 17.41
CA GLN A 214 36.87 -11.53 18.39
C GLN A 214 35.55 -11.13 17.78
N HIS A 215 34.49 -11.77 18.24
CA HIS A 215 33.15 -11.40 17.85
C HIS A 215 32.77 -10.07 18.52
N ARG A 216 31.97 -9.28 17.82
CA ARG A 216 31.75 -7.94 18.30
C ARG A 216 30.31 -7.52 18.03
N CYS A 217 29.75 -7.84 16.87
CA CYS A 217 28.37 -7.44 16.64
C CYS A 217 27.63 -8.48 15.82
N VAL A 218 26.31 -8.57 16.03
CA VAL A 218 25.50 -9.52 15.27
C VAL A 218 24.14 -8.90 15.04
N ALA A 219 23.58 -9.14 13.84
CA ALA A 219 22.26 -8.65 13.50
C ALA A 219 21.57 -9.69 12.60
N ILE A 220 20.29 -9.95 12.87
CA ILE A 220 19.55 -10.99 12.15
C ILE A 220 18.84 -10.36 10.96
N PHE A 221 18.83 -11.09 9.85
CA PHE A 221 18.14 -10.64 8.65
C PHE A 221 17.11 -11.68 8.23
N LYS A 222 16.07 -11.21 7.55
CA LYS A 222 14.90 -11.98 7.16
C LYS A 222 14.89 -12.28 5.66
N ASP A 223 14.12 -13.30 5.29
CA ASP A 223 14.02 -13.69 3.89
C ASP A 223 12.92 -12.89 3.24
N LYS A 224 12.57 -13.26 2.00
CA LYS A 224 11.62 -12.48 1.22
C LYS A 224 10.23 -12.47 1.84
N GLN A 225 9.98 -13.30 2.86
CA GLN A 225 8.67 -13.40 3.49
C GLN A 225 8.70 -12.94 4.94
N ASN A 226 9.64 -12.08 5.31
CA ASN A 226 9.78 -11.56 6.67
C ASN A 226 10.08 -12.64 7.68
N LYS A 227 10.59 -13.78 7.25
CA LYS A 227 10.93 -14.83 8.17
C LYS A 227 12.41 -14.73 8.52
N PRO A 228 12.79 -14.62 9.80
CA PRO A 228 14.20 -14.64 10.16
C PRO A 228 14.92 -15.83 9.54
N THR A 229 16.00 -15.56 8.83
CA THR A 229 16.63 -16.56 8.00
C THR A 229 18.14 -16.66 8.18
N GLY A 230 18.78 -15.70 8.82
CA GLY A 230 20.21 -15.79 9.05
C GLY A 230 20.68 -14.54 9.76
N PHE A 231 22.00 -14.47 9.97
CA PHE A 231 22.52 -13.31 10.65
C PHE A 231 23.81 -12.83 9.99
N ALA A 232 24.16 -11.60 10.33
CA ALA A 232 25.42 -10.97 9.97
C ALA A 232 26.22 -10.78 11.25
N LEU A 233 27.52 -11.05 11.19
CA LEU A 233 28.37 -11.04 12.37
C LEU A 233 29.66 -10.27 12.08
N GLY A 234 30.02 -9.33 12.95
CA GLY A 234 31.20 -8.50 12.79
C GLY A 234 32.30 -8.81 13.80
N SER A 235 33.54 -8.88 13.32
CA SER A 235 34.68 -9.08 14.22
C SER A 235 35.49 -7.80 14.32
N ILE A 236 36.58 -7.89 15.09
CA ILE A 236 37.53 -6.77 15.20
C ILE A 236 38.48 -6.72 14.03
N GLU A 237 38.47 -7.74 13.16
CA GLU A 237 39.42 -7.69 12.06
C GLU A 237 38.75 -7.32 10.75
N GLY A 238 38.02 -6.21 10.74
CA GLY A 238 37.57 -5.67 9.45
C GLY A 238 36.85 -6.66 8.57
N ARG A 239 36.03 -7.52 9.17
CA ARG A 239 35.36 -8.63 8.50
C ARG A 239 33.95 -8.77 9.06
N VAL A 240 33.02 -9.10 8.17
CA VAL A 240 31.66 -9.43 8.52
C VAL A 240 31.32 -10.74 7.85
N ALA A 241 30.61 -11.61 8.56
CA ALA A 241 30.18 -12.89 8.03
C ALA A 241 28.69 -12.82 7.72
N ILE A 242 28.32 -13.40 6.57
CA ILE A 242 26.92 -13.61 6.22
C ILE A 242 26.65 -15.10 6.41
N HIS A 243 25.73 -15.42 7.33
CA HIS A 243 25.45 -16.80 7.68
C HIS A 243 23.96 -17.07 7.58
N TYR A 244 23.60 -17.91 6.62
CA TYR A 244 22.22 -18.40 6.51
C TYR A 244 22.04 -19.60 7.43
N ILE A 245 20.86 -19.71 8.04
CA ILE A 245 20.61 -20.78 8.98
C ILE A 245 20.58 -22.13 8.26
N ASN A 246 19.86 -22.19 7.13
CA ASN A 246 19.65 -23.46 6.45
C ASN A 246 19.61 -23.27 4.92
N PRO A 247 20.73 -22.85 4.32
CA PRO A 247 20.74 -22.62 2.85
C PRO A 247 20.98 -23.90 2.06
N PRO A 248 20.70 -23.91 0.75
CA PRO A 248 20.92 -25.14 -0.04
C PRO A 248 22.38 -25.49 -0.31
N ASN A 249 23.27 -24.50 -0.49
CA ASN A 249 24.69 -24.76 -0.75
C ASN A 249 25.48 -23.86 0.19
N PRO A 250 25.64 -24.29 1.44
CA PRO A 250 26.26 -23.40 2.44
C PRO A 250 27.67 -22.97 2.05
N ALA A 251 28.42 -23.81 1.32
CA ALA A 251 29.77 -23.42 0.90
C ALA A 251 29.74 -22.16 0.06
N LYS A 252 28.77 -22.03 -0.84
CA LYS A 252 28.72 -20.80 -1.60
C LYS A 252 27.75 -19.77 -1.01
N ASP A 253 26.66 -20.19 -0.36
CA ASP A 253 25.69 -19.21 0.10
C ASP A 253 26.14 -18.43 1.35
N ASN A 254 26.94 -19.04 2.22
CA ASN A 254 27.53 -18.30 3.32
C ASN A 254 28.89 -17.74 2.90
N PHE A 255 29.20 -16.51 3.32
CA PHE A 255 30.48 -15.90 2.99
C PHE A 255 30.81 -14.79 3.96
N THR A 256 32.10 -14.46 4.02
CA THR A 256 32.64 -13.32 4.74
C THR A 256 33.16 -12.29 3.75
N PHE A 257 33.19 -11.04 4.17
CA PHE A 257 33.74 -9.98 3.32
C PHE A 257 34.48 -8.96 4.17
N LYS A 258 35.47 -8.34 3.56
CA LYS A 258 36.32 -7.38 4.24
C LYS A 258 35.69 -5.98 4.24
N CYS A 259 35.86 -5.25 5.35
CA CYS A 259 35.27 -3.92 5.51
C CYS A 259 36.06 -3.15 6.55
N HIS A 260 35.83 -1.83 6.59
CA HIS A 260 36.48 -0.92 7.55
C HIS A 260 38.01 -1.02 7.55
N ARG A 261 38.57 -0.97 6.34
CA ARG A 261 40.00 -0.98 6.08
C ARG A 261 40.44 0.29 5.34
N SER A 262 41.74 0.56 5.36
CA SER A 262 42.36 1.65 4.60
C SER A 262 42.49 1.31 3.11
N ASN A 263 43.00 2.25 2.30
CA ASN A 263 43.18 2.19 0.80
C ASN A 263 41.84 2.33 0.08
N ASN A 266 45.62 2.95 -3.75
CA ASN A 266 46.89 2.89 -4.50
C ASN A 266 48.13 3.27 -3.66
N THR A 267 48.66 2.29 -2.93
CA THR A 267 49.66 2.50 -1.89
C THR A 267 50.14 1.14 -1.42
N SER A 268 51.44 1.03 -1.21
CA SER A 268 52.07 -0.19 -0.73
C SER A 268 52.26 -0.21 0.77
N ALA A 269 51.85 0.87 1.46
CA ALA A 269 51.94 0.93 2.90
C ALA A 269 50.99 -0.13 3.47
N PRO A 270 51.27 -0.64 4.66
CA PRO A 270 50.42 -1.71 5.18
C PRO A 270 48.96 -1.27 5.33
N GLN A 271 48.05 -2.23 5.16
CA GLN A 271 46.63 -1.93 5.29
C GLN A 271 46.27 -1.83 6.76
N ASP A 272 45.54 -0.77 7.11
CA ASP A 272 45.03 -0.58 8.47
C ASP A 272 43.67 -1.26 8.63
N ILE A 273 43.57 -2.17 9.60
CA ILE A 273 42.36 -2.94 9.83
C ILE A 273 41.68 -2.49 11.12
N TYR A 274 40.46 -1.93 11.00
CA TYR A 274 39.70 -1.50 12.17
C TYR A 274 38.57 -2.50 12.56
N ALA A 275 37.96 -2.23 13.70
CA ALA A 275 36.94 -3.13 14.28
C ALA A 275 35.55 -2.76 13.78
N VAL A 276 34.71 -3.77 13.59
CA VAL A 276 33.32 -3.52 13.22
C VAL A 276 32.53 -3.28 14.50
N ASN A 277 31.94 -2.10 14.62
CA ASN A 277 31.34 -1.76 15.90
C ASN A 277 29.84 -2.02 15.95
N GLY A 278 29.15 -1.87 14.83
CA GLY A 278 27.72 -2.11 14.79
C GLY A 278 27.29 -2.57 13.44
N ILE A 279 26.26 -3.41 13.41
CA ILE A 279 25.60 -3.83 12.18
C ILE A 279 24.10 -3.75 12.39
N ALA A 280 23.41 -3.12 11.44
CA ALA A 280 21.95 -3.07 11.44
C ALA A 280 21.45 -3.24 10.01
N PHE A 281 20.35 -3.98 9.86
CA PHE A 281 19.67 -4.18 8.59
C PHE A 281 18.51 -3.18 8.44
N HIS A 282 18.38 -2.62 7.24
CA HIS A 282 17.28 -1.70 6.92
C HIS A 282 15.98 -2.47 6.87
N PRO A 283 14.95 -2.09 7.63
CA PRO A 283 13.82 -3.00 7.80
C PRO A 283 13.04 -3.29 6.52
N VAL A 284 13.07 -2.45 5.50
CA VAL A 284 12.28 -2.75 4.31
C VAL A 284 13.16 -3.24 3.16
N HIS A 285 14.35 -2.65 2.97
CA HIS A 285 15.15 -3.00 1.79
C HIS A 285 15.95 -4.29 1.97
N GLY A 286 16.18 -4.72 3.20
CA GLY A 286 16.94 -5.92 3.47
C GLY A 286 18.44 -5.79 3.33
N THR A 287 18.91 -4.67 2.79
CA THR A 287 20.31 -4.26 2.79
C THR A 287 20.78 -3.93 4.20
N LEU A 288 22.09 -3.71 4.36
CA LEU A 288 22.63 -3.55 5.71
C LEU A 288 23.62 -2.40 5.77
N ALA A 289 23.84 -1.96 7.01
CA ALA A 289 24.81 -0.94 7.38
C ALA A 289 25.79 -1.52 8.37
N THR A 290 27.07 -1.13 8.26
CA THR A 290 28.08 -1.43 9.27
C THR A 290 28.81 -0.16 9.65
N VAL A 291 29.10 0.00 10.93
CA VAL A 291 29.88 1.14 11.41
C VAL A 291 31.12 0.59 12.11
N GLY A 292 32.22 1.35 12.03
CA GLY A 292 33.51 0.81 12.38
C GLY A 292 34.39 1.75 13.18
N SER A 293 35.39 1.14 13.82
CA SER A 293 36.39 1.90 14.55
C SER A 293 37.20 2.81 13.62
N ASP A 294 37.20 2.55 12.29
CA ASP A 294 37.79 3.48 11.34
C ASP A 294 37.04 4.80 11.24
N GLY A 295 35.93 5.00 11.95
CA GLY A 295 35.21 6.25 11.85
C GLY A 295 34.38 6.43 10.60
N ARG A 296 33.97 5.34 9.97
CA ARG A 296 33.12 5.38 8.79
C ARG A 296 31.93 4.44 8.93
N PHE A 297 30.91 4.71 8.14
CA PHE A 297 29.85 3.75 7.92
C PHE A 297 29.78 3.36 6.45
N SER A 298 29.40 2.11 6.22
CA SER A 298 29.25 1.56 4.88
C SER A 298 27.89 0.86 4.76
N PHE A 299 27.29 1.00 3.59
CA PHE A 299 26.02 0.33 3.26
C PHE A 299 26.31 -0.83 2.33
N TRP A 300 25.58 -1.92 2.51
CA TRP A 300 25.95 -3.13 1.78
C TRP A 300 24.70 -3.84 1.24
N ASP A 301 24.86 -4.53 0.11
CA ASP A 301 23.82 -5.45 -0.37
C ASP A 301 24.43 -6.85 -0.32
N LYS A 302 24.00 -7.64 0.65
CA LYS A 302 24.55 -8.98 0.86
C LYS A 302 24.05 -10.01 -0.14
N ASP A 303 23.07 -9.67 -1.01
CA ASP A 303 22.59 -10.64 -2.00
C ASP A 303 23.32 -10.45 -3.31
N ALA A 304 23.41 -9.21 -3.78
CA ALA A 304 24.30 -8.76 -4.83
C ALA A 304 25.78 -8.75 -4.39
N ARG A 305 26.07 -8.82 -3.08
CA ARG A 305 27.44 -8.80 -2.56
C ARG A 305 28.20 -7.56 -3.02
N THR A 306 27.59 -6.39 -2.81
CA THR A 306 28.19 -5.14 -3.25
C THR A 306 28.22 -4.13 -2.12
N LYS A 307 29.10 -3.15 -2.26
CA LYS A 307 29.23 -2.06 -1.32
C LYS A 307 28.50 -0.86 -1.91
N LEU A 308 27.45 -0.39 -1.24
CA LEU A 308 26.60 0.64 -1.80
C LEU A 308 27.18 2.02 -1.56
N LYS A 309 27.73 2.24 -0.37
CA LYS A 309 28.23 3.55 0.02
C LYS A 309 29.22 3.35 1.14
N THR A 310 30.20 4.24 1.22
CA THR A 310 31.02 4.41 2.41
C THR A 310 31.09 5.89 2.73
N SER A 311 30.90 6.23 4.00
CA SER A 311 30.97 7.62 4.39
C SER A 311 32.40 8.12 4.33
N GLU A 312 32.55 9.42 4.55
CA GLU A 312 33.83 10.02 4.83
C GLU A 312 34.26 9.69 6.25
N GLN A 313 35.50 10.01 6.59
CA GLN A 313 36.00 9.63 7.91
C GLN A 313 35.63 10.68 8.94
N LEU A 314 35.19 10.23 10.09
CA LEU A 314 34.93 11.11 11.21
C LEU A 314 36.16 11.13 12.13
N ASP A 315 36.30 12.23 12.88
CA ASP A 315 37.51 12.35 13.70
C ASP A 315 37.54 11.38 14.88
N GLN A 316 36.54 10.54 15.10
CA GLN A 316 36.66 9.47 16.09
C GLN A 316 35.85 8.30 15.59
N PRO A 317 35.96 7.14 16.25
CA PRO A 317 35.19 5.97 15.82
C PRO A 317 33.69 6.22 15.78
N ILE A 318 32.99 5.37 15.05
CA ILE A 318 31.55 5.28 15.19
C ILE A 318 31.25 4.09 16.09
N SER A 319 30.57 4.37 17.22
CA SER A 319 30.48 3.39 18.28
C SER A 319 29.25 2.52 18.18
N ALA A 320 28.20 3.01 17.52
CA ALA A 320 26.96 2.28 17.45
C ALA A 320 26.12 2.85 16.31
N CYS A 321 25.15 2.05 15.85
CA CYS A 321 24.22 2.56 14.85
C CYS A 321 22.91 1.78 14.96
N CYS A 322 21.88 2.29 14.30
CA CYS A 322 20.59 1.59 14.24
C CYS A 322 19.65 2.34 13.31
N PHE A 323 18.56 1.67 12.92
CA PHE A 323 17.53 2.28 12.08
C PHE A 323 16.27 2.57 12.89
N ASN A 324 15.44 3.47 12.37
CA ASN A 324 14.11 3.65 12.92
C ASN A 324 13.21 2.55 12.36
N HIS A 325 11.93 2.57 12.74
CA HIS A 325 11.06 1.43 12.46
C HIS A 325 10.78 1.28 10.96
N ASN A 326 10.58 2.38 10.24
CA ASN A 326 10.31 2.27 8.81
C ASN A 326 11.57 2.42 7.97
N GLY A 327 12.73 2.56 8.61
CA GLY A 327 13.97 2.64 7.88
C GLY A 327 14.25 3.98 7.24
N ASN A 328 13.63 5.06 7.71
CA ASN A 328 13.86 6.37 7.12
C ASN A 328 14.83 7.23 7.92
N ILE A 329 15.35 6.74 9.03
CA ILE A 329 16.35 7.46 9.78
C ILE A 329 17.46 6.49 10.09
N PHE A 330 18.66 6.80 9.65
CA PHE A 330 19.82 6.03 10.02
C PHE A 330 20.56 6.82 11.11
N ALA A 331 20.67 6.24 12.30
CA ALA A 331 21.34 6.89 13.42
C ALA A 331 22.68 6.24 13.68
N TYR A 332 23.72 7.06 13.81
CA TYR A 332 25.04 6.55 14.11
C TYR A 332 25.68 7.47 15.13
N ALA A 333 26.50 6.89 16.00
CA ALA A 333 27.05 7.60 17.16
C ALA A 333 28.55 7.75 17.01
N SER A 334 29.01 8.99 17.07
CA SER A 334 30.42 9.31 17.01
C SER A 334 30.95 9.32 18.43
N SER A 335 31.76 8.31 18.76
CA SER A 335 32.26 8.17 20.12
C SER A 335 33.53 7.36 20.08
N TYR A 336 34.44 7.67 21.00
CA TYR A 336 35.59 6.79 21.18
C TYR A 336 35.12 5.42 21.65
N ASP A 337 35.85 4.38 21.22
CA ASP A 337 35.44 3.00 21.49
C ASP A 337 36.53 2.22 22.20
N TRP A 338 37.53 2.88 22.75
CA TRP A 338 38.65 2.26 23.44
C TRP A 338 39.47 1.34 22.50
N SER A 339 39.28 1.44 21.18
CA SER A 339 40.02 0.57 20.26
C SER A 339 41.53 0.70 20.41
N LYS A 340 42.02 1.81 20.97
CA LYS A 340 43.44 2.01 21.18
C LYS A 340 43.77 2.20 22.66
N GLY A 341 42.84 1.88 23.57
CA GLY A 341 43.16 1.93 24.98
C GLY A 341 42.92 3.29 25.64
N HIS A 342 43.41 3.36 26.87
CA HIS A 342 43.11 4.52 27.71
C HIS A 342 43.83 5.77 27.26
N GLU A 343 45.01 5.63 26.66
CA GLU A 343 45.80 6.81 26.34
C GLU A 343 45.16 7.65 25.24
N PHE A 344 44.27 7.09 24.44
CA PHE A 344 43.66 7.83 23.34
C PHE A 344 42.26 8.33 23.69
N TYR A 345 41.86 8.22 24.95
CA TYR A 345 40.61 8.78 25.38
C TYR A 345 40.81 10.25 25.70
N ASN A 346 39.95 11.09 25.14
CA ASN A 346 39.93 12.51 25.46
C ASN A 346 38.57 12.84 26.05
N PRO A 347 38.44 12.92 27.38
CA PRO A 347 37.14 13.33 27.94
C PRO A 347 36.75 14.69 27.38
N GLN A 348 37.74 15.46 26.92
CA GLN A 348 37.57 16.79 26.37
C GLN A 348 36.77 16.73 25.08
N LYS A 349 36.78 15.58 24.41
CA LYS A 349 36.23 15.53 23.06
C LYS A 349 34.80 14.99 23.08
N LYS A 350 33.94 15.70 22.32
CA LYS A 350 32.48 15.61 22.34
C LYS A 350 31.99 14.44 21.51
N ASN A 351 30.86 13.89 21.94
CA ASN A 351 30.23 12.78 21.28
C ASN A 351 28.98 13.31 20.60
N TYR A 352 28.58 12.63 19.54
CA TYR A 352 27.45 13.07 18.75
C TYR A 352 26.63 11.86 18.35
N ILE A 353 25.35 12.10 18.13
CA ILE A 353 24.49 11.16 17.43
C ILE A 353 24.01 11.86 16.16
N PHE A 354 24.23 11.21 15.02
CA PHE A 354 23.88 11.80 13.75
C PHE A 354 22.74 11.03 13.11
N LEU A 355 21.89 11.77 12.39
CA LEU A 355 20.75 11.19 11.71
C LEU A 355 20.88 11.39 10.22
N ARG A 356 20.55 10.35 9.46
CA ARG A 356 20.69 10.40 8.01
C ARG A 356 19.51 9.68 7.38
N ASN A 357 18.86 10.33 6.42
CA ASN A 357 17.87 9.64 5.62
C ASN A 357 18.58 8.85 4.52
N ALA A 358 18.67 7.53 4.69
CA ALA A 358 19.35 6.72 3.68
C ALA A 358 18.44 5.64 3.11
N ALA A 359 17.14 5.89 3.07
CA ALA A 359 16.24 4.94 2.43
C ALA A 359 16.63 4.75 0.97
N GLU A 360 16.69 5.84 0.20
CA GLU A 360 17.16 5.75 -1.18
C GLU A 360 18.59 5.24 -1.27
N GLU A 361 19.45 5.61 -0.32
CA GLU A 361 20.83 5.14 -0.42
C GLU A 361 20.94 3.63 -0.22
N LEU A 362 20.00 3.02 0.49
CA LEU A 362 20.06 1.59 0.80
C LEU A 362 19.12 0.75 -0.05
N LYS A 363 18.48 1.33 -1.07
CA LYS A 363 17.61 0.55 -1.95
C LYS A 363 18.49 -0.23 -2.92
N PRO A 364 18.26 -1.53 -3.11
CA PRO A 364 19.16 -2.33 -3.96
C PRO A 364 19.20 -1.86 -5.40
N ARG A 365 20.22 -2.35 -6.11
CA ARG A 365 20.58 -1.97 -7.49
C ARG A 365 20.78 -0.45 -7.64
N THR B 12 45.23 -5.66 35.48
CA THR B 12 44.01 -5.22 34.82
C THR B 12 44.15 -3.83 34.17
N GLY B 13 43.35 -3.57 33.14
CA GLY B 13 43.33 -2.29 32.45
C GLY B 13 44.24 -2.30 31.22
N THR B 14 44.37 -1.14 30.59
CA THR B 14 45.29 -1.02 29.45
C THR B 14 46.56 -0.31 29.86
N THR B 15 47.29 -0.87 30.82
CA THR B 15 48.51 -0.20 31.25
C THR B 15 49.59 -0.29 30.18
N ILE B 16 49.60 -1.41 29.43
CA ILE B 16 50.57 -1.63 28.36
C ILE B 16 50.25 -0.72 27.18
N LYS B 17 51.29 -0.11 26.61
CA LYS B 17 51.15 0.82 25.50
C LYS B 17 50.47 0.15 24.31
N PHE B 18 49.68 0.91 23.57
CA PHE B 18 49.04 0.35 22.38
C PHE B 18 50.08 0.23 21.25
N ASN B 19 50.16 -0.96 20.67
CA ASN B 19 51.09 -1.17 19.56
C ASN B 19 50.46 -2.09 18.54
N PRO B 20 50.08 -1.58 17.37
CA PRO B 20 49.31 -2.38 16.42
C PRO B 20 50.06 -3.60 15.96
N PRO B 21 49.48 -4.78 16.10
CA PRO B 21 50.12 -5.99 15.55
C PRO B 21 50.22 -5.94 14.02
N THR B 22 51.23 -6.63 13.51
CA THR B 22 51.48 -6.71 12.08
C THR B 22 50.94 -8.03 11.58
N GLY B 23 50.38 -8.03 10.38
CA GLY B 23 49.84 -9.27 9.83
C GLY B 23 49.90 -9.31 8.31
N THR B 24 49.22 -10.27 7.70
CA THR B 24 49.18 -10.37 6.26
C THR B 24 47.78 -10.75 5.82
N ASP B 25 47.38 -10.24 4.66
CA ASP B 25 46.08 -10.49 4.06
C ASP B 25 46.26 -10.52 2.55
N THR B 26 45.22 -10.96 1.83
CA THR B 26 45.30 -11.08 0.38
C THR B 26 44.33 -10.11 -0.30
N MET B 27 44.79 -9.51 -1.40
CA MET B 27 44.10 -8.46 -2.14
C MET B 27 44.45 -8.49 -3.64
N SER B 33 46.83 -13.45 -7.32
CA SER B 33 46.63 -13.12 -5.89
C SER B 33 47.96 -12.79 -5.17
N THR B 34 48.01 -11.62 -4.55
CA THR B 34 49.21 -11.16 -3.85
C THR B 34 48.88 -10.88 -2.39
N ASN B 35 49.72 -11.39 -1.49
CA ASN B 35 49.64 -11.02 -0.08
C ASN B 35 49.97 -9.54 0.08
N ILE B 36 49.39 -8.94 1.12
CA ILE B 36 49.79 -7.61 1.56
C ILE B 36 49.93 -7.59 3.08
N SER B 37 50.76 -6.65 3.53
CA SER B 37 51.12 -6.45 4.92
C SER B 37 50.08 -5.56 5.57
N THR B 38 49.74 -5.86 6.82
CA THR B 38 48.63 -5.20 7.48
C THR B 38 49.04 -4.84 8.89
N LYS B 39 48.38 -3.81 9.43
CA LYS B 39 48.47 -3.42 10.83
C LYS B 39 47.09 -3.55 11.52
N HIS B 40 47.03 -4.30 12.61
CA HIS B 40 45.75 -4.51 13.32
C HIS B 40 45.50 -3.33 14.25
N GLN B 41 44.63 -2.41 13.84
CA GLN B 41 44.44 -1.13 14.53
C GLN B 41 43.39 -1.21 15.65
N CYS B 42 43.51 -2.25 16.47
CA CYS B 42 42.59 -2.51 17.54
C CYS B 42 43.38 -3.20 18.63
N ILE B 43 43.34 -2.61 19.83
CA ILE B 43 44.23 -2.99 20.92
C ILE B 43 44.05 -4.47 21.28
N THR B 44 42.82 -4.97 21.24
CA THR B 44 42.59 -6.35 21.64
C THR B 44 43.12 -7.34 20.62
N ALA B 45 43.60 -6.86 19.47
CA ALA B 45 44.35 -7.71 18.57
C ALA B 45 45.72 -8.03 19.14
N MET B 46 46.20 -7.22 20.07
CA MET B 46 47.44 -7.56 20.73
C MET B 46 47.25 -8.81 21.60
N LYS B 47 48.21 -9.73 21.52
CA LYS B 47 48.61 -10.71 22.55
C LYS B 47 48.53 -10.31 24.01
N GLU B 48 48.79 -9.09 24.38
CA GLU B 48 48.60 -8.82 25.80
C GLU B 48 47.13 -8.64 26.20
N TYR B 49 46.24 -8.51 25.21
CA TYR B 49 44.87 -8.12 25.41
C TYR B 49 43.87 -9.07 24.76
N GLU B 50 44.36 -10.10 24.05
CA GLU B 50 43.53 -10.87 23.14
C GLU B 50 42.43 -11.64 23.86
N SER B 51 42.52 -11.78 25.17
CA SER B 51 41.57 -12.53 25.97
C SER B 51 40.51 -11.66 26.61
N LYS B 52 40.43 -10.38 26.25
CA LYS B 52 39.43 -9.50 26.82
C LYS B 52 38.79 -8.70 25.72
N SER B 53 37.63 -8.15 26.01
CA SER B 53 36.93 -7.32 25.04
C SER B 53 37.23 -5.84 25.27
N LEU B 54 36.91 -5.05 24.24
CA LEU B 54 37.11 -3.61 24.32
C LEU B 54 36.41 -3.03 25.53
N GLU B 55 35.11 -3.34 25.66
CA GLU B 55 34.30 -2.86 26.77
C GLU B 55 34.82 -3.39 28.09
N GLU B 56 35.25 -4.66 28.11
CA GLU B 56 35.83 -5.21 29.33
C GLU B 56 37.02 -4.40 29.77
N LEU B 57 37.96 -4.13 28.86
CA LEU B 57 39.12 -3.31 29.22
C LEU B 57 38.71 -1.92 29.65
N ARG B 58 37.78 -1.28 28.93
CA ARG B 58 37.41 0.08 29.28
C ARG B 58 36.80 0.16 30.68
N LEU B 59 35.95 -0.80 31.05
CA LEU B 59 35.40 -0.80 32.39
C LEU B 59 36.52 -0.93 33.42
N GLU B 60 37.45 -1.84 33.16
CA GLU B 60 38.61 -1.98 34.05
C GLU B 60 39.36 -0.68 34.19
N ASP B 61 39.49 0.08 33.10
CA ASP B 61 40.17 1.36 33.23
C ASP B 61 39.34 2.35 34.04
N TYR B 62 38.03 2.38 33.81
CA TYR B 62 37.14 3.29 34.54
C TYR B 62 37.16 2.98 36.04
N GLN B 63 37.17 1.70 36.39
CA GLN B 63 37.11 1.36 37.80
C GLN B 63 38.40 1.68 38.50
N ALA B 64 39.50 1.79 37.77
CA ALA B 64 40.77 2.18 38.34
C ALA B 64 41.06 3.66 38.14
N ASN B 65 40.17 4.38 37.44
CA ASN B 65 40.35 5.79 37.07
C ASN B 65 41.51 6.01 36.09
N ARG B 66 41.74 5.06 35.19
CA ARG B 66 42.72 5.25 34.13
C ARG B 66 42.00 5.75 32.86
N LYS B 67 41.63 7.02 32.93
CA LYS B 67 41.07 7.72 31.78
C LYS B 67 42.10 8.76 31.31
N ASN C 25 2.16 -2.33 -13.64
CA ASN C 25 1.04 -1.40 -13.65
C ASN C 25 1.62 -0.01 -13.75
N HIS C 26 2.78 0.19 -13.08
CA HIS C 26 3.57 1.39 -13.23
C HIS C 26 4.67 1.21 -14.28
N ASN C 27 5.32 0.05 -14.28
CA ASN C 27 6.38 -0.30 -15.22
C ASN C 27 5.94 -1.58 -15.91
N PRO C 28 4.99 -1.49 -16.86
CA PRO C 28 4.47 -2.70 -17.48
C PRO C 28 5.46 -3.40 -18.39
N MET C 29 6.41 -2.67 -19.00
CA MET C 29 7.38 -3.35 -19.85
C MET C 29 8.57 -3.86 -19.05
N LYS C 30 8.56 -3.65 -17.73
CA LYS C 30 9.62 -4.04 -16.82
C LYS C 30 11.00 -3.73 -17.38
N ASP C 31 11.13 -2.52 -17.91
CA ASP C 31 12.41 -2.03 -18.41
C ASP C 31 13.20 -1.49 -17.22
N ILE C 32 14.45 -1.10 -17.45
CA ILE C 32 15.29 -0.64 -16.35
C ILE C 32 14.79 0.73 -15.88
N GLU C 33 14.68 0.90 -14.57
CA GLU C 33 14.20 2.13 -13.97
C GLU C 33 15.39 2.94 -13.45
N VAL C 34 15.39 4.24 -13.73
CA VAL C 34 16.45 5.13 -13.30
C VAL C 34 16.29 5.50 -11.83
N THR C 35 17.36 5.30 -11.05
CA THR C 35 17.34 5.66 -9.64
C THR C 35 17.35 7.18 -9.48
N SER C 36 16.84 7.66 -8.34
CA SER C 36 16.83 9.08 -7.96
C SER C 36 16.19 9.97 -9.04
N SER C 37 14.97 9.63 -9.45
CA SER C 37 14.31 10.37 -10.51
C SER C 37 13.69 11.69 -10.00
N PRO C 38 13.37 12.63 -10.90
CA PRO C 38 12.86 13.94 -10.47
C PRO C 38 11.57 13.88 -9.66
N ASP C 39 11.39 14.89 -8.80
CA ASP C 39 10.23 14.97 -7.91
C ASP C 39 8.95 15.35 -8.65
N ASP C 40 9.08 16.17 -9.68
CA ASP C 40 7.96 16.67 -10.48
C ASP C 40 8.09 16.10 -11.90
N SER C 41 7.12 16.42 -12.75
CA SER C 41 7.11 15.87 -14.10
C SER C 41 8.34 16.26 -14.89
N ILE C 42 8.81 15.33 -15.72
CA ILE C 42 10.01 15.50 -16.55
C ILE C 42 9.61 16.02 -17.93
N GLY C 43 10.31 17.07 -18.37
CA GLY C 43 10.01 17.72 -19.63
C GLY C 43 10.95 17.38 -20.77
N CYS C 44 12.13 16.83 -20.47
CA CYS C 44 13.14 16.66 -21.51
C CYS C 44 14.22 15.69 -21.07
N LEU C 45 14.67 14.86 -22.00
CA LEU C 45 15.76 13.89 -21.79
C LEU C 45 16.80 14.07 -22.88
N SER C 46 18.06 13.75 -22.57
CA SER C 46 19.13 13.90 -23.54
C SER C 46 20.33 13.03 -23.17
N PHE C 47 20.80 12.24 -24.13
CA PHE C 47 21.94 11.35 -23.96
C PHE C 47 23.21 12.04 -24.46
N SER C 48 24.34 11.60 -23.93
CA SER C 48 25.64 12.19 -24.24
C SER C 48 26.02 11.95 -25.69
N PRO C 49 26.91 12.77 -26.26
CA PRO C 49 27.40 12.51 -27.60
C PRO C 49 28.32 11.29 -27.60
N PRO C 50 28.70 10.77 -28.77
CA PRO C 50 29.60 9.62 -28.79
C PRO C 50 31.03 10.00 -28.48
N THR C 51 31.33 11.29 -28.38
CA THR C 51 32.66 11.77 -28.01
C THR C 51 32.97 11.56 -26.53
N LEU C 52 31.98 11.26 -25.69
CA LEU C 52 32.17 10.90 -24.29
C LEU C 52 32.20 9.38 -24.13
N PRO C 53 33.13 8.83 -23.39
CA PRO C 53 33.12 7.38 -23.17
C PRO C 53 31.92 6.99 -22.31
N GLY C 54 31.26 5.90 -22.71
CA GLY C 54 30.04 5.48 -22.03
C GLY C 54 28.84 6.32 -22.41
N ASN C 55 27.83 6.30 -21.54
CA ASN C 55 26.56 6.98 -21.79
C ASN C 55 26.15 7.76 -20.56
N PHE C 56 25.74 9.00 -20.76
CA PHE C 56 25.23 9.83 -19.68
C PHE C 56 23.92 10.45 -20.10
N LEU C 57 22.94 10.44 -19.20
CA LEU C 57 21.59 10.91 -19.48
C LEU C 57 21.26 12.16 -18.67
N ILE C 58 20.65 13.14 -19.34
CA ILE C 58 20.24 14.42 -18.75
C ILE C 58 18.72 14.51 -18.73
N ALA C 59 18.18 14.97 -17.61
CA ALA C 59 16.74 15.18 -17.52
C ALA C 59 16.47 16.50 -16.84
N GLY C 60 15.64 17.33 -17.48
CA GLY C 60 15.11 18.54 -16.87
C GLY C 60 13.66 18.27 -16.50
N SER C 61 13.24 18.85 -15.37
CA SER C 61 11.89 18.63 -14.86
C SER C 61 11.23 19.95 -14.50
N TRP C 62 9.98 19.84 -14.06
CA TRP C 62 9.18 20.98 -13.62
C TRP C 62 9.40 21.31 -12.14
N ALA C 63 10.30 20.60 -11.47
CA ALA C 63 10.79 21.02 -10.16
C ALA C 63 11.99 21.93 -10.29
N ASN C 64 12.33 22.33 -11.51
CA ASN C 64 13.33 23.32 -11.86
C ASN C 64 14.75 22.76 -11.85
N ASP C 65 14.92 21.44 -11.78
CA ASP C 65 16.27 20.90 -11.69
C ASP C 65 16.70 20.26 -13.00
N VAL C 66 18.02 20.08 -13.13
CA VAL C 66 18.61 19.31 -14.20
C VAL C 66 19.53 18.27 -13.59
N ARG C 67 19.38 17.03 -14.01
CA ARG C 67 20.14 15.94 -13.42
C ARG C 67 20.97 15.23 -14.48
N CYS C 68 22.00 14.54 -14.02
CA CYS C 68 22.89 13.80 -14.90
C CYS C 68 23.17 12.46 -14.22
N TRP C 69 22.77 11.37 -14.87
CA TRP C 69 23.13 10.03 -14.42
C TRP C 69 24.07 9.42 -15.44
N GLU C 70 24.90 8.49 -14.99
CA GLU C 70 25.70 7.69 -15.90
C GLU C 70 25.02 6.35 -16.06
N VAL C 71 24.58 6.05 -17.27
CA VAL C 71 24.11 4.69 -17.48
C VAL C 71 25.28 3.79 -17.85
N GLN C 72 25.12 2.64 -17.28
CA GLN C 72 25.86 1.41 -17.17
C GLN C 72 25.21 0.22 -17.87
N ASP C 73 26.09 -0.62 -18.46
CA ASP C 73 25.72 -1.80 -19.26
C ASP C 73 24.89 -2.79 -18.44
N SER C 74 25.19 -2.97 -17.15
CA SER C 74 24.30 -3.73 -16.27
C SER C 74 22.96 -3.04 -16.12
N GLY C 75 22.90 -1.77 -16.43
CA GLY C 75 21.67 -1.04 -16.38
C GLY C 75 21.62 -0.11 -15.20
N GLN C 76 22.56 -0.23 -14.28
CA GLN C 76 22.51 0.58 -13.08
C GLN C 76 22.78 2.02 -13.45
N THR C 77 21.99 2.91 -12.88
CA THR C 77 22.14 4.34 -13.12
C THR C 77 22.80 4.96 -11.89
N ILE C 78 23.73 5.88 -12.14
CA ILE C 78 24.47 6.50 -11.05
C ILE C 78 24.28 8.01 -11.13
N PRO C 79 23.64 8.64 -10.14
CA PRO C 79 23.46 10.10 -10.17
C PRO C 79 24.80 10.81 -10.00
N LYS C 80 25.11 11.72 -10.92
CA LYS C 80 26.39 12.40 -10.88
C LYS C 80 26.32 13.88 -10.56
N ALA C 81 25.27 14.61 -10.95
CA ALA C 81 25.28 16.05 -10.70
C ALA C 81 23.89 16.62 -10.91
N GLN C 82 23.68 17.80 -10.32
CA GLN C 82 22.39 18.49 -10.42
C GLN C 82 22.58 19.99 -10.45
N GLN C 83 21.79 20.65 -11.30
CA GLN C 83 21.72 22.10 -11.38
C GLN C 83 20.28 22.56 -11.13
N MET C 84 20.11 23.87 -10.94
CA MET C 84 18.84 24.42 -10.50
C MET C 84 18.51 25.67 -11.29
N HIS C 85 17.32 25.72 -11.86
CA HIS C 85 16.80 26.92 -12.50
C HIS C 85 15.78 27.59 -11.58
N THR C 86 15.32 28.76 -11.99
CA THR C 86 14.29 29.45 -11.22
C THR C 86 12.88 29.07 -11.65
N GLY C 87 12.77 28.31 -12.75
CA GLY C 87 11.51 27.87 -13.29
C GLY C 87 11.73 26.56 -14.00
N PRO C 88 10.65 25.88 -14.37
CA PRO C 88 10.77 24.52 -14.89
C PRO C 88 11.63 24.46 -16.14
N VAL C 89 12.40 23.37 -16.24
CA VAL C 89 13.33 23.15 -17.33
C VAL C 89 12.62 22.44 -18.46
N LEU C 90 12.59 23.06 -19.65
CA LEU C 90 11.86 22.53 -20.79
C LEU C 90 12.72 21.82 -21.81
N ASP C 91 14.02 22.11 -21.89
CA ASP C 91 14.86 21.42 -22.85
C ASP C 91 16.27 21.30 -22.32
N VAL C 92 16.96 20.29 -22.84
CA VAL C 92 18.38 20.08 -22.59
C VAL C 92 18.99 19.45 -23.82
N CYS C 93 20.26 19.77 -24.03
CA CYS C 93 21.04 19.19 -25.11
C CYS C 93 22.49 19.25 -24.67
N TRP C 94 23.34 18.58 -25.45
CA TRP C 94 24.76 18.49 -25.16
C TRP C 94 25.55 19.34 -26.14
N SER C 95 26.82 19.54 -25.83
CA SER C 95 27.77 20.11 -26.77
C SER C 95 28.56 18.98 -27.40
N ASP C 96 28.99 19.19 -28.64
CA ASP C 96 29.57 18.11 -29.44
C ASP C 96 30.73 17.39 -28.74
N ASP C 97 31.57 18.13 -28.00
CA ASP C 97 32.67 17.52 -27.26
C ASP C 97 32.21 16.89 -25.94
N GLY C 98 30.94 17.03 -25.56
CA GLY C 98 30.39 16.44 -24.35
C GLY C 98 30.82 17.07 -23.04
N SER C 99 31.43 18.25 -23.09
CA SER C 99 31.92 18.90 -21.88
C SER C 99 30.86 19.77 -21.21
N LYS C 100 29.90 20.27 -21.98
CA LYS C 100 28.91 21.21 -21.48
C LYS C 100 27.53 20.64 -21.79
N VAL C 101 26.60 20.87 -20.87
CA VAL C 101 25.20 20.55 -21.05
C VAL C 101 24.45 21.87 -21.01
N PHE C 102 23.59 22.10 -21.99
CA PHE C 102 22.85 23.34 -22.07
C PHE C 102 21.42 23.10 -21.65
N THR C 103 20.88 24.08 -20.89
CA THR C 103 19.59 24.00 -20.22
C THR C 103 18.71 25.19 -20.59
N ALA C 104 17.42 24.94 -20.79
CA ALA C 104 16.52 26.03 -21.09
C ALA C 104 15.31 25.97 -20.14
N SER C 105 14.86 27.13 -19.65
CA SER C 105 13.88 27.14 -18.56
C SER C 105 12.89 28.30 -18.70
N CYS C 106 11.75 28.17 -18.04
CA CYS C 106 10.73 29.22 -18.01
C CYS C 106 11.17 30.45 -17.25
N ASP C 107 12.30 30.43 -16.55
CA ASP C 107 12.81 31.66 -15.96
C ASP C 107 13.43 32.58 -16.98
N LYS C 108 13.22 32.26 -18.27
CA LYS C 108 13.57 33.09 -19.40
C LYS C 108 15.08 33.10 -19.69
N THR C 109 15.83 32.14 -19.14
CA THR C 109 17.26 32.08 -19.32
C THR C 109 17.65 30.70 -19.83
N ALA C 110 18.89 30.63 -20.31
CA ALA C 110 19.54 29.37 -20.62
C ALA C 110 20.93 29.38 -19.99
N LYS C 111 21.39 28.22 -19.55
CA LYS C 111 22.65 28.10 -18.83
C LYS C 111 23.61 27.14 -19.54
N MET C 112 24.91 27.37 -19.34
CA MET C 112 25.94 26.44 -19.75
C MET C 112 26.49 25.73 -18.53
N TRP C 113 26.47 24.41 -18.56
CA TRP C 113 26.72 23.62 -17.37
C TRP C 113 27.94 22.72 -17.64
N ASP C 114 29.09 23.14 -17.08
CA ASP C 114 30.34 22.39 -17.15
C ASP C 114 30.25 21.25 -16.15
N LEU C 115 30.26 20.01 -16.64
CA LEU C 115 30.10 18.87 -15.75
C LEU C 115 31.29 18.70 -14.81
N SER C 116 32.52 18.74 -15.36
CA SER C 116 33.71 18.50 -14.55
C SER C 116 33.81 19.51 -13.40
N SER C 117 33.52 20.78 -13.68
CA SER C 117 33.55 21.81 -12.65
C SER C 117 32.26 21.87 -11.86
N ASN C 118 31.18 21.31 -12.39
CA ASN C 118 29.85 21.42 -11.82
C ASN C 118 29.52 22.88 -11.52
N GLN C 119 29.87 23.75 -12.47
CA GLN C 119 29.45 25.14 -12.43
C GLN C 119 28.50 25.37 -13.60
N ALA C 120 27.62 26.34 -13.44
CA ALA C 120 26.69 26.69 -14.50
C ALA C 120 26.69 28.20 -14.66
N ILE C 121 26.72 28.66 -15.89
CA ILE C 121 26.74 30.08 -16.18
C ILE C 121 25.58 30.39 -17.11
N GLN C 122 25.01 31.57 -16.95
CA GLN C 122 23.96 31.99 -17.87
C GLN C 122 24.60 32.36 -19.20
N ILE C 123 23.96 31.96 -20.31
CA ILE C 123 24.49 32.23 -21.64
C ILE C 123 23.43 32.81 -22.55
N ALA C 124 22.18 32.86 -22.09
CA ALA C 124 21.12 33.35 -22.96
C ALA C 124 20.01 34.01 -22.14
N GLN C 125 19.31 34.94 -22.81
CA GLN C 125 18.26 35.75 -22.22
C GLN C 125 17.08 35.86 -23.16
N HIS C 126 15.88 35.59 -22.66
CA HIS C 126 14.70 35.80 -23.46
C HIS C 126 13.71 36.64 -22.69
N ASP C 127 12.62 37.01 -23.36
CA ASP C 127 11.57 37.80 -22.74
C ASP C 127 10.37 36.96 -22.30
N ALA C 128 10.41 35.65 -22.57
CA ALA C 128 9.39 34.65 -22.25
C ALA C 128 10.15 33.37 -21.94
N PRO C 129 9.49 32.27 -21.59
CA PRO C 129 10.22 31.00 -21.43
C PRO C 129 10.95 30.53 -22.69
N VAL C 130 12.00 29.74 -22.46
CA VAL C 130 12.88 29.23 -23.50
C VAL C 130 12.51 27.78 -23.75
N LYS C 131 11.84 27.49 -24.87
CA LYS C 131 11.24 26.18 -25.08
C LYS C 131 12.21 25.14 -25.63
N THR C 132 13.14 25.56 -26.50
CA THR C 132 14.04 24.65 -27.21
C THR C 132 15.49 25.10 -26.99
N ILE C 133 16.41 24.15 -26.98
CA ILE C 133 17.83 24.51 -26.96
C ILE C 133 18.62 23.47 -27.75
N HIS C 134 19.57 23.96 -28.58
CA HIS C 134 20.37 23.10 -29.47
C HIS C 134 21.79 23.62 -29.66
N TRP C 135 22.68 22.68 -29.98
CA TRP C 135 24.09 22.97 -30.23
C TRP C 135 24.38 22.86 -31.72
N ILE C 136 24.93 23.91 -32.30
CA ILE C 136 25.32 23.90 -33.69
C ILE C 136 26.84 23.89 -33.74
N LYS C 137 27.42 22.78 -34.24
CA LYS C 137 28.86 22.71 -34.51
C LYS C 137 29.01 22.69 -36.02
N ALA C 138 29.38 23.84 -36.57
CA ALA C 138 29.69 23.96 -37.98
C ALA C 138 31.19 24.13 -38.19
N PRO C 139 31.70 23.89 -39.41
CA PRO C 139 33.15 24.02 -39.62
C PRO C 139 33.71 25.40 -39.30
N ASN C 140 32.91 26.47 -39.46
CA ASN C 140 33.39 27.83 -39.29
C ASN C 140 32.77 28.57 -38.10
N TYR C 141 31.82 27.97 -37.39
CA TYR C 141 31.34 28.58 -36.16
C TYR C 141 30.70 27.49 -35.33
N SER C 142 30.50 27.81 -34.06
CA SER C 142 29.76 26.94 -33.16
C SER C 142 28.93 27.82 -32.27
N CYS C 143 27.68 27.43 -32.03
CA CYS C 143 26.84 28.29 -31.20
C CYS C 143 25.65 27.50 -30.68
N VAL C 144 24.96 28.13 -29.72
CA VAL C 144 23.74 27.62 -29.11
C VAL C 144 22.54 28.30 -29.74
N MET C 145 21.50 27.52 -30.06
CA MET C 145 20.22 28.04 -30.54
C MET C 145 19.10 27.88 -29.52
N THR C 146 18.40 28.97 -29.21
CA THR C 146 17.29 28.94 -28.29
C THR C 146 16.04 29.46 -29.00
N GLY C 147 14.95 28.73 -28.88
CA GLY C 147 13.66 29.18 -29.38
C GLY C 147 12.77 29.44 -28.17
N SER C 148 12.12 30.60 -28.16
CA SER C 148 11.42 31.05 -26.96
C SER C 148 10.01 31.46 -27.31
N TRP C 149 9.16 31.46 -26.27
CA TRP C 149 7.79 31.87 -26.48
C TRP C 149 7.68 33.36 -26.74
N ASP C 150 8.78 34.11 -26.65
CA ASP C 150 8.76 35.50 -27.12
C ASP C 150 8.85 35.58 -28.64
N LYS C 151 8.76 34.44 -29.33
CA LYS C 151 8.70 34.40 -30.78
C LYS C 151 10.03 34.83 -31.40
N THR C 152 11.15 34.52 -30.73
CA THR C 152 12.48 34.76 -31.26
C THR C 152 13.32 33.48 -31.23
N LEU C 153 14.08 33.27 -32.30
CA LEU C 153 15.13 32.27 -32.36
C LEU C 153 16.46 33.00 -32.25
N LYS C 154 17.25 32.67 -31.25
CA LYS C 154 18.46 33.41 -30.94
C LYS C 154 19.65 32.48 -30.82
N PHE C 155 20.84 33.00 -31.14
CA PHE C 155 22.07 32.22 -31.24
C PHE C 155 23.19 32.85 -30.41
N TRP C 156 23.86 32.04 -29.59
CA TRP C 156 24.76 32.56 -28.58
C TRP C 156 26.13 31.87 -28.64
N ASP C 157 27.18 32.65 -28.47
CA ASP C 157 28.55 32.14 -28.53
C ASP C 157 29.05 31.60 -27.19
N THR C 158 28.28 31.72 -26.11
CA THR C 158 28.60 31.29 -24.75
C THR C 158 29.67 32.12 -24.08
N ARG C 159 30.06 33.23 -24.69
CA ARG C 159 31.04 34.15 -24.10
C ARG C 159 30.49 35.54 -23.94
N SER C 160 29.80 36.05 -24.94
CA SER C 160 29.16 37.35 -24.84
C SER C 160 27.74 37.21 -24.33
N SER C 161 27.30 38.23 -23.57
CA SER C 161 25.90 38.33 -23.22
C SER C 161 25.08 38.83 -24.39
N ASN C 162 25.75 39.36 -25.43
CA ASN C 162 25.12 39.75 -26.68
C ASN C 162 24.90 38.52 -27.55
N PRO C 163 23.71 38.32 -28.07
CA PRO C 163 23.49 37.18 -28.95
C PRO C 163 24.24 37.40 -30.25
N MET C 164 24.74 36.31 -30.83
CA MET C 164 25.42 36.36 -32.11
C MET C 164 24.46 36.71 -33.24
N MET C 165 23.23 36.18 -33.17
CA MET C 165 22.18 36.35 -34.17
C MET C 165 20.83 36.32 -33.47
N VAL C 166 19.90 37.16 -33.95
CA VAL C 166 18.52 37.19 -33.47
C VAL C 166 17.61 37.11 -34.69
N LEU C 167 16.75 36.09 -34.73
CA LEU C 167 15.74 35.90 -35.76
C LEU C 167 14.33 35.95 -35.17
N GLN C 168 13.42 36.59 -35.90
CA GLN C 168 12.01 36.62 -35.52
C GLN C 168 11.31 35.37 -36.05
N LEU C 169 10.53 34.72 -35.19
CA LEU C 169 9.65 33.60 -35.53
C LEU C 169 8.23 34.06 -35.80
N PRO C 170 7.46 33.28 -36.58
CA PRO C 170 6.09 33.72 -36.87
C PRO C 170 5.16 33.62 -35.66
N GLU C 171 5.53 32.91 -34.61
CA GLU C 171 4.69 32.72 -33.43
C GLU C 171 5.53 32.08 -32.33
N ARG C 172 4.89 31.72 -31.22
CA ARG C 172 5.59 31.10 -30.10
C ARG C 172 6.24 29.80 -30.54
N CYS C 173 7.50 29.62 -30.14
CA CYS C 173 8.24 28.43 -30.52
C CYS C 173 7.77 27.23 -29.67
N TYR C 174 7.38 26.13 -30.34
CA TYR C 174 6.90 24.95 -29.63
C TYR C 174 7.85 23.76 -29.69
N CYS C 175 8.64 23.59 -30.77
CA CYS C 175 9.70 22.58 -30.79
C CYS C 175 10.60 22.81 -31.99
N ALA C 176 11.79 22.23 -31.93
CA ALA C 176 12.82 22.41 -32.95
C ALA C 176 13.81 21.27 -32.87
N ASP C 177 14.58 21.08 -33.96
CA ASP C 177 15.64 20.07 -34.01
C ASP C 177 16.75 20.56 -34.94
N VAL C 178 17.97 20.02 -34.76
CA VAL C 178 19.11 20.40 -35.61
C VAL C 178 19.96 19.18 -35.94
N ILE C 179 20.25 19.01 -37.21
CA ILE C 179 21.33 18.15 -37.68
C ILE C 179 22.06 18.91 -38.77
N TYR C 180 23.23 19.45 -38.46
CA TYR C 180 23.94 20.31 -39.40
C TYR C 180 23.98 19.63 -40.78
N PRO C 181 23.60 20.32 -41.84
CA PRO C 181 23.38 21.77 -41.87
C PRO C 181 21.94 22.23 -41.75
N MET C 182 21.06 21.41 -41.16
CA MET C 182 19.63 21.74 -41.19
C MET C 182 19.05 21.85 -39.79
N ALA C 183 18.14 22.81 -39.62
CA ALA C 183 17.33 22.91 -38.41
C ALA C 183 15.90 23.18 -38.83
N VAL C 184 14.97 22.67 -38.02
CA VAL C 184 13.54 22.86 -38.24
C VAL C 184 12.92 23.34 -36.95
N VAL C 185 12.08 24.37 -37.04
CA VAL C 185 11.34 24.88 -35.90
C VAL C 185 9.87 24.91 -36.23
N ALA C 186 9.05 24.53 -35.24
CA ALA C 186 7.59 24.57 -35.34
C ALA C 186 7.03 25.50 -34.29
N THR C 187 6.05 26.31 -34.68
CA THR C 187 5.48 27.31 -33.80
C THR C 187 3.98 27.12 -33.63
N ALA C 188 3.40 27.96 -32.76
CA ALA C 188 1.96 28.05 -32.62
C ALA C 188 1.34 28.34 -33.99
N GLU C 189 0.08 27.96 -34.12
CA GLU C 189 -0.67 28.25 -35.34
C GLU C 189 -0.03 27.59 -36.57
N ARG C 190 0.40 26.34 -36.39
CA ARG C 190 0.87 25.49 -37.48
C ARG C 190 2.10 26.06 -38.16
N GLY C 191 2.81 26.94 -37.46
CA GLY C 191 4.03 27.52 -38.00
C GLY C 191 5.13 26.50 -38.08
N LEU C 192 5.80 26.45 -39.23
CA LEU C 192 6.82 25.44 -39.52
C LEU C 192 7.84 26.06 -40.46
N ILE C 193 9.11 26.13 -40.03
CA ILE C 193 10.21 26.77 -40.77
C ILE C 193 11.45 25.89 -40.72
N VAL C 194 12.09 25.66 -41.88
CA VAL C 194 13.38 24.98 -41.91
C VAL C 194 14.45 26.03 -42.09
N TYR C 195 15.59 25.80 -41.46
CA TYR C 195 16.72 26.71 -41.54
C TYR C 195 17.92 25.98 -42.10
N GLN C 196 18.74 26.69 -42.89
CA GLN C 196 20.05 26.20 -43.31
C GLN C 196 21.13 26.84 -42.45
N LEU C 197 22.18 26.07 -42.15
CA LEU C 197 23.20 26.51 -41.21
C LEU C 197 24.61 26.69 -41.80
N GLU C 198 24.82 26.46 -43.09
CA GLU C 198 26.17 26.52 -43.64
C GLU C 198 26.65 27.97 -43.68
N ASN C 199 27.85 28.22 -43.15
CA ASN C 199 28.43 29.57 -43.04
C ASN C 199 27.76 30.42 -41.96
N GLN C 200 26.44 30.60 -42.05
CA GLN C 200 25.71 31.40 -41.06
C GLN C 200 24.29 30.90 -41.09
N PRO C 201 23.58 30.83 -39.95
CA PRO C 201 22.19 30.36 -39.98
C PRO C 201 21.33 31.32 -40.77
N SER C 202 20.43 30.74 -41.56
CA SER C 202 19.50 31.55 -42.34
C SER C 202 18.25 30.75 -42.60
N GLU C 203 17.17 31.46 -42.89
CA GLU C 203 15.88 30.85 -43.14
C GLU C 203 15.87 30.20 -44.53
N PHE C 204 15.67 28.89 -44.60
CA PHE C 204 15.66 28.22 -45.90
C PHE C 204 14.25 28.14 -46.46
N ARG C 205 13.31 27.57 -45.71
CA ARG C 205 11.95 27.56 -46.25
C ARG C 205 10.89 27.57 -45.15
N ARG C 206 9.78 28.18 -45.51
CA ARG C 206 8.61 28.25 -44.64
CA ARG C 206 8.59 28.27 -44.66
C ARG C 206 7.53 27.36 -45.25
N ILE C 207 7.34 26.19 -44.64
CA ILE C 207 6.46 25.12 -45.11
C ILE C 207 5.04 25.31 -44.63
N GLU C 208 4.09 25.12 -45.55
CA GLU C 208 2.68 24.94 -45.20
C GLU C 208 2.50 23.61 -44.51
N SER C 209 2.05 23.64 -43.25
CA SER C 209 2.14 22.45 -42.41
C SER C 209 1.26 21.32 -42.94
N PRO C 210 1.81 20.11 -43.04
CA PRO C 210 0.99 18.96 -43.41
C PRO C 210 -0.02 18.59 -42.35
N LEU C 211 0.17 19.06 -41.12
CA LEU C 211 -0.79 18.77 -40.06
C LEU C 211 -1.73 19.95 -39.87
N LYS C 212 -2.99 19.63 -39.61
CA LYS C 212 -3.97 20.69 -39.47
C LYS C 212 -4.17 21.11 -38.01
N HIS C 213 -3.56 20.40 -37.06
CA HIS C 213 -3.73 20.70 -35.64
C HIS C 213 -2.40 20.93 -34.94
N GLN C 214 -2.50 21.42 -33.69
CA GLN C 214 -1.38 21.96 -32.92
C GLN C 214 -0.14 21.07 -32.94
N HIS C 215 0.98 21.68 -33.33
CA HIS C 215 2.30 21.04 -33.39
C HIS C 215 2.90 20.87 -31.99
N ARG C 216 3.70 19.83 -31.82
CA ARG C 216 4.16 19.50 -30.48
C ARG C 216 5.60 18.98 -30.42
N CYS C 217 5.99 18.11 -31.33
CA CYS C 217 7.36 17.61 -31.34
C CYS C 217 7.86 17.47 -32.77
N VAL C 218 9.18 17.56 -32.94
CA VAL C 218 9.71 17.45 -34.30
C VAL C 218 11.07 16.77 -34.28
N ALA C 219 11.30 15.92 -35.27
CA ALA C 219 12.60 15.26 -35.39
C ALA C 219 13.06 15.17 -36.84
N ILE C 220 14.33 15.48 -37.05
CA ILE C 220 14.92 15.43 -38.39
C ILE C 220 15.48 14.03 -38.64
N PHE C 221 15.31 13.55 -39.88
CA PHE C 221 15.87 12.27 -40.29
C PHE C 221 16.75 12.44 -41.53
N LYS C 222 17.72 11.53 -41.63
CA LYS C 222 18.79 11.59 -42.61
C LYS C 222 18.55 10.56 -43.72
N ASP C 223 19.21 10.76 -44.85
CA ASP C 223 19.05 9.85 -45.98
C ASP C 223 20.01 8.67 -45.82
N LYS C 224 20.21 7.90 -46.90
CA LYS C 224 21.03 6.70 -46.88
C LYS C 224 22.52 7.01 -46.61
N GLN C 225 22.95 8.29 -46.63
CA GLN C 225 24.34 8.66 -46.36
C GLN C 225 24.50 9.60 -45.16
N ASN C 226 23.50 9.67 -44.27
CA ASN C 226 23.53 10.53 -43.07
C ASN C 226 23.55 12.02 -43.41
N LYS C 227 22.95 12.35 -44.52
CA LYS C 227 22.52 13.72 -44.86
C LYS C 227 21.06 13.93 -44.46
N PRO C 228 20.81 14.92 -43.65
CA PRO C 228 19.44 15.33 -43.39
C PRO C 228 18.65 15.60 -44.66
N THR C 229 17.48 14.99 -44.73
CA THR C 229 16.66 15.03 -45.92
C THR C 229 15.20 15.36 -45.63
N GLY C 230 14.76 15.31 -44.37
CA GLY C 230 13.38 15.60 -44.02
C GLY C 230 13.20 15.57 -42.51
N PHE C 231 11.94 15.70 -42.07
CA PHE C 231 11.61 15.64 -40.64
C PHE C 231 10.28 14.95 -40.43
N ALA C 232 10.07 14.52 -39.18
CA ALA C 232 8.79 14.02 -38.70
C ALA C 232 8.21 15.01 -37.69
N LEU C 233 6.89 15.22 -37.76
CA LEU C 233 6.23 16.24 -36.97
C LEU C 233 5.06 15.61 -36.24
N GLY C 234 4.95 15.86 -34.94
CA GLY C 234 3.87 15.31 -34.13
C GLY C 234 2.89 16.40 -33.69
N SER C 235 1.59 16.09 -33.86
CA SER C 235 0.52 17.00 -33.46
C SER C 235 -0.21 16.48 -32.22
N ILE C 236 -1.16 17.26 -31.75
CA ILE C 236 -1.96 16.77 -30.62
C ILE C 236 -3.06 15.84 -31.06
N GLU C 237 -3.34 15.70 -32.35
CA GLU C 237 -4.47 14.85 -32.75
C GLU C 237 -4.01 13.50 -33.27
N GLY C 238 -3.20 12.82 -32.47
CA GLY C 238 -2.82 11.44 -32.72
C GLY C 238 -2.35 11.15 -34.14
N ARG C 239 -1.39 11.96 -34.61
CA ARG C 239 -0.94 11.96 -36.00
C ARG C 239 0.50 12.41 -36.05
N VAL C 240 1.27 11.80 -36.95
CA VAL C 240 2.62 12.23 -37.25
C VAL C 240 2.74 12.40 -38.76
N ALA C 241 3.48 13.43 -39.17
CA ALA C 241 3.75 13.69 -40.58
C ALA C 241 5.16 13.26 -40.93
N ILE C 242 5.30 12.63 -42.07
CA ILE C 242 6.60 12.37 -42.67
C ILE C 242 6.75 13.38 -43.81
N HIS C 243 7.75 14.25 -43.72
CA HIS C 243 7.91 15.30 -44.71
C HIS C 243 9.33 15.34 -45.28
N TYR C 244 9.48 15.04 -46.57
CA TYR C 244 10.75 15.21 -47.26
C TYR C 244 10.92 16.63 -47.81
N ILE C 245 12.15 17.14 -47.70
CA ILE C 245 12.46 18.50 -48.13
C ILE C 245 12.42 18.64 -49.64
N ASN C 246 12.97 17.67 -50.38
CA ASN C 246 13.00 17.76 -51.84
C ASN C 246 12.78 16.38 -52.43
N PRO C 247 11.63 15.77 -52.19
CA PRO C 247 11.38 14.44 -52.72
C PRO C 247 10.98 14.54 -54.18
N PRO C 248 11.09 13.46 -54.93
CA PRO C 248 10.73 13.57 -56.37
C PRO C 248 9.23 13.71 -56.61
N ASN C 249 8.38 13.15 -55.74
CA ASN C 249 6.91 13.22 -55.87
C ASN C 249 6.27 13.55 -54.53
N PRO C 250 6.23 14.84 -54.16
CA PRO C 250 5.81 15.19 -52.78
C PRO C 250 4.41 14.73 -52.41
N ALA C 251 3.47 14.69 -53.37
CA ALA C 251 2.14 14.19 -53.07
C ALA C 251 2.21 12.75 -52.58
N LYS C 252 3.08 11.94 -53.19
CA LYS C 252 3.19 10.56 -52.74
C LYS C 252 4.28 10.36 -51.71
N ASP C 253 5.39 11.08 -51.80
CA ASP C 253 6.51 10.81 -50.90
C ASP C 253 6.27 11.32 -49.49
N ASN C 254 5.46 12.38 -49.32
CA ASN C 254 5.04 12.88 -48.02
C ASN C 254 3.72 12.24 -47.61
N PHE C 255 3.58 11.92 -46.32
CA PHE C 255 2.34 11.33 -45.84
C PHE C 255 2.23 11.49 -44.33
N THR C 256 1.00 11.39 -43.84
CA THR C 256 0.73 11.34 -42.41
C THR C 256 0.19 9.97 -42.02
N PHE C 257 0.40 9.61 -40.76
CA PHE C 257 -0.15 8.36 -40.26
C PHE C 257 -0.69 8.54 -38.85
N LYS C 258 -1.74 7.78 -38.54
CA LYS C 258 -2.40 7.86 -37.24
C LYS C 258 -1.65 7.03 -36.22
N CYS C 259 -1.63 7.53 -34.98
CA CYS C 259 -0.87 6.89 -33.92
C CYS C 259 -1.42 7.33 -32.57
N HIS C 260 -1.04 6.60 -31.54
CA HIS C 260 -1.41 6.91 -30.16
C HIS C 260 -2.91 7.04 -29.97
N ARG C 261 -3.65 6.11 -30.56
CA ARG C 261 -5.07 5.99 -30.32
C ARG C 261 -5.40 4.59 -29.82
N SER C 262 -6.36 4.49 -28.92
CA SER C 262 -6.79 3.17 -28.50
C SER C 262 -7.86 2.65 -29.45
N ASN C 263 -8.21 1.37 -29.25
CA ASN C 263 -9.23 0.68 -30.05
C ASN C 263 -9.27 1.03 -31.54
N SER C 268 -16.56 -0.50 -30.74
CA SER C 268 -17.13 -0.93 -29.46
C SER C 268 -17.45 0.27 -28.57
N ALA C 269 -16.73 1.35 -28.85
CA ALA C 269 -16.75 2.61 -28.11
C ALA C 269 -15.96 3.63 -28.92
N PRO C 270 -16.22 4.92 -28.74
CA PRO C 270 -15.53 5.94 -29.54
C PRO C 270 -14.00 5.83 -29.42
N GLN C 271 -13.32 6.26 -30.48
CA GLN C 271 -11.86 6.19 -30.53
C GLN C 271 -11.25 7.34 -29.73
N ASP C 272 -10.29 7.02 -28.87
CA ASP C 272 -9.58 8.01 -28.10
C ASP C 272 -8.38 8.50 -28.90
N ILE C 273 -8.29 9.80 -29.13
CA ILE C 273 -7.19 10.40 -29.88
C ILE C 273 -6.31 11.14 -28.89
N TYR C 274 -5.12 10.63 -28.59
CA TYR C 274 -4.23 11.31 -27.66
C TYR C 274 -3.13 12.08 -28.39
N ALA C 275 -2.34 12.81 -27.61
CA ALA C 275 -1.28 13.68 -28.14
C ALA C 275 0.06 12.95 -28.28
N VAL C 276 0.79 13.28 -29.35
CA VAL C 276 2.15 12.79 -29.53
C VAL C 276 3.10 13.77 -28.85
N ASN C 277 3.90 13.27 -27.91
CA ASN C 277 4.70 14.15 -27.08
C ASN C 277 6.16 14.22 -27.49
N GLY C 278 6.70 13.15 -28.09
CA GLY C 278 8.08 13.13 -28.52
C GLY C 278 8.25 12.23 -29.72
N ILE C 279 9.23 12.58 -30.56
CA ILE C 279 9.63 11.75 -31.71
C ILE C 279 11.13 11.60 -31.64
N ALA C 280 11.62 10.38 -31.85
CA ALA C 280 13.05 10.15 -31.91
C ALA C 280 13.36 9.17 -33.02
N PHE C 281 14.41 9.45 -33.77
CA PHE C 281 14.86 8.53 -34.79
C PHE C 281 16.01 7.71 -34.25
N HIS C 282 15.98 6.43 -34.55
CA HIS C 282 17.05 5.54 -34.22
C HIS C 282 18.28 5.91 -35.07
N PRO C 283 19.42 6.23 -34.46
CA PRO C 283 20.52 6.83 -35.23
C PRO C 283 21.12 5.91 -36.27
N VAL C 284 20.95 4.59 -36.15
CA VAL C 284 21.58 3.66 -37.06
C VAL C 284 20.60 3.13 -38.10
N HIS C 285 19.39 2.73 -37.67
CA HIS C 285 18.42 2.09 -38.54
C HIS C 285 17.52 3.08 -39.29
N GLY C 286 17.43 4.33 -38.85
CA GLY C 286 16.58 5.29 -39.51
C GLY C 286 15.11 5.11 -39.23
N THR C 287 14.75 4.05 -38.52
CA THR C 287 13.43 3.89 -37.97
C THR C 287 13.22 4.90 -36.85
N LEU C 288 11.97 4.99 -36.36
CA LEU C 288 11.65 6.01 -35.37
C LEU C 288 10.75 5.47 -34.28
N ALA C 289 10.79 6.18 -33.16
CA ALA C 289 9.98 5.96 -31.99
C ALA C 289 9.10 7.17 -31.77
N THR C 290 7.88 6.94 -31.29
CA THR C 290 7.00 8.00 -30.85
C THR C 290 6.54 7.71 -29.43
N VAL C 291 6.48 8.73 -28.59
CA VAL C 291 5.89 8.54 -27.27
C VAL C 291 4.69 9.49 -27.22
N GLY C 292 3.67 9.06 -26.48
CA GLY C 292 2.37 9.68 -26.59
C GLY C 292 1.70 9.89 -25.24
N SER C 293 0.69 10.75 -25.29
CA SER C 293 -0.14 11.06 -24.15
C SER C 293 -0.97 9.85 -23.70
N ASP C 294 -1.15 8.86 -24.58
CA ASP C 294 -1.83 7.63 -24.18
C ASP C 294 -1.00 6.78 -23.23
N GLY C 295 0.24 7.16 -22.97
CA GLY C 295 1.11 6.35 -22.14
C GLY C 295 1.68 5.14 -22.84
N ARG C 296 1.77 5.15 -24.17
CA ARG C 296 2.39 4.05 -24.91
C ARG C 296 3.45 4.62 -25.84
N PHE C 297 4.42 3.78 -26.20
CA PHE C 297 5.37 4.15 -27.26
C PHE C 297 5.27 3.17 -28.41
N SER C 298 5.49 3.68 -29.61
CA SER C 298 5.44 2.88 -30.82
C SER C 298 6.69 3.14 -31.64
N PHE C 299 7.18 2.08 -32.27
CA PHE C 299 8.31 2.09 -33.18
C PHE C 299 7.80 1.95 -34.60
N TRP C 300 8.45 2.63 -35.54
CA TRP C 300 7.90 2.75 -36.89
C TRP C 300 8.97 2.60 -37.95
N ASP C 301 8.53 2.10 -39.11
CA ASP C 301 9.33 2.11 -40.34
C ASP C 301 8.64 3.03 -41.32
N LYS C 302 9.19 4.23 -41.48
CA LYS C 302 8.60 5.24 -42.34
C LYS C 302 8.84 4.94 -43.82
N ASP C 303 9.65 3.94 -44.14
CA ASP C 303 9.89 3.58 -45.53
C ASP C 303 8.97 2.46 -46.00
N ALA C 304 8.90 1.37 -45.23
CA ALA C 304 7.87 0.37 -45.42
C ALA C 304 6.48 0.88 -45.05
N ARG C 305 6.37 2.05 -44.40
CA ARG C 305 5.10 2.58 -43.94
C ARG C 305 4.42 1.56 -43.03
N THR C 306 5.18 1.10 -42.04
CA THR C 306 4.72 0.06 -41.12
C THR C 306 4.94 0.43 -39.67
N LYS C 307 4.17 -0.22 -38.81
CA LYS C 307 4.23 -0.06 -37.36
C LYS C 307 4.96 -1.24 -36.77
N LEU C 308 6.07 -0.98 -36.06
CA LEU C 308 6.94 -2.06 -35.57
C LEU C 308 6.51 -2.63 -34.24
N LYS C 309 6.11 -1.78 -33.30
CA LYS C 309 5.73 -2.23 -31.96
C LYS C 309 4.88 -1.15 -31.30
N THR C 310 4.06 -1.58 -30.34
CA THR C 310 3.49 -0.69 -29.34
C THR C 310 3.71 -1.30 -27.97
N SER C 311 4.13 -0.46 -27.03
CA SER C 311 4.27 -0.87 -25.65
C SER C 311 2.90 -1.10 -25.03
N GLU C 312 2.89 -1.58 -23.79
CA GLU C 312 1.65 -1.58 -23.03
C GLU C 312 1.44 -0.20 -22.39
N GLN C 313 0.28 -0.01 -21.79
CA GLN C 313 -0.10 1.32 -21.29
C GLN C 313 0.48 1.58 -19.90
N LEU C 314 0.94 2.81 -19.71
CA LEU C 314 1.46 3.32 -18.45
C LEU C 314 0.36 4.09 -17.70
N ASP C 315 0.49 4.15 -16.38
CA ASP C 315 -0.53 4.81 -15.57
C ASP C 315 -0.53 6.33 -15.75
N GLN C 316 0.42 6.86 -16.49
CA GLN C 316 0.41 8.27 -16.84
C GLN C 316 1.01 8.38 -18.23
N PRO C 317 0.85 9.51 -18.90
CA PRO C 317 1.46 9.63 -20.23
C PRO C 317 2.98 9.51 -20.18
N ILE C 318 3.54 9.21 -21.34
CA ILE C 318 4.99 9.25 -21.55
C ILE C 318 5.30 10.63 -22.08
N SER C 319 6.11 11.38 -21.34
CA SER C 319 6.27 12.80 -21.61
C SER C 319 7.46 13.12 -22.51
N ALA C 320 8.47 12.24 -22.58
CA ALA C 320 9.69 12.50 -23.34
C ALA C 320 10.36 11.18 -23.69
N CYS C 321 11.24 11.23 -24.68
CA CYS C 321 12.04 10.07 -25.05
C CYS C 321 13.30 10.56 -25.77
N CYS C 322 14.25 9.65 -25.93
CA CYS C 322 15.47 9.86 -26.70
C CYS C 322 16.23 8.54 -26.77
N PHE C 323 17.22 8.50 -27.66
CA PHE C 323 18.12 7.37 -27.83
C PHE C 323 19.51 7.70 -27.31
N ASN C 324 20.30 6.66 -27.05
CA ASN C 324 21.72 6.90 -26.84
C ASN C 324 22.38 7.10 -28.20
N HIS C 325 23.69 7.29 -28.19
CA HIS C 325 24.37 7.68 -29.42
C HIS C 325 24.41 6.53 -30.42
N ASN C 326 24.57 5.28 -29.95
CA ASN C 326 24.62 4.15 -30.86
C ASN C 326 23.24 3.51 -31.12
N GLY C 327 22.17 4.02 -30.51
CA GLY C 327 20.79 3.73 -30.86
C GLY C 327 20.07 2.56 -30.24
N ASN C 328 20.57 2.04 -29.18
CA ASN C 328 19.90 0.99 -28.47
C ASN C 328 20.26 1.03 -26.99
N ILE C 329 20.09 2.27 -26.51
CA ILE C 329 19.37 2.63 -25.31
C ILE C 329 18.24 3.54 -25.76
N PHE C 330 17.00 3.13 -25.49
CA PHE C 330 15.80 3.94 -25.67
C PHE C 330 15.31 4.35 -24.29
N ALA C 331 15.32 5.65 -24.00
CA ALA C 331 14.85 6.17 -22.72
C ALA C 331 13.51 6.86 -22.88
N TYR C 332 12.55 6.55 -22.00
CA TYR C 332 11.27 7.25 -22.05
C TYR C 332 10.81 7.58 -20.63
N ALA C 333 10.12 8.70 -20.49
CA ALA C 333 9.79 9.26 -19.18
C ALA C 333 8.29 9.26 -18.95
N SER C 334 7.86 8.63 -17.86
CA SER C 334 6.45 8.59 -17.48
C SER C 334 6.19 9.74 -16.51
N SER C 335 5.45 10.73 -16.99
CA SER C 335 5.14 11.95 -16.25
C SER C 335 3.84 12.48 -16.79
N TYR C 336 3.02 13.06 -15.90
CA TYR C 336 1.83 13.76 -16.35
C TYR C 336 2.26 14.95 -17.20
N ASP C 337 1.45 15.28 -18.22
CA ASP C 337 1.82 16.29 -19.20
C ASP C 337 0.75 17.37 -19.35
N TRP C 338 -0.19 17.44 -18.43
CA TRP C 338 -1.30 18.38 -18.44
C TRP C 338 -2.28 18.11 -19.58
N SER C 339 -2.23 16.91 -20.17
CA SER C 339 -3.16 16.60 -21.26
C SER C 339 -4.60 16.78 -20.87
N LYS C 340 -4.91 16.72 -19.58
CA LYS C 340 -6.28 16.80 -19.12
C LYS C 340 -6.48 17.96 -18.14
N GLY C 341 -5.54 18.89 -18.08
CA GLY C 341 -5.67 20.08 -17.25
C GLY C 341 -5.14 19.86 -15.85
N HIS C 342 -5.36 20.86 -14.99
CA HIS C 342 -4.83 20.79 -13.63
C HIS C 342 -5.59 19.77 -12.81
N GLU C 343 -6.85 19.53 -13.16
CA GLU C 343 -7.69 18.67 -12.33
C GLU C 343 -7.19 17.24 -12.30
N PHE C 344 -6.38 16.86 -13.30
CA PHE C 344 -5.91 15.48 -13.43
C PHE C 344 -4.47 15.31 -12.98
N TYR C 345 -3.88 16.32 -12.37
CA TYR C 345 -2.55 16.22 -11.80
C TYR C 345 -2.61 15.73 -10.34
N ASN C 346 -1.80 14.72 -10.04
CA ASN C 346 -1.63 14.19 -8.68
C ASN C 346 -0.17 14.35 -8.29
N PRO C 347 0.18 15.37 -7.50
CA PRO C 347 1.60 15.62 -7.21
C PRO C 347 2.31 14.48 -6.49
N GLN C 348 1.58 13.69 -5.71
CA GLN C 348 2.14 12.59 -4.93
C GLN C 348 2.50 11.38 -5.79
N LYS C 349 1.80 11.20 -6.92
CA LYS C 349 2.19 10.16 -7.88
C LYS C 349 3.61 10.41 -8.38
N LYS C 350 4.40 9.34 -8.44
CA LYS C 350 5.83 9.43 -8.69
C LYS C 350 6.10 9.46 -10.19
N ASN C 351 7.25 10.04 -10.57
CA ASN C 351 7.70 10.10 -11.94
C ASN C 351 8.87 9.14 -12.13
N TYR C 352 9.01 8.59 -13.34
CA TYR C 352 10.02 7.57 -13.64
C TYR C 352 10.65 7.79 -15.02
N ILE C 353 11.90 7.32 -15.19
CA ILE C 353 12.59 7.23 -16.49
C ILE C 353 12.97 5.77 -16.74
N PHE C 354 12.59 5.26 -17.91
CA PHE C 354 12.82 3.86 -18.29
C PHE C 354 13.81 3.73 -19.44
N LEU C 355 14.60 2.64 -19.40
CA LEU C 355 15.66 2.35 -20.36
C LEU C 355 15.45 1.02 -21.07
N ARG C 356 15.72 0.98 -22.39
CA ARG C 356 15.49 -0.24 -23.16
C ARG C 356 16.38 -0.35 -24.40
N ASN C 357 17.02 -1.55 -24.60
CA ASN C 357 16.99 -2.19 -25.93
C ASN C 357 15.74 -2.53 -26.69
N ALA C 358 15.59 -1.70 -27.69
CA ALA C 358 14.77 -1.88 -28.84
C ALA C 358 15.60 -1.75 -30.09
N ALA C 359 16.87 -2.12 -30.04
CA ALA C 359 17.46 -2.21 -31.36
C ALA C 359 16.66 -3.30 -32.02
N GLU C 360 16.22 -4.20 -31.18
CA GLU C 360 16.36 -5.50 -31.73
C GLU C 360 15.08 -5.40 -32.56
N GLU C 361 14.21 -4.65 -31.85
CA GLU C 361 12.89 -4.15 -32.15
C GLU C 361 12.90 -3.06 -33.24
N LEU C 362 13.99 -2.27 -33.37
CA LEU C 362 13.96 -1.18 -34.35
C LEU C 362 14.72 -1.47 -35.65
N LYS C 363 15.20 -2.68 -35.83
CA LYS C 363 15.82 -3.00 -37.10
C LYS C 363 14.74 -3.36 -38.11
N PRO C 364 14.81 -2.86 -39.33
CA PRO C 364 13.82 -3.23 -40.35
C PRO C 364 13.92 -4.72 -40.70
N ARG C 365 13.01 -5.21 -41.52
CA ARG C 365 12.95 -6.65 -41.80
C ARG C 365 13.92 -7.07 -42.92
N THR D 12 -4.54 33.35 -18.28
CA THR D 12 -5.44 32.73 -17.30
C THR D 12 -4.86 31.42 -16.73
N GLY D 13 -5.54 30.30 -16.96
CA GLY D 13 -5.09 29.01 -16.49
C GLY D 13 -5.93 27.92 -17.13
N THR D 14 -5.91 26.74 -16.54
CA THR D 14 -6.85 25.68 -16.95
C THR D 14 -8.03 25.63 -15.97
N THR D 15 -8.67 26.80 -15.84
CA THR D 15 -9.76 26.96 -14.90
C THR D 15 -11.02 26.23 -15.37
N ILE D 16 -11.25 26.21 -16.68
CA ILE D 16 -12.41 25.53 -17.23
C ILE D 16 -12.16 24.04 -17.22
N LYS D 17 -13.17 23.26 -16.82
CA LYS D 17 -13.06 21.81 -16.78
C LYS D 17 -12.77 21.23 -18.16
N PHE D 18 -12.03 20.12 -18.17
CA PHE D 18 -11.68 19.42 -19.39
C PHE D 18 -12.88 18.60 -19.88
N ASN D 19 -13.23 18.76 -21.15
CA ASN D 19 -14.32 18.01 -21.80
C ASN D 19 -13.90 17.66 -23.23
N PRO D 20 -13.59 16.40 -23.50
CA PRO D 20 -13.04 16.02 -24.81
C PRO D 20 -14.03 16.33 -25.92
N PRO D 21 -13.64 17.10 -26.93
CA PRO D 21 -14.56 17.34 -28.05
C PRO D 21 -14.82 16.04 -28.79
N THR D 22 -16.00 15.95 -29.38
CA THR D 22 -16.39 14.75 -30.11
C THR D 22 -16.28 15.01 -31.61
N GLY D 23 -15.85 13.99 -32.35
CA GLY D 23 -15.70 14.12 -33.80
C GLY D 23 -15.91 12.82 -34.56
N THR D 24 -15.54 12.79 -35.84
CA THR D 24 -15.67 11.57 -36.65
C THR D 24 -14.48 11.40 -37.59
N SER D 37 -16.14 7.74 -35.07
CA SER D 37 -16.50 8.67 -33.98
C SER D 37 -15.40 8.69 -32.92
N THR D 38 -15.04 9.88 -32.44
CA THR D 38 -13.78 10.04 -31.70
C THR D 38 -13.94 10.97 -30.49
N LYS D 39 -13.05 10.75 -29.52
CA LYS D 39 -12.89 11.62 -28.35
C LYS D 39 -11.51 12.25 -28.45
N HIS D 40 -11.47 13.58 -28.40
CA HIS D 40 -10.18 14.29 -28.44
C HIS D 40 -9.65 14.36 -27.03
N GLN D 41 -8.78 13.41 -26.68
CA GLN D 41 -8.39 13.24 -25.28
C GLN D 41 -7.20 14.12 -24.90
N CYS D 42 -7.27 15.40 -25.29
CA CYS D 42 -6.20 16.36 -25.03
C CYS D 42 -6.84 17.74 -24.89
N ILE D 43 -6.51 18.43 -23.79
CA ILE D 43 -7.24 19.63 -23.39
C ILE D 43 -7.19 20.71 -24.47
N THR D 44 -6.06 20.85 -25.13
CA THR D 44 -5.94 21.93 -26.11
C THR D 44 -6.76 21.71 -27.38
N ALA D 45 -7.45 20.57 -27.52
CA ALA D 45 -8.39 20.39 -28.62
C ALA D 45 -9.66 21.17 -28.44
N MET D 46 -9.97 21.58 -27.20
CA MET D 46 -11.16 22.36 -26.96
C MET D 46 -11.02 23.75 -27.54
N LYS D 47 -12.15 24.29 -27.97
CA LYS D 47 -12.15 25.58 -28.64
C LYS D 47 -11.80 26.69 -27.66
N GLU D 48 -11.88 26.39 -26.35
CA GLU D 48 -11.47 27.26 -25.25
C GLU D 48 -9.95 27.30 -25.05
N TYR D 49 -9.23 26.33 -25.55
CA TYR D 49 -7.82 26.14 -25.23
C TYR D 49 -6.92 26.06 -26.44
N GLU D 50 -7.45 26.22 -27.65
CA GLU D 50 -6.69 25.94 -28.85
C GLU D 50 -5.55 26.93 -29.06
N SER D 51 -5.56 28.07 -28.38
CA SER D 51 -4.57 29.11 -28.61
C SER D 51 -3.36 29.03 -27.69
N LYS D 52 -3.24 28.01 -26.85
CA LYS D 52 -2.02 27.79 -26.09
C LYS D 52 -1.69 26.31 -26.08
N SER D 53 -0.46 26.02 -25.68
CA SER D 53 0.05 24.67 -25.59
C SER D 53 -0.04 24.17 -24.15
N LEU D 54 0.10 22.86 -24.01
CA LEU D 54 0.07 22.25 -22.69
C LEU D 54 1.05 22.92 -21.74
N GLU D 55 2.30 23.05 -22.15
CA GLU D 55 3.31 23.64 -21.28
C GLU D 55 2.97 25.08 -20.91
N GLU D 56 2.38 25.83 -21.83
CA GLU D 56 1.99 27.20 -21.52
C GLU D 56 0.97 27.25 -20.40
N LEU D 57 -0.08 26.43 -20.52
CA LEU D 57 -1.10 26.35 -19.47
C LEU D 57 -0.52 25.81 -18.17
N ARG D 58 0.25 24.72 -18.24
CA ARG D 58 0.80 24.16 -17.02
C ARG D 58 1.63 25.19 -16.28
N LEU D 59 2.38 26.02 -16.99
CA LEU D 59 3.11 27.08 -16.32
C LEU D 59 2.18 28.12 -15.71
N GLU D 60 1.18 28.57 -16.47
CA GLU D 60 0.22 29.52 -15.92
C GLU D 60 -0.41 29.01 -14.63
N ASP D 61 -0.76 27.72 -14.61
CA ASP D 61 -1.31 27.10 -13.42
C ASP D 61 -0.28 27.07 -12.31
N TYR D 62 0.95 26.70 -12.64
CA TYR D 62 2.00 26.64 -11.63
C TYR D 62 2.19 28.00 -10.98
N GLN D 63 2.10 29.07 -11.75
CA GLN D 63 2.29 30.41 -11.20
C GLN D 63 1.13 30.84 -10.32
N ALA D 64 -0.02 30.19 -10.45
CA ALA D 64 -1.18 30.47 -9.63
C ALA D 64 -1.30 29.53 -8.42
N ASN D 65 -0.37 28.57 -8.28
CA ASN D 65 -0.40 27.53 -7.24
C ASN D 65 -1.62 26.63 -7.41
N ARG D 66 -2.09 26.52 -8.65
CA ARG D 66 -3.22 25.67 -9.02
C ARG D 66 -2.73 24.31 -9.53
N LYS D 67 -2.35 23.45 -8.58
CA LYS D 67 -2.05 22.07 -8.91
C LYS D 67 -3.12 21.14 -8.25
N ASN E 25 -1.90 13.77 2.32
CA ASN E 25 -2.57 13.75 3.62
C ASN E 25 -4.05 14.21 3.52
N HIS E 26 -4.95 13.35 4.04
CA HIS E 26 -6.39 13.45 3.83
C HIS E 26 -7.15 13.20 5.13
N ASN E 27 -6.61 12.33 5.98
CA ASN E 27 -7.20 11.99 7.29
C ASN E 27 -6.19 12.34 8.38
N PRO E 28 -6.02 13.63 8.67
CA PRO E 28 -5.00 14.04 9.64
C PRO E 28 -5.31 13.60 11.06
N MET E 29 -6.58 13.39 11.41
CA MET E 29 -6.91 12.96 12.76
C MET E 29 -6.71 11.45 12.94
N LYS E 30 -6.21 10.79 11.89
CA LYS E 30 -6.00 9.35 11.87
C LYS E 30 -7.21 8.60 12.41
N ASP E 31 -8.40 9.06 12.00
CA ASP E 31 -9.65 8.45 12.41
C ASP E 31 -10.05 7.29 11.50
N ILE E 32 -11.10 6.59 11.91
CA ILE E 32 -11.57 5.42 11.18
C ILE E 32 -12.28 5.88 9.93
N GLU E 33 -11.95 5.25 8.80
CA GLU E 33 -12.47 5.64 7.51
C GLU E 33 -13.61 4.71 7.12
N VAL E 34 -14.72 5.28 6.66
CA VAL E 34 -15.86 4.48 6.24
C VAL E 34 -15.55 3.91 4.86
N THR E 35 -15.56 2.59 4.74
CA THR E 35 -15.24 1.97 3.47
C THR E 35 -16.39 2.15 2.49
N SER E 36 -16.07 2.11 1.21
CA SER E 36 -17.06 2.26 0.14
C SER E 36 -17.85 3.55 0.35
N SER E 37 -17.13 4.65 0.47
CA SER E 37 -17.74 5.95 0.73
C SER E 37 -18.38 6.48 -0.55
N PRO E 38 -19.25 7.48 -0.47
CA PRO E 38 -19.98 7.92 -1.66
C PRO E 38 -19.11 8.50 -2.77
N ASP E 39 -19.63 8.43 -4.02
CA ASP E 39 -19.01 9.09 -5.17
C ASP E 39 -18.88 10.58 -5.07
N ASP E 40 -19.89 11.25 -4.57
CA ASP E 40 -19.88 12.68 -4.72
C ASP E 40 -19.79 13.28 -3.34
N SER E 41 -19.89 14.59 -3.27
CA SER E 41 -19.87 15.22 -1.96
C SER E 41 -21.04 14.69 -1.12
N ILE E 42 -20.81 14.57 0.17
CA ILE E 42 -21.78 14.03 1.10
C ILE E 42 -22.61 15.17 1.67
N GLY E 43 -23.94 15.02 1.66
CA GLY E 43 -24.78 16.11 2.10
C GLY E 43 -25.28 15.98 3.52
N CYS E 44 -25.27 14.77 4.05
CA CYS E 44 -25.90 14.58 5.34
C CYS E 44 -25.52 13.23 5.90
N LEU E 45 -25.44 13.19 7.22
CA LEU E 45 -25.20 11.97 7.99
C LEU E 45 -26.31 11.85 8.99
N SER E 46 -26.60 10.61 9.39
CA SER E 46 -27.62 10.39 10.41
C SER E 46 -27.44 9.01 10.99
N PHE E 47 -27.30 8.94 12.30
CA PHE E 47 -27.08 7.67 12.97
C PHE E 47 -28.40 7.09 13.46
N SER E 48 -28.39 5.77 13.68
CA SER E 48 -29.58 5.04 14.07
C SER E 48 -30.07 5.45 15.46
N PRO E 49 -31.37 5.29 15.74
CA PRO E 49 -31.89 5.53 17.11
C PRO E 49 -31.47 4.42 18.05
N PRO E 50 -31.70 4.57 19.36
CA PRO E 50 -31.25 3.53 20.32
C PRO E 50 -32.13 2.30 20.39
N THR E 51 -33.32 2.32 19.80
CA THR E 51 -34.17 1.13 19.85
C THR E 51 -33.57 -0.01 19.05
N LEU E 52 -32.56 0.33 18.25
CA LEU E 52 -31.84 -0.53 17.34
C LEU E 52 -30.58 -1.07 18.00
N PRO E 53 -30.30 -2.39 17.90
CA PRO E 53 -29.06 -2.89 18.49
C PRO E 53 -27.85 -2.46 17.69
N GLY E 54 -26.80 -2.01 18.37
CA GLY E 54 -25.66 -1.57 17.63
C GLY E 54 -25.86 -0.21 16.97
N ASN E 55 -25.07 0.03 15.93
CA ASN E 55 -25.01 1.31 15.25
C ASN E 55 -25.08 1.15 13.74
N PHE E 56 -25.96 1.91 13.10
CA PHE E 56 -26.09 1.93 11.66
C PHE E 56 -26.02 3.39 11.21
N LEU E 57 -25.23 3.66 10.17
CA LEU E 57 -24.97 5.01 9.69
C LEU E 57 -25.59 5.20 8.31
N ILE E 58 -26.24 6.34 8.11
CA ILE E 58 -26.86 6.71 6.85
C ILE E 58 -26.14 7.94 6.31
N ALA E 59 -25.89 7.96 5.00
CA ALA E 59 -25.29 9.12 4.34
C ALA E 59 -26.00 9.39 3.02
N GLY E 60 -26.31 10.65 2.75
CA GLY E 60 -26.73 11.06 1.42
C GLY E 60 -25.64 11.81 0.67
N SER E 61 -25.60 11.67 -0.66
CA SER E 61 -24.59 12.36 -1.46
C SER E 61 -25.23 13.11 -2.62
N TRP E 62 -24.41 13.81 -3.37
CA TRP E 62 -24.90 14.55 -4.51
C TRP E 62 -24.93 13.73 -5.80
N ALA E 63 -24.56 12.45 -5.73
CA ALA E 63 -24.79 11.51 -6.81
C ALA E 63 -26.18 10.88 -6.73
N ASN E 64 -27.05 11.41 -5.86
CA ASN E 64 -28.47 11.12 -5.78
C ASN E 64 -28.78 9.84 -5.00
N ASP E 65 -27.81 9.28 -4.29
CA ASP E 65 -27.96 7.99 -3.61
C ASP E 65 -28.02 8.15 -2.10
N VAL E 66 -28.46 7.07 -1.44
CA VAL E 66 -28.45 6.96 0.02
C VAL E 66 -27.77 5.66 0.41
N ARG E 67 -26.83 5.73 1.36
CA ARG E 67 -26.10 4.53 1.77
C ARG E 67 -26.30 4.27 3.25
N CYS E 68 -26.16 3.00 3.63
CA CYS E 68 -26.31 2.59 5.02
C CYS E 68 -25.23 1.58 5.35
N TRP E 69 -24.38 1.92 6.32
CA TRP E 69 -23.38 1.02 6.87
C TRP E 69 -23.76 0.62 8.29
N GLU E 70 -23.31 -0.56 8.72
CA GLU E 70 -23.39 -0.98 10.11
C GLU E 70 -22.02 -0.79 10.74
N VAL E 71 -21.95 0.05 11.78
CA VAL E 71 -20.70 0.26 12.52
C VAL E 71 -20.52 -0.79 13.61
N GLN E 72 -19.29 -1.25 13.72
CA GLN E 72 -18.86 -2.32 14.62
C GLN E 72 -17.75 -1.75 15.49
N ASP E 73 -17.59 -2.32 16.69
CA ASP E 73 -16.86 -1.66 17.77
C ASP E 73 -15.39 -1.43 17.45
N SER E 74 -14.75 -2.37 16.76
CA SER E 74 -13.39 -2.17 16.28
C SER E 74 -13.28 -1.07 15.22
N GLY E 75 -14.41 -0.67 14.63
CA GLY E 75 -14.43 0.42 13.70
C GLY E 75 -14.77 0.05 12.27
N GLN E 76 -14.84 -1.22 11.94
CA GLN E 76 -15.13 -1.58 10.56
C GLN E 76 -16.56 -1.20 10.22
N THR E 77 -16.75 -0.78 8.98
CA THR E 77 -18.07 -0.46 8.44
C THR E 77 -18.44 -1.52 7.41
N ILE E 78 -19.71 -1.89 7.35
CA ILE E 78 -20.21 -2.88 6.42
C ILE E 78 -21.34 -2.26 5.61
N PRO E 79 -21.22 -2.15 4.28
CA PRO E 79 -22.31 -1.58 3.48
C PRO E 79 -23.52 -2.51 3.49
N LYS E 80 -24.68 -1.99 3.90
CA LYS E 80 -25.87 -2.83 4.09
C LYS E 80 -26.97 -2.63 3.07
N ALA E 81 -27.17 -1.43 2.55
CA ALA E 81 -28.24 -1.20 1.59
C ALA E 81 -28.01 0.15 0.93
N GLN E 82 -28.65 0.33 -0.22
CA GLN E 82 -28.54 1.56 -0.98
C GLN E 82 -29.87 1.85 -1.68
N GLN E 83 -30.31 3.11 -1.64
CA GLN E 83 -31.44 3.58 -2.43
C GLN E 83 -31.03 4.77 -3.28
N MET E 84 -31.91 5.18 -4.18
CA MET E 84 -31.55 6.17 -5.20
C MET E 84 -32.68 7.15 -5.45
N HIS E 85 -32.35 8.44 -5.49
CA HIS E 85 -33.27 9.47 -5.95
C HIS E 85 -32.88 9.93 -7.36
N THR E 86 -33.73 10.77 -7.95
CA THR E 86 -33.47 11.42 -9.21
C THR E 86 -32.86 12.81 -9.01
N GLY E 87 -32.48 13.12 -7.78
CA GLY E 87 -31.78 14.35 -7.48
C GLY E 87 -30.95 14.20 -6.22
N PRO E 88 -30.03 15.14 -5.98
CA PRO E 88 -29.13 15.00 -4.83
C PRO E 88 -29.93 14.97 -3.54
N VAL E 89 -29.48 14.14 -2.60
CA VAL E 89 -30.18 13.99 -1.33
C VAL E 89 -29.60 14.95 -0.29
N LEU E 90 -30.46 15.79 0.27
CA LEU E 90 -30.04 16.84 1.18
C LEU E 90 -30.23 16.48 2.66
N ASP E 91 -31.17 15.60 2.99
CA ASP E 91 -31.34 15.24 4.40
C ASP E 91 -31.84 13.81 4.52
N VAL E 92 -31.54 13.22 5.67
CA VAL E 92 -32.05 11.88 6.02
C VAL E 92 -32.23 11.79 7.53
N CYS E 93 -33.20 10.97 7.96
CA CYS E 93 -33.38 10.70 9.38
C CYS E 93 -34.05 9.35 9.56
N TRP E 94 -34.15 8.93 10.82
CA TRP E 94 -34.68 7.62 11.18
C TRP E 94 -36.07 7.74 11.79
N SER E 95 -36.71 6.61 11.94
CA SER E 95 -37.94 6.52 12.72
C SER E 95 -37.60 6.02 14.12
N ASP E 96 -38.42 6.41 15.10
CA ASP E 96 -38.09 6.10 16.48
C ASP E 96 -37.84 4.61 16.69
N ASP E 97 -38.61 3.75 16.00
CA ASP E 97 -38.42 2.30 16.11
C ASP E 97 -37.25 1.79 15.28
N GLY E 98 -36.64 2.63 14.45
CA GLY E 98 -35.52 2.21 13.65
C GLY E 98 -35.89 1.29 12.51
N SER E 99 -37.16 1.18 12.15
CA SER E 99 -37.52 0.29 11.06
C SER E 99 -37.43 0.97 9.70
N LYS E 100 -37.61 2.29 9.68
CA LYS E 100 -37.69 3.06 8.45
C LYS E 100 -36.65 4.17 8.47
N VAL E 101 -36.08 4.46 7.30
CA VAL E 101 -35.18 5.58 7.10
C VAL E 101 -35.87 6.52 6.12
N PHE E 102 -35.88 7.81 6.45
CA PHE E 102 -36.52 8.81 5.61
C PHE E 102 -35.45 9.60 4.90
N THR E 103 -35.70 9.88 3.62
CA THR E 103 -34.72 10.48 2.72
C THR E 103 -35.36 11.69 2.08
N ALA E 104 -34.57 12.75 1.88
CA ALA E 104 -35.05 14.00 1.31
C ALA E 104 -34.11 14.42 0.18
N SER E 105 -34.67 14.89 -0.92
CA SER E 105 -33.88 15.03 -2.14
C SER E 105 -34.27 16.27 -2.95
N CYS E 106 -33.38 16.67 -3.85
CA CYS E 106 -33.67 17.79 -4.74
C CYS E 106 -34.73 17.48 -5.77
N ASP E 107 -35.09 16.18 -5.94
CA ASP E 107 -36.22 15.87 -6.82
C ASP E 107 -37.55 16.19 -6.20
N LYS E 108 -37.65 16.97 -5.13
CA LYS E 108 -38.91 17.50 -4.65
C LYS E 108 -39.79 16.45 -3.98
N THR E 109 -39.21 15.31 -3.61
CA THR E 109 -39.92 14.20 -3.00
C THR E 109 -39.16 13.79 -1.74
N ALA E 110 -39.86 13.06 -0.87
CA ALA E 110 -39.25 12.40 0.27
C ALA E 110 -39.75 10.97 0.34
N LYS E 111 -38.87 10.06 0.73
CA LYS E 111 -39.18 8.65 0.67
C LYS E 111 -39.02 8.00 2.04
N MET E 112 -39.79 6.95 2.25
CA MET E 112 -39.67 6.11 3.43
C MET E 112 -39.03 4.79 3.03
N TRP E 113 -38.00 4.39 3.77
CA TRP E 113 -37.12 3.30 3.37
C TRP E 113 -37.18 2.20 4.42
N ASP E 114 -37.87 1.10 4.10
CA ASP E 114 -37.90 -0.07 4.98
C ASP E 114 -36.59 -0.83 4.78
N LEU E 115 -35.73 -0.80 5.80
CA LEU E 115 -34.38 -1.37 5.69
C LEU E 115 -34.44 -2.87 5.45
N SER E 116 -35.24 -3.57 6.24
CA SER E 116 -35.29 -5.02 6.14
C SER E 116 -35.69 -5.47 4.73
N SER E 117 -36.70 -4.83 4.13
CA SER E 117 -37.22 -5.19 2.81
C SER E 117 -36.48 -4.54 1.65
N ASN E 118 -35.67 -3.52 1.95
CA ASN E 118 -35.00 -2.68 0.95
C ASN E 118 -36.01 -2.02 0.04
N GLN E 119 -37.03 -1.45 0.63
CA GLN E 119 -37.95 -0.64 -0.16
C GLN E 119 -38.01 0.79 0.31
N ALA E 120 -38.28 1.64 -0.66
CA ALA E 120 -38.46 3.06 -0.42
C ALA E 120 -39.72 3.37 -1.19
N ILE E 121 -40.61 4.10 -0.57
CA ILE E 121 -41.84 4.52 -1.21
C ILE E 121 -41.88 6.02 -1.05
N GLN E 122 -42.53 6.70 -1.98
CA GLN E 122 -42.68 8.13 -1.83
C GLN E 122 -43.66 8.43 -0.69
N ILE E 123 -43.32 9.41 0.15
CA ILE E 123 -44.24 9.74 1.24
C ILE E 123 -44.48 11.25 1.25
N ALA E 124 -43.78 11.98 0.40
CA ALA E 124 -43.89 13.43 0.42
C ALA E 124 -43.74 13.96 -0.99
N GLN E 125 -44.35 15.11 -1.22
CA GLN E 125 -44.31 15.79 -2.50
C GLN E 125 -44.21 17.27 -2.23
N HIS E 126 -43.24 17.93 -2.87
CA HIS E 126 -43.04 19.37 -2.78
C HIS E 126 -42.90 19.97 -4.17
N ASP E 127 -42.85 21.30 -4.24
CA ASP E 127 -42.64 21.97 -5.52
C ASP E 127 -41.21 22.39 -5.75
N ALA E 128 -40.32 22.18 -4.77
CA ALA E 128 -38.91 22.48 -4.92
C ALA E 128 -38.14 21.45 -4.12
N PRO E 129 -36.80 21.46 -4.20
CA PRO E 129 -36.02 20.50 -3.40
C PRO E 129 -36.39 20.50 -1.92
N VAL E 130 -36.21 19.37 -1.29
CA VAL E 130 -36.58 19.12 0.10
C VAL E 130 -35.29 19.17 0.93
N LYS E 131 -35.14 20.24 1.71
CA LYS E 131 -33.87 20.51 2.39
C LYS E 131 -33.76 19.77 3.73
N THR E 132 -34.87 19.61 4.45
CA THR E 132 -34.90 19.05 5.80
C THR E 132 -35.91 17.91 5.86
N ILE E 133 -35.58 16.89 6.66
CA ILE E 133 -36.50 15.79 6.94
C ILE E 133 -36.30 15.37 8.40
N HIS E 134 -37.42 15.19 9.12
CA HIS E 134 -37.40 14.83 10.54
C HIS E 134 -38.62 13.98 10.90
N TRP E 135 -38.43 13.13 11.91
CA TRP E 135 -39.47 12.25 12.44
C TRP E 135 -39.97 12.81 13.77
N ILE E 136 -41.28 12.96 13.90
CA ILE E 136 -41.93 13.47 15.11
C ILE E 136 -42.61 12.32 15.84
N LYS E 137 -42.12 12.00 17.06
CA LYS E 137 -42.76 11.03 17.96
C LYS E 137 -43.42 11.74 19.15
N ALA E 138 -44.72 11.95 19.05
CA ALA E 138 -45.50 12.53 20.13
C ALA E 138 -46.40 11.49 20.79
N PRO E 139 -46.86 11.75 22.03
CA PRO E 139 -47.72 10.78 22.73
C PRO E 139 -48.99 10.40 21.98
N ASN E 140 -49.52 11.27 21.13
CA ASN E 140 -50.77 11.05 20.41
C ASN E 140 -50.64 10.99 18.89
N TYR E 141 -49.45 11.21 18.32
CA TYR E 141 -49.28 11.04 16.88
C TYR E 141 -47.81 10.84 16.55
N SER E 142 -47.60 10.45 15.30
CA SER E 142 -46.30 10.29 14.64
C SER E 142 -46.43 10.81 13.23
N CYS E 143 -45.38 11.45 12.71
CA CYS E 143 -45.45 11.95 11.35
C CYS E 143 -44.07 12.32 10.84
N VAL E 144 -44.00 12.59 9.54
CA VAL E 144 -42.80 13.11 8.90
C VAL E 144 -43.00 14.61 8.69
N MET E 145 -42.01 15.43 9.04
CA MET E 145 -42.01 16.86 8.73
C MET E 145 -40.96 17.16 7.66
N THR E 146 -41.36 17.83 6.58
CA THR E 146 -40.49 18.15 5.46
C THR E 146 -40.42 19.65 5.26
N GLY E 147 -39.19 20.16 5.14
CA GLY E 147 -38.98 21.57 4.83
C GLY E 147 -38.31 21.71 3.50
N SER E 148 -38.87 22.56 2.63
CA SER E 148 -38.44 22.59 1.25
C SER E 148 -38.25 24.04 0.80
N TRP E 149 -37.45 24.19 -0.27
CA TRP E 149 -37.18 25.48 -0.90
C TRP E 149 -38.41 26.04 -1.58
N ASP E 150 -39.51 25.28 -1.59
CA ASP E 150 -40.81 25.78 -2.01
C ASP E 150 -41.50 26.57 -0.88
N LYS E 151 -40.80 26.86 0.21
CA LYS E 151 -41.28 27.74 1.27
C LYS E 151 -42.45 27.13 2.05
N THR E 152 -42.50 25.80 2.13
CA THR E 152 -43.54 25.13 2.89
C THR E 152 -42.91 24.16 3.85
N LEU E 153 -43.67 23.85 4.90
CA LEU E 153 -43.34 22.85 5.90
C LEU E 153 -44.50 21.88 5.96
N LYS E 154 -44.26 20.61 5.66
CA LYS E 154 -45.34 19.67 5.44
C LYS E 154 -45.20 18.48 6.37
N PHE E 155 -46.32 17.84 6.66
CA PHE E 155 -46.43 16.76 7.63
C PHE E 155 -47.19 15.59 7.01
N TRP E 156 -46.67 14.38 7.16
CA TRP E 156 -47.11 13.22 6.39
C TRP E 156 -47.35 12.01 7.30
N ASP E 157 -48.36 11.16 6.94
CA ASP E 157 -48.57 9.95 7.73
C ASP E 157 -47.64 8.81 7.36
N THR E 158 -46.92 8.90 6.25
CA THR E 158 -46.19 7.77 5.67
C THR E 158 -47.17 6.75 5.10
N ARG E 159 -48.46 7.07 5.05
CA ARG E 159 -49.37 6.16 4.34
C ARG E 159 -50.24 6.84 3.31
N SER E 160 -50.74 8.06 3.59
CA SER E 160 -51.46 8.81 2.56
C SER E 160 -50.53 9.75 1.82
N SER E 161 -50.81 9.91 0.52
CA SER E 161 -50.13 10.89 -0.30
C SER E 161 -50.63 12.30 -0.05
N ASN E 162 -51.78 12.47 0.56
CA ASN E 162 -52.17 13.81 0.95
C ASN E 162 -51.52 14.16 2.29
N PRO E 163 -50.87 15.31 2.41
CA PRO E 163 -50.22 15.64 3.68
C PRO E 163 -51.24 15.93 4.79
N MET E 164 -50.84 15.58 6.01
CA MET E 164 -51.65 15.89 7.18
C MET E 164 -51.77 17.39 7.39
N MET E 165 -50.66 18.09 7.25
CA MET E 165 -50.60 19.49 7.58
C MET E 165 -49.64 20.12 6.59
N VAL E 166 -49.94 21.37 6.22
CA VAL E 166 -49.06 22.15 5.36
C VAL E 166 -49.00 23.52 5.96
N LEU E 167 -47.81 23.95 6.38
CA LEU E 167 -47.61 25.28 6.94
C LEU E 167 -46.74 26.10 6.00
N GLN E 168 -47.09 27.38 5.85
CA GLN E 168 -46.33 28.29 4.99
C GLN E 168 -45.11 28.83 5.72
N LEU E 169 -43.95 28.78 5.07
CA LEU E 169 -42.77 29.39 5.66
C LEU E 169 -42.55 30.79 5.11
N PRO E 170 -41.84 31.66 5.84
CA PRO E 170 -41.60 33.02 5.33
C PRO E 170 -40.61 33.06 4.17
N GLU E 171 -39.86 31.99 3.95
CA GLU E 171 -38.91 31.98 2.87
C GLU E 171 -38.42 30.54 2.73
N ARG E 172 -37.46 30.34 1.83
CA ARG E 172 -36.95 29.01 1.55
C ARG E 172 -36.38 28.36 2.81
N CYS E 173 -36.73 27.09 3.01
CA CYS E 173 -36.25 26.38 4.19
C CYS E 173 -34.77 26.04 4.04
N TYR E 174 -33.96 26.40 5.02
CA TYR E 174 -32.52 26.08 4.94
C TYR E 174 -32.03 25.04 5.94
N CYS E 175 -32.62 24.97 7.15
CA CYS E 175 -32.27 23.92 8.12
C CYS E 175 -33.29 23.87 9.24
N ALA E 176 -33.30 22.75 9.95
CA ALA E 176 -34.27 22.55 11.01
C ALA E 176 -33.83 21.45 11.96
N ASP E 177 -34.41 21.45 13.15
CA ASP E 177 -34.13 20.38 14.10
C ASP E 177 -35.42 20.15 14.88
N VAL E 178 -35.54 18.95 15.45
CA VAL E 178 -36.72 18.55 16.22
C VAL E 178 -36.31 17.72 17.44
N ILE E 179 -36.75 18.15 18.61
CA ILE E 179 -36.80 17.31 19.80
C ILE E 179 -38.13 17.57 20.47
N TYR E 180 -39.05 16.63 20.37
CA TYR E 180 -40.39 16.83 20.91
C TYR E 180 -40.34 17.38 22.33
N PRO E 181 -41.07 18.46 22.65
CA PRO E 181 -42.16 19.05 21.88
C PRO E 181 -41.81 20.25 21.00
N MET E 182 -40.54 20.42 20.61
CA MET E 182 -40.10 21.62 19.92
C MET E 182 -39.49 21.33 18.55
N ALA E 183 -39.73 22.26 17.62
CA ALA E 183 -39.04 22.28 16.34
C ALA E 183 -38.62 23.72 16.07
N VAL E 184 -37.47 23.87 15.42
CA VAL E 184 -37.00 25.16 14.95
C VAL E 184 -36.60 25.03 13.49
N VAL E 185 -37.00 26.00 12.69
CA VAL E 185 -36.68 26.09 11.28
C VAL E 185 -36.02 27.44 10.99
N ALA E 186 -35.00 27.42 10.13
CA ALA E 186 -34.35 28.64 9.66
C ALA E 186 -34.51 28.73 8.15
N THR E 187 -34.75 29.94 7.67
CA THR E 187 -35.03 30.16 6.27
C THR E 187 -34.05 31.13 5.63
N ALA E 188 -34.27 31.33 4.34
CA ALA E 188 -33.63 32.43 3.64
C ALA E 188 -33.94 33.75 4.35
N GLU E 189 -33.06 34.73 4.14
CA GLU E 189 -33.22 36.08 4.69
C GLU E 189 -33.35 36.03 6.20
N ARG E 190 -32.58 35.14 6.81
CA ARG E 190 -32.38 35.08 8.26
C ARG E 190 -33.68 34.82 9.03
N GLY E 191 -34.69 34.26 8.38
CA GLY E 191 -35.91 33.89 9.08
C GLY E 191 -35.64 32.74 10.04
N LEU E 192 -36.29 32.81 11.20
CA LEU E 192 -36.03 31.87 12.28
C LEU E 192 -37.33 31.67 13.02
N ILE E 193 -37.83 30.43 13.09
CA ILE E 193 -39.15 30.16 13.64
C ILE E 193 -39.11 28.93 14.55
N VAL E 194 -39.73 29.05 15.76
CA VAL E 194 -39.87 27.93 16.67
C VAL E 194 -41.29 27.39 16.56
N TYR E 195 -41.43 26.08 16.70
CA TYR E 195 -42.71 25.39 16.64
C TYR E 195 -42.94 24.58 17.92
N GLN E 196 -44.19 24.54 18.36
CA GLN E 196 -44.62 23.61 19.41
C GLN E 196 -45.35 22.46 18.75
N LEU E 197 -45.20 21.25 19.30
CA LEU E 197 -45.67 20.05 18.63
C LEU E 197 -46.73 19.29 19.42
N GLU E 198 -47.20 19.82 20.55
CA GLU E 198 -48.06 19.05 21.46
C GLU E 198 -49.50 18.68 21.03
N GLN E 200 -51.02 18.53 18.02
CA GLN E 200 -50.70 18.96 16.64
C GLN E 200 -49.62 20.11 16.48
N PRO E 201 -48.78 20.04 15.44
CA PRO E 201 -47.75 21.08 15.25
C PRO E 201 -48.33 22.45 14.97
N SER E 202 -47.73 23.47 15.59
CA SER E 202 -48.16 24.83 15.35
C SER E 202 -47.00 25.79 15.59
N GLU E 203 -47.11 26.95 14.96
CA GLU E 203 -46.10 27.97 15.08
C GLU E 203 -46.15 28.59 16.48
N PHE E 204 -45.04 28.49 17.22
CA PHE E 204 -44.94 28.99 18.58
C PHE E 204 -44.42 30.42 18.60
N ARG E 205 -43.23 30.65 18.04
CA ARG E 205 -42.66 31.99 17.99
C ARG E 205 -41.73 32.17 16.80
N ARG E 206 -41.83 33.34 16.18
CA ARG E 206 -40.86 33.79 15.18
C ARG E 206 -39.83 34.66 15.89
N ILE E 207 -38.59 34.21 15.93
CA ILE E 207 -37.52 34.86 16.67
C ILE E 207 -36.74 35.81 15.78
N GLU E 208 -36.49 37.04 16.26
CA GLU E 208 -35.56 37.96 15.59
C GLU E 208 -34.15 37.44 15.68
N SER E 209 -33.56 37.04 14.53
CA SER E 209 -32.37 36.20 14.52
C SER E 209 -31.17 36.88 15.17
N PRO E 210 -30.45 36.20 16.05
CA PRO E 210 -29.31 36.82 16.71
C PRO E 210 -28.13 37.01 15.79
N LEU E 211 -28.10 36.31 14.65
CA LEU E 211 -27.01 36.36 13.68
C LEU E 211 -27.31 37.31 12.52
N LYS E 212 -26.29 37.99 12.05
CA LYS E 212 -26.53 38.99 11.02
C LYS E 212 -26.35 38.48 9.57
N HIS E 213 -25.92 37.23 9.34
CA HIS E 213 -25.72 36.72 8.00
C HIS E 213 -26.40 35.36 7.82
N GLN E 214 -26.39 34.91 6.56
CA GLN E 214 -27.16 33.75 6.11
C GLN E 214 -27.03 32.53 7.03
N HIS E 215 -28.18 32.02 7.47
CA HIS E 215 -28.27 30.85 8.34
C HIS E 215 -27.93 29.57 7.60
N ARG E 216 -27.35 28.60 8.32
CA ARG E 216 -26.87 27.41 7.63
C ARG E 216 -27.10 26.11 8.40
N CYS E 217 -26.96 26.10 9.72
CA CYS E 217 -27.26 24.89 10.48
C CYS E 217 -27.90 25.26 11.81
N VAL E 218 -28.68 24.33 12.38
CA VAL E 218 -29.34 24.56 13.67
C VAL E 218 -29.46 23.26 14.45
N ALA E 219 -29.23 23.35 15.76
CA ALA E 219 -29.38 22.21 16.63
C ALA E 219 -30.02 22.65 17.94
N ILE E 220 -31.03 21.87 18.43
CA ILE E 220 -31.74 22.17 19.68
C ILE E 220 -31.00 21.48 20.82
N PHE E 221 -30.93 22.12 21.97
CA PHE E 221 -30.29 21.51 23.14
C PHE E 221 -31.24 21.50 24.33
N LYS E 222 -31.01 20.55 25.24
CA LYS E 222 -31.89 20.28 26.35
C LYS E 222 -31.30 20.79 27.66
N ASP E 223 -32.16 20.98 28.67
CA ASP E 223 -31.70 21.41 29.99
C ASP E 223 -31.34 20.20 30.86
N LYS E 224 -31.14 20.43 32.16
CA LYS E 224 -30.64 19.38 33.03
C LYS E 224 -31.62 18.22 33.21
N GLN E 225 -32.88 18.37 32.77
CA GLN E 225 -33.87 17.30 32.88
C GLN E 225 -34.30 16.81 31.49
N ASN E 226 -33.45 16.98 30.48
CA ASN E 226 -33.74 16.54 29.12
C ASN E 226 -34.94 17.29 28.51
N LYS E 227 -35.25 18.51 28.98
CA LYS E 227 -36.32 19.32 28.39
C LYS E 227 -35.76 20.27 27.34
N PRO E 228 -36.22 20.21 26.09
CA PRO E 228 -35.78 21.19 25.08
C PRO E 228 -35.97 22.63 25.54
N THR E 229 -34.89 23.39 25.48
CA THR E 229 -34.83 24.71 26.11
C THR E 229 -34.25 25.77 25.19
N GLY E 230 -33.58 25.39 24.11
CA GLY E 230 -33.00 26.37 23.21
C GLY E 230 -32.31 25.66 22.08
N PHE E 231 -31.67 26.46 21.23
CA PHE E 231 -30.97 25.91 20.09
C PHE E 231 -29.66 26.64 19.86
N ALA E 232 -28.84 26.02 19.02
CA ALA E 232 -27.62 26.60 18.48
C ALA E 232 -27.82 26.87 17.00
N LEU E 233 -27.32 28.02 16.56
CA LEU E 233 -27.56 28.51 15.21
C LEU E 233 -26.22 28.87 14.58
N GLY E 234 -25.92 28.28 13.43
CA GLY E 234 -24.66 28.54 12.72
C GLY E 234 -24.93 29.27 11.41
N SER E 235 -24.15 30.32 11.16
CA SER E 235 -24.24 31.13 9.94
C SER E 235 -23.05 30.86 9.02
N ILE E 236 -23.03 31.56 7.87
CA ILE E 236 -21.89 31.47 6.94
C ILE E 236 -20.69 32.33 7.32
N GLU E 237 -20.82 33.22 8.29
CA GLU E 237 -19.75 34.16 8.66
C GLU E 237 -19.08 33.74 9.96
N GLY E 238 -18.73 32.46 10.06
CA GLY E 238 -17.96 31.91 11.15
C GLY E 238 -18.41 32.34 12.53
N ARG E 239 -19.67 32.07 12.85
CA ARG E 239 -20.25 32.48 14.13
C ARG E 239 -21.34 31.49 14.49
N VAL E 240 -21.51 31.27 15.79
CA VAL E 240 -22.65 30.49 16.25
C VAL E 240 -23.36 31.26 17.33
N ALA E 241 -24.69 31.19 17.31
CA ALA E 241 -25.53 31.79 18.32
C ALA E 241 -26.01 30.72 19.28
N ILE E 242 -26.02 31.06 20.57
CA ILE E 242 -26.68 30.27 21.59
C ILE E 242 -27.95 31.00 22.02
N HIS E 243 -29.10 30.37 21.80
CA HIS E 243 -30.39 31.00 22.07
C HIS E 243 -31.26 30.16 22.99
N TYR E 244 -31.54 30.66 24.18
CA TYR E 244 -32.50 30.05 25.07
C TYR E 244 -33.91 30.53 24.73
N ILE E 245 -34.87 29.61 24.82
CA ILE E 245 -36.23 29.95 24.41
C ILE E 245 -36.83 30.98 25.36
N ASN E 246 -36.64 30.82 26.67
CA ASN E 246 -37.28 31.71 27.62
C ASN E 246 -36.36 31.94 28.81
N PRO E 247 -35.18 32.53 28.63
CA PRO E 247 -34.26 32.70 29.75
C PRO E 247 -34.70 33.85 30.63
N PRO E 248 -34.13 33.95 31.84
CA PRO E 248 -34.47 35.08 32.74
C PRO E 248 -33.84 36.42 32.35
N ASN E 249 -32.62 36.43 31.81
CA ASN E 249 -31.96 37.66 31.37
C ASN E 249 -31.43 37.38 29.99
N PRO E 250 -32.26 37.52 28.94
CA PRO E 250 -31.83 37.08 27.61
C PRO E 250 -30.62 37.84 27.08
N ALA E 251 -30.51 39.13 27.37
CA ALA E 251 -29.36 39.92 26.94
C ALA E 251 -28.07 39.30 27.43
N LYS E 252 -28.08 38.74 28.63
CA LYS E 252 -26.90 38.08 29.18
C LYS E 252 -26.94 36.58 28.87
N ASP E 253 -28.10 35.94 28.90
CA ASP E 253 -28.12 34.50 28.80
C ASP E 253 -27.92 33.99 27.38
N ASN E 254 -28.31 34.79 26.38
CA ASN E 254 -28.01 34.53 24.98
C ASN E 254 -26.70 35.20 24.56
N PHE E 255 -25.91 34.51 23.72
CA PHE E 255 -24.64 35.07 23.20
C PHE E 255 -24.27 34.42 21.88
N THR E 256 -23.40 35.08 21.14
CA THR E 256 -22.77 34.49 19.95
C THR E 256 -21.29 34.30 20.20
N PHE E 257 -20.69 33.34 19.49
CA PHE E 257 -19.24 33.15 19.57
C PHE E 257 -18.70 32.88 18.18
N LYS E 258 -17.44 33.32 17.96
CA LYS E 258 -16.76 33.17 16.69
C LYS E 258 -16.08 31.80 16.60
N CYS E 259 -16.15 31.21 15.41
CA CYS E 259 -15.63 29.86 15.17
C CYS E 259 -15.34 29.67 13.69
N HIS E 260 -14.53 28.66 13.39
CA HIS E 260 -14.15 28.32 12.02
C HIS E 260 -13.58 29.51 11.26
N ARG E 261 -12.65 30.18 11.92
CA ARG E 261 -11.88 31.27 11.33
C ARG E 261 -10.42 30.82 11.33
N SER E 262 -9.62 31.39 10.44
CA SER E 262 -8.22 31.00 10.42
C SER E 262 -7.44 31.67 11.57
N ASN E 263 -6.25 31.14 11.83
CA ASN E 263 -5.41 31.57 12.97
C ASN E 263 -5.42 33.07 13.24
N SER E 268 1.18 38.25 9.04
CA SER E 268 0.49 37.20 8.31
C SER E 268 -0.53 37.81 7.34
N ALA E 269 -1.54 37.03 6.96
CA ALA E 269 -2.53 37.41 5.97
C ALA E 269 -3.90 37.62 6.61
N PRO E 270 -4.77 38.40 5.98
CA PRO E 270 -6.08 38.65 6.56
C PRO E 270 -6.76 37.35 6.94
N GLN E 271 -7.61 37.44 7.97
CA GLN E 271 -8.27 36.27 8.53
C GLN E 271 -9.41 35.79 7.65
N ASP E 272 -9.39 34.50 7.33
CA ASP E 272 -10.41 33.90 6.51
C ASP E 272 -11.53 33.41 7.41
N ILE E 273 -12.75 33.86 7.13
CA ILE E 273 -13.93 33.43 7.86
C ILE E 273 -14.69 32.45 7.00
N TYR E 274 -14.75 31.21 7.45
CA TYR E 274 -15.49 30.18 6.73
C TYR E 274 -16.85 29.97 7.38
N ALA E 275 -17.70 29.20 6.71
CA ALA E 275 -19.08 28.98 7.13
C ALA E 275 -19.19 27.78 8.05
N VAL E 276 -20.12 27.87 8.99
CA VAL E 276 -20.43 26.75 9.85
C VAL E 276 -21.41 25.83 9.14
N ASN E 277 -21.05 24.56 8.99
CA ASN E 277 -21.79 23.62 8.15
C ASN E 277 -22.68 22.68 8.94
N GLY E 278 -22.28 22.32 10.14
CA GLY E 278 -23.08 21.42 10.95
C GLY E 278 -22.92 21.76 12.41
N ILE E 279 -23.98 21.52 13.18
CA ILE E 279 -23.94 21.60 14.63
C ILE E 279 -24.54 20.33 15.16
N ALA E 280 -23.93 19.74 16.16
CA ALA E 280 -24.54 18.58 16.76
C ALA E 280 -24.31 18.62 18.26
N PHE E 281 -25.34 18.29 19.03
CA PHE E 281 -25.14 18.24 20.47
C PHE E 281 -24.83 16.82 20.89
N HIS E 282 -23.87 16.69 21.81
CA HIS E 282 -23.55 15.39 22.37
C HIS E 282 -24.70 14.92 23.25
N PRO E 283 -25.27 13.73 22.99
CA PRO E 283 -26.57 13.38 23.58
C PRO E 283 -26.52 13.27 25.09
N VAL E 284 -25.35 13.06 25.68
CA VAL E 284 -25.23 12.94 27.12
C VAL E 284 -24.60 14.19 27.73
N HIS E 285 -23.56 14.74 27.12
CA HIS E 285 -22.84 15.83 27.76
C HIS E 285 -23.42 17.20 27.49
N GLY E 286 -24.23 17.36 26.46
CA GLY E 286 -24.77 18.67 26.26
C GLY E 286 -23.77 19.66 25.73
N THR E 287 -22.51 19.25 25.62
CA THR E 287 -21.54 19.97 24.80
C THR E 287 -21.92 19.80 23.33
N LEU E 288 -21.28 20.57 22.46
CA LEU E 288 -21.67 20.51 21.06
C LEU E 288 -20.44 20.47 20.16
N ALA E 289 -20.66 19.97 18.95
CA ALA E 289 -19.68 19.88 17.90
C ALA E 289 -20.07 20.77 16.74
N THR E 290 -19.09 21.38 16.10
CA THR E 290 -19.30 22.13 14.87
C THR E 290 -18.28 21.71 13.81
N VAL E 291 -18.73 21.62 12.58
CA VAL E 291 -17.83 21.36 11.47
C VAL E 291 -17.98 22.50 10.47
N GLY E 292 -16.90 22.83 9.78
CA GLY E 292 -16.84 24.09 9.05
C GLY E 292 -16.25 23.95 7.67
N SER E 293 -16.50 24.99 6.86
CA SER E 293 -15.94 25.09 5.53
C SER E 293 -14.43 25.20 5.55
N ASP E 294 -13.84 25.58 6.69
CA ASP E 294 -12.41 25.53 6.91
C ASP E 294 -11.89 24.12 7.01
N GLY E 295 -12.72 23.08 6.92
CA GLY E 295 -12.13 21.76 7.00
C GLY E 295 -11.70 21.38 8.39
N ARG E 296 -12.27 22.00 9.42
CA ARG E 296 -11.98 21.63 10.80
C ARG E 296 -13.28 21.34 11.51
N PHE E 297 -13.18 20.59 12.60
CA PHE E 297 -14.27 20.44 13.55
C PHE E 297 -13.81 20.99 14.89
N SER E 298 -14.75 21.55 15.64
CA SER E 298 -14.47 22.12 16.94
C SER E 298 -15.47 21.55 17.95
N PHE E 299 -15.00 21.31 19.18
CA PHE E 299 -15.86 20.90 20.28
C PHE E 299 -16.01 22.04 21.26
N TRP E 300 -17.23 22.23 21.78
CA TRP E 300 -17.52 23.39 22.61
C TRP E 300 -18.42 23.04 23.79
N ASP E 301 -18.21 23.77 24.88
CA ASP E 301 -19.09 23.75 26.05
C ASP E 301 -19.73 25.13 26.18
N LYS E 302 -21.01 25.23 25.80
CA LYS E 302 -21.73 26.51 25.79
C LYS E 302 -22.15 26.96 27.18
N ASP E 303 -21.91 26.15 28.19
CA ASP E 303 -22.27 26.62 29.53
C ASP E 303 -21.06 27.28 30.19
N ALA E 304 -19.90 26.62 30.12
CA ALA E 304 -18.62 27.24 30.47
C ALA E 304 -18.16 28.27 29.42
N ARG E 305 -18.79 28.31 28.25
CA ARG E 305 -18.41 29.24 27.17
C ARG E 305 -16.93 29.06 26.80
N THR E 306 -16.56 27.81 26.51
CA THR E 306 -15.18 27.49 26.17
C THR E 306 -15.12 26.61 24.93
N LYS E 307 -13.95 26.62 24.30
CA LYS E 307 -13.65 25.80 23.15
C LYS E 307 -12.83 24.62 23.66
N LEU E 308 -13.32 23.40 23.45
CA LEU E 308 -12.66 22.22 24.01
C LEU E 308 -11.56 21.69 23.12
N LYS E 309 -11.78 21.70 21.81
CA LYS E 309 -10.84 21.12 20.87
C LYS E 309 -11.09 21.74 19.49
N THR E 310 -10.02 21.80 18.70
CA THR E 310 -10.15 22.02 17.27
C THR E 310 -9.31 20.98 16.56
N SER E 311 -9.90 20.37 15.53
CA SER E 311 -9.19 19.43 14.67
C SER E 311 -8.17 20.18 13.84
N GLU E 312 -7.34 19.47 13.11
CA GLU E 312 -6.58 20.15 12.07
C GLU E 312 -7.32 20.11 10.75
N GLN E 313 -6.73 20.81 9.78
CA GLN E 313 -7.35 21.06 8.49
C GLN E 313 -7.26 19.85 7.58
N LEU E 314 -8.36 19.56 6.92
CA LEU E 314 -8.43 18.53 5.91
C LEU E 314 -8.30 19.20 4.55
N ASP E 315 -7.92 18.43 3.54
CA ASP E 315 -7.74 19.07 2.24
C ASP E 315 -9.05 19.54 1.62
N GLN E 316 -10.19 19.32 2.27
CA GLN E 316 -11.46 19.88 1.80
C GLN E 316 -12.34 20.16 3.01
N PRO E 317 -13.45 20.89 2.81
CA PRO E 317 -14.36 21.17 3.92
C PRO E 317 -14.97 19.93 4.56
N ILE E 318 -15.46 20.12 5.79
CA ILE E 318 -16.32 19.15 6.46
C ILE E 318 -17.78 19.59 6.27
N SER E 319 -18.55 18.76 5.59
CA SER E 319 -19.85 19.17 5.07
C SER E 319 -21.02 18.75 5.96
N ALA E 320 -20.83 17.73 6.78
CA ALA E 320 -21.89 17.17 7.61
C ALA E 320 -21.21 16.46 8.78
N CYS E 321 -21.97 16.31 9.86
CA CYS E 321 -21.48 15.58 11.03
C CYS E 321 -22.70 15.06 11.78
N CYS E 322 -22.44 14.19 12.75
CA CYS E 322 -23.49 13.75 13.68
C CYS E 322 -22.86 12.81 14.72
N PHE E 323 -23.60 12.59 15.80
CA PHE E 323 -23.21 11.61 16.82
C PHE E 323 -24.12 10.39 16.68
N ASN E 324 -23.68 9.28 17.25
CA ASN E 324 -24.56 8.12 17.34
C ASN E 324 -25.51 8.31 18.50
N HIS E 325 -26.30 7.27 18.82
CA HIS E 325 -27.42 7.45 19.77
C HIS E 325 -26.92 7.76 21.18
N ASN E 326 -25.82 7.11 21.61
CA ASN E 326 -25.23 7.33 22.91
C ASN E 326 -24.05 8.30 22.88
N GLY E 327 -23.68 8.80 21.71
CA GLY E 327 -22.62 9.78 21.67
C GLY E 327 -21.21 9.24 21.78
N ASN E 328 -20.98 7.98 21.45
CA ASN E 328 -19.63 7.44 21.54
C ASN E 328 -18.94 7.40 20.19
N ILE E 329 -19.60 7.88 19.14
CA ILE E 329 -19.04 7.97 17.81
C ILE E 329 -19.36 9.37 17.26
N PHE E 330 -18.33 10.11 16.86
CA PHE E 330 -18.51 11.36 16.13
C PHE E 330 -18.17 11.11 14.68
N ALA E 331 -19.16 11.19 13.80
CA ALA E 331 -18.94 10.97 12.38
C ALA E 331 -18.94 12.32 11.69
N TYR E 332 -17.95 12.55 10.83
CA TYR E 332 -17.89 13.79 10.07
C TYR E 332 -17.50 13.45 8.63
N ALA E 333 -17.98 14.28 7.70
CA ALA E 333 -17.89 14.01 6.27
C ALA E 333 -16.96 15.01 5.63
N SER E 334 -15.94 14.50 4.93
CA SER E 334 -15.00 15.34 4.21
C SER E 334 -15.49 15.45 2.79
N SER E 335 -16.04 16.61 2.43
CA SER E 335 -16.61 16.80 1.11
C SER E 335 -16.62 18.29 0.80
N TYR E 336 -16.42 18.62 -0.47
CA TYR E 336 -16.61 20.00 -0.92
C TYR E 336 -18.08 20.39 -0.78
N ASP E 337 -18.30 21.67 -0.48
CA ASP E 337 -19.60 22.20 -0.12
C ASP E 337 -20.02 23.36 -0.99
N TRP E 338 -19.34 23.56 -2.12
CA TRP E 338 -19.57 24.69 -3.02
C TRP E 338 -19.22 26.03 -2.38
N SER E 339 -18.53 26.03 -1.22
CA SER E 339 -18.27 27.29 -0.53
C SER E 339 -17.52 28.30 -1.40
N LYS E 340 -16.85 27.85 -2.46
CA LYS E 340 -16.10 28.73 -3.35
C LYS E 340 -16.59 28.63 -4.79
N GLY E 341 -17.76 28.03 -5.01
CA GLY E 341 -18.35 27.98 -6.34
C GLY E 341 -17.90 26.79 -7.16
N HIS E 342 -18.35 26.79 -8.43
CA HIS E 342 -18.12 25.61 -9.27
C HIS E 342 -16.65 25.49 -9.63
N GLU E 343 -15.92 26.59 -9.66
CA GLU E 343 -14.55 26.54 -10.17
C GLU E 343 -13.61 25.75 -9.25
N PHE E 344 -13.95 25.59 -7.97
CA PHE E 344 -13.06 24.95 -7.02
C PHE E 344 -13.45 23.53 -6.70
N TYR E 345 -14.48 22.99 -7.35
CA TYR E 345 -14.88 21.61 -7.15
C TYR E 345 -14.11 20.71 -8.11
N ASN E 346 -13.46 19.68 -7.57
CA ASN E 346 -12.72 18.69 -8.35
C ASN E 346 -13.36 17.32 -8.18
N PRO E 347 -14.16 16.85 -9.14
CA PRO E 347 -14.78 15.52 -8.98
C PRO E 347 -13.77 14.42 -8.78
N GLN E 348 -12.53 14.61 -9.24
CA GLN E 348 -11.50 13.59 -9.09
C GLN E 348 -11.01 13.50 -7.64
N LYS E 349 -11.05 14.59 -6.88
CA LYS E 349 -10.78 14.50 -5.46
C LYS E 349 -11.82 13.61 -4.80
N LYS E 350 -11.38 12.64 -4.01
CA LYS E 350 -12.31 11.69 -3.44
C LYS E 350 -12.86 12.17 -2.08
N ASN E 351 -14.02 11.62 -1.69
CA ASN E 351 -14.73 11.98 -0.46
C ASN E 351 -14.57 10.93 0.64
N TYR E 352 -14.65 11.37 1.90
CA TYR E 352 -14.45 10.50 3.05
C TYR E 352 -15.47 10.76 4.15
N ILE E 353 -15.78 9.70 4.90
CA ILE E 353 -16.55 9.78 6.15
C ILE E 353 -15.69 9.21 7.26
N PHE E 354 -15.45 10.00 8.29
CA PHE E 354 -14.62 9.58 9.40
C PHE E 354 -15.44 9.43 10.68
N LEU E 355 -15.04 8.44 11.49
CA LEU E 355 -15.64 8.17 12.79
C LEU E 355 -14.56 8.33 13.85
N ARG E 356 -14.91 9.00 14.94
CA ARG E 356 -13.96 9.30 16.01
C ARG E 356 -14.67 9.08 17.33
N ASN E 357 -14.05 8.28 18.19
CA ASN E 357 -14.53 8.09 19.56
C ASN E 357 -14.07 9.29 20.38
N ALA E 358 -15.00 10.20 20.67
CA ALA E 358 -14.64 11.41 21.40
C ALA E 358 -15.59 11.69 22.57
N ALA E 359 -16.17 10.66 23.18
CA ALA E 359 -17.04 10.88 24.33
C ALA E 359 -16.28 11.58 25.46
N GLU E 360 -15.14 11.02 25.87
CA GLU E 360 -14.27 11.69 26.84
C GLU E 360 -13.79 13.06 26.33
N GLU E 361 -13.57 13.21 25.03
CA GLU E 361 -13.13 14.49 24.52
C GLU E 361 -14.18 15.58 24.67
N LEU E 362 -15.44 15.21 24.74
CA LEU E 362 -16.51 16.20 24.76
C LEU E 362 -17.13 16.38 26.15
N LYS E 363 -16.54 15.79 27.20
CA LYS E 363 -17.17 16.05 28.49
C LYS E 363 -16.53 17.27 29.19
N PRO E 364 -17.34 18.15 29.78
CA PRO E 364 -16.80 19.33 30.47
C PRO E 364 -15.96 18.93 31.68
N ARG E 365 -15.23 19.90 32.20
CA ARG E 365 -14.29 19.66 33.30
C ARG E 365 -13.82 20.97 33.90
N THR F 12 -28.28 32.26 -13.02
CA THR F 12 -28.28 30.88 -12.54
C THR F 12 -26.85 30.44 -12.25
N GLY F 13 -26.67 29.41 -11.40
CA GLY F 13 -25.34 28.87 -11.12
C GLY F 13 -24.33 29.86 -10.57
N THR F 14 -23.07 29.40 -10.55
CA THR F 14 -21.91 30.20 -10.12
C THR F 14 -21.07 30.70 -11.30
N THR F 15 -21.72 31.45 -12.19
CA THR F 15 -21.06 31.97 -13.38
C THR F 15 -20.05 33.07 -13.05
N ILE F 16 -20.35 33.92 -12.07
CA ILE F 16 -19.43 35.01 -11.75
C ILE F 16 -18.24 34.44 -11.00
N LYS F 17 -17.04 34.87 -11.41
CA LYS F 17 -15.83 34.39 -10.76
C LYS F 17 -15.90 34.67 -9.27
N PHE F 18 -15.43 33.70 -8.47
CA PHE F 18 -15.45 33.86 -7.02
C PHE F 18 -14.34 34.78 -6.57
N ASN F 19 -14.68 35.78 -5.75
CA ASN F 19 -13.74 36.73 -5.19
C ASN F 19 -14.14 37.06 -3.76
N PRO F 20 -13.39 36.55 -2.77
CA PRO F 20 -13.79 36.68 -1.35
C PRO F 20 -13.88 38.13 -0.92
N PRO F 21 -15.05 38.55 -0.42
CA PRO F 21 -15.18 39.94 0.05
C PRO F 21 -14.26 40.18 1.23
N THR F 22 -13.76 41.41 1.33
CA THR F 22 -12.87 41.80 2.40
C THR F 22 -13.60 42.63 3.41
N GLY F 23 -13.24 42.45 4.67
CA GLY F 23 -13.83 43.18 5.77
C GLY F 23 -12.86 43.40 6.91
N THR F 24 -13.39 43.80 8.05
CA THR F 24 -12.59 44.05 9.25
C THR F 24 -13.36 43.54 10.46
N ASP F 25 -12.74 42.68 11.23
CA ASP F 25 -13.25 42.30 12.55
C ASP F 25 -12.26 42.78 13.61
N THR F 26 -12.51 42.37 14.85
CA THR F 26 -11.52 42.42 15.91
C THR F 26 -11.37 41.00 16.46
N MET F 27 -10.29 40.75 17.19
CA MET F 27 -10.12 39.45 17.81
C MET F 27 -9.41 39.60 19.14
N VAL F 28 -9.75 38.70 20.08
CA VAL F 28 -9.22 38.75 21.42
C VAL F 28 -8.72 37.37 21.86
N GLY F 31 -5.11 37.11 24.39
CA GLY F 31 -5.55 37.76 25.62
C GLY F 31 -5.68 39.26 25.44
N VAL F 32 -5.36 39.73 24.22
CA VAL F 32 -5.33 41.14 23.87
C VAL F 32 -6.22 41.37 22.66
N SER F 33 -6.70 42.61 22.52
CA SER F 33 -7.61 42.99 21.45
C SER F 33 -6.84 43.64 20.30
N THR F 34 -7.10 43.19 19.06
CA THR F 34 -6.36 43.69 17.91
C THR F 34 -7.27 43.79 16.69
N ASN F 35 -7.24 44.94 16.01
CA ASN F 35 -8.08 45.15 14.83
C ASN F 35 -7.50 44.42 13.62
N ILE F 36 -8.30 43.52 13.07
CA ILE F 36 -7.87 42.61 12.03
C ILE F 36 -8.62 42.95 10.76
N SER F 37 -8.09 42.49 9.66
CA SER F 37 -8.67 42.62 8.33
C SER F 37 -9.03 41.21 7.86
N THR F 38 -10.17 41.06 7.20
CA THR F 38 -10.74 39.74 6.99
C THR F 38 -11.15 39.54 5.54
N LYS F 39 -11.13 38.26 5.13
CA LYS F 39 -11.64 37.81 3.85
C LYS F 39 -12.77 36.84 4.12
N HIS F 40 -13.93 37.08 3.52
CA HIS F 40 -15.10 36.22 3.70
C HIS F 40 -15.02 35.05 2.72
N GLN F 41 -14.63 33.88 3.21
CA GLN F 41 -14.32 32.75 2.32
C GLN F 41 -15.55 31.94 1.95
N CYS F 42 -16.60 32.62 1.47
CA CYS F 42 -17.86 31.96 1.14
C CYS F 42 -18.55 32.69 0.02
N ILE F 43 -18.89 31.97 -1.05
CA ILE F 43 -19.36 32.63 -2.27
C ILE F 43 -20.60 33.45 -1.98
N THR F 44 -21.49 32.95 -1.14
CA THR F 44 -22.72 33.68 -0.87
C THR F 44 -22.49 34.93 -0.02
N ALA F 45 -21.27 35.16 0.44
CA ALA F 45 -20.93 36.43 1.03
C ALA F 45 -20.84 37.54 0.00
N MET F 46 -20.66 37.18 -1.28
CA MET F 46 -20.60 38.18 -2.35
C MET F 46 -21.97 38.77 -2.61
N LYS F 47 -21.98 40.02 -3.08
CA LYS F 47 -23.25 40.69 -3.29
C LYS F 47 -23.97 40.13 -4.52
N GLU F 48 -23.23 39.44 -5.40
CA GLU F 48 -23.79 38.77 -6.58
C GLU F 48 -24.57 37.51 -6.26
N TYR F 49 -24.38 36.94 -5.07
CA TYR F 49 -24.92 35.63 -4.71
C TYR F 49 -25.71 35.64 -3.41
N GLU F 50 -25.84 36.78 -2.75
CA GLU F 50 -26.23 36.76 -1.35
C GLU F 50 -27.65 36.25 -1.16
N SER F 51 -28.43 36.18 -2.22
CA SER F 51 -29.83 35.79 -2.11
C SER F 51 -30.03 34.31 -2.32
N LYS F 52 -28.97 33.51 -2.37
CA LYS F 52 -29.10 32.07 -2.50
C LYS F 52 -28.18 31.37 -1.52
N SER F 53 -28.44 30.09 -1.30
CA SER F 53 -27.59 29.27 -0.47
C SER F 53 -26.61 28.46 -1.34
N LEU F 54 -25.57 27.93 -0.70
CA LEU F 54 -24.60 27.12 -1.41
C LEU F 54 -25.27 25.99 -2.18
N GLU F 55 -26.13 25.22 -1.51
CA GLU F 55 -26.76 24.08 -2.16
C GLU F 55 -27.59 24.50 -3.36
N GLU F 56 -28.34 25.62 -3.21
CA GLU F 56 -29.15 26.12 -4.33
C GLU F 56 -28.25 26.42 -5.51
N LEU F 57 -27.14 27.09 -5.24
CA LEU F 57 -26.16 27.37 -6.28
C LEU F 57 -25.62 26.08 -6.87
N ARG F 58 -25.25 25.11 -6.00
CA ARG F 58 -24.73 23.85 -6.50
C ARG F 58 -25.76 23.08 -7.34
N LEU F 59 -27.03 23.09 -6.93
CA LEU F 59 -28.06 22.44 -7.75
C LEU F 59 -28.19 23.12 -9.11
N GLU F 60 -28.27 24.47 -9.12
CA GLU F 60 -28.32 25.20 -10.37
C GLU F 60 -27.13 24.84 -11.25
N ASP F 61 -25.96 24.67 -10.61
CA ASP F 61 -24.75 24.30 -11.33
C ASP F 61 -24.82 22.87 -11.85
N TYR F 62 -25.26 21.92 -11.02
CA TYR F 62 -25.38 20.55 -11.51
C TYR F 62 -26.41 20.47 -12.65
N GLN F 63 -27.51 21.21 -12.53
CA GLN F 63 -28.55 21.16 -13.54
C GLN F 63 -28.12 21.79 -14.84
N ALA F 64 -27.08 22.63 -14.82
CA ALA F 64 -26.54 23.25 -16.01
C ALA F 64 -25.33 22.54 -16.59
N ASN F 65 -24.90 21.41 -16.00
CA ASN F 65 -23.62 20.79 -16.36
C ASN F 65 -22.43 21.66 -16.00
N ARG F 66 -22.57 22.53 -15.02
CA ARG F 66 -21.45 23.37 -14.61
C ARG F 66 -20.77 22.77 -13.38
N LYS F 67 -20.13 21.61 -13.58
CA LYS F 67 -19.39 20.99 -12.49
C LYS F 67 -17.87 21.03 -12.76
N HIS G 26 -33.27 -30.72 -5.88
CA HIS G 26 -31.92 -30.49 -6.37
C HIS G 26 -30.98 -30.02 -5.28
N ASN G 27 -31.33 -28.81 -4.89
CA ASN G 27 -30.45 -27.77 -4.37
C ASN G 27 -31.17 -27.21 -3.14
N PRO G 28 -31.10 -27.89 -2.00
CA PRO G 28 -31.88 -27.42 -0.85
C PRO G 28 -31.48 -26.02 -0.41
N MET G 29 -30.25 -25.60 -0.68
CA MET G 29 -29.72 -24.28 -0.32
C MET G 29 -29.97 -23.18 -1.35
N LYS G 30 -30.64 -23.47 -2.46
CA LYS G 30 -30.87 -22.53 -3.56
C LYS G 30 -29.58 -21.78 -3.95
N ASP G 31 -28.47 -22.52 -3.98
CA ASP G 31 -27.20 -21.96 -4.39
C ASP G 31 -27.04 -22.00 -5.91
N ILE G 32 -25.95 -21.41 -6.39
CA ILE G 32 -25.70 -21.32 -7.82
C ILE G 32 -25.25 -22.68 -8.36
N GLU G 33 -25.80 -23.05 -9.51
CA GLU G 33 -25.62 -24.36 -10.12
C GLU G 33 -24.56 -24.29 -11.23
N VAL G 34 -23.58 -25.18 -11.13
CA VAL G 34 -22.55 -25.34 -12.16
C VAL G 34 -23.11 -26.14 -13.30
N THR G 35 -23.11 -25.56 -14.47
CA THR G 35 -23.86 -26.14 -15.53
C THR G 35 -23.10 -27.15 -16.35
N SER G 36 -23.89 -28.09 -16.91
CA SER G 36 -23.44 -29.12 -17.88
C SER G 36 -22.09 -29.62 -17.42
N SER G 37 -22.18 -30.07 -16.19
CA SER G 37 -21.21 -30.70 -15.31
C SER G 37 -21.04 -32.20 -15.62
N PRO G 38 -20.10 -32.92 -14.95
CA PRO G 38 -19.81 -34.31 -15.35
C PRO G 38 -20.98 -35.27 -15.28
N ASP G 39 -20.86 -36.35 -16.07
CA ASP G 39 -21.85 -37.43 -16.17
C ASP G 39 -21.87 -38.31 -14.91
N ASP G 40 -20.70 -38.51 -14.30
CA ASP G 40 -20.52 -39.42 -13.18
C ASP G 40 -20.18 -38.66 -11.90
N SER G 41 -19.99 -39.42 -10.83
CA SER G 41 -19.72 -38.82 -9.52
C SER G 41 -18.44 -38.00 -9.56
N ILE G 42 -18.45 -36.90 -8.83
CA ILE G 42 -17.34 -35.96 -8.78
C ILE G 42 -16.44 -36.35 -7.62
N GLY G 43 -15.14 -36.46 -7.87
CA GLY G 43 -14.20 -36.91 -6.86
C GLY G 43 -13.36 -35.81 -6.25
N CYS G 44 -13.27 -34.66 -6.92
CA CYS G 44 -12.31 -33.64 -6.51
C CYS G 44 -12.62 -32.33 -7.20
N LEU G 45 -12.35 -31.23 -6.49
CA LEU G 45 -12.51 -29.86 -6.99
C LEU G 45 -11.25 -29.06 -6.67
N SER G 46 -11.02 -28.00 -7.45
CA SER G 46 -9.86 -27.13 -7.21
C SER G 46 -10.07 -25.79 -7.90
N PHE G 47 -9.90 -24.71 -7.15
CA PHE G 47 -10.09 -23.36 -7.66
C PHE G 47 -8.77 -22.75 -8.11
N SER G 48 -8.86 -21.74 -8.99
CA SER G 48 -7.69 -21.13 -9.59
C SER G 48 -6.84 -20.42 -8.54
N PRO G 49 -5.55 -20.25 -8.81
CA PRO G 49 -4.70 -19.47 -7.91
C PRO G 49 -5.01 -17.99 -8.00
N PRO G 50 -4.51 -17.18 -7.07
CA PRO G 50 -4.79 -15.73 -7.14
C PRO G 50 -3.95 -14.99 -8.17
N THR G 51 -2.99 -15.67 -8.82
CA THR G 51 -2.26 -15.04 -9.92
C THR G 51 -3.11 -14.94 -11.19
N LEU G 52 -4.22 -15.70 -11.29
CA LEU G 52 -5.12 -15.64 -12.44
C LEU G 52 -6.25 -14.67 -12.18
N PRO G 53 -6.49 -13.75 -13.12
CA PRO G 53 -7.62 -12.83 -12.96
C PRO G 53 -8.93 -13.59 -13.07
N GLY G 54 -9.89 -13.22 -12.22
CA GLY G 54 -11.13 -13.95 -12.16
C GLY G 54 -10.97 -15.27 -11.42
N ASN G 55 -11.91 -16.18 -11.67
CA ASN G 55 -11.97 -17.46 -10.96
C ASN G 55 -12.24 -18.59 -11.95
N PHE G 56 -11.47 -19.67 -11.83
CA PHE G 56 -11.67 -20.87 -12.64
C PHE G 56 -11.71 -22.12 -11.77
N LEU G 57 -12.67 -23.00 -12.05
CA LEU G 57 -12.90 -24.21 -11.28
C LEU G 57 -12.63 -25.43 -12.13
N ILE G 58 -11.92 -26.40 -11.54
CA ILE G 58 -11.58 -27.65 -12.19
C ILE G 58 -12.27 -28.79 -11.43
N ALA G 59 -12.84 -29.75 -12.17
CA ALA G 59 -13.41 -30.93 -11.54
C ALA G 59 -13.08 -32.17 -12.34
N GLY G 60 -12.55 -33.19 -11.68
CA GLY G 60 -12.38 -34.50 -12.27
C GLY G 60 -13.44 -35.44 -11.71
N SER G 61 -13.90 -36.36 -12.54
CA SER G 61 -15.01 -37.24 -12.16
C SER G 61 -14.63 -38.70 -12.38
N TRP G 62 -15.57 -39.58 -12.05
CA TRP G 62 -15.35 -41.01 -12.24
C TRP G 62 -15.67 -41.46 -13.66
N ALA G 63 -16.03 -40.53 -14.55
CA ALA G 63 -16.13 -40.75 -15.98
C ALA G 63 -14.80 -40.53 -16.72
N ASN G 64 -13.71 -40.28 -15.99
CA ASN G 64 -12.31 -40.20 -16.44
C ASN G 64 -11.97 -38.86 -17.08
N ASP G 65 -12.83 -37.85 -16.93
CA ASP G 65 -12.61 -36.56 -17.56
C ASP G 65 -12.20 -35.56 -16.50
N VAL G 66 -11.61 -34.45 -16.96
CA VAL G 66 -11.36 -33.29 -16.13
C VAL G 66 -11.93 -32.09 -16.85
N ARG G 67 -12.70 -31.29 -16.14
CA ARG G 67 -13.42 -30.18 -16.74
C ARG G 67 -12.93 -28.89 -16.09
N CYS G 68 -13.15 -27.80 -16.80
CA CYS G 68 -12.78 -26.47 -16.36
C CYS G 68 -13.91 -25.54 -16.76
N TRP G 69 -14.51 -24.91 -15.78
CA TRP G 69 -15.48 -23.87 -16.03
C TRP G 69 -14.87 -22.54 -15.62
N GLU G 70 -15.35 -21.48 -16.21
CA GLU G 70 -15.04 -20.14 -15.74
C GLU G 70 -16.20 -19.66 -14.90
N VAL G 71 -15.94 -19.39 -13.62
CA VAL G 71 -16.93 -18.77 -12.77
C VAL G 71 -16.88 -17.27 -13.01
N GLN G 72 -18.05 -16.66 -13.09
CA GLN G 72 -18.22 -15.27 -13.47
C GLN G 72 -18.77 -14.51 -12.27
N ASP G 73 -18.49 -13.22 -12.22
CA ASP G 73 -19.04 -12.41 -11.14
C ASP G 73 -20.56 -12.37 -11.23
N SER G 74 -21.11 -12.46 -12.47
CA SER G 74 -22.56 -12.60 -12.63
C SER G 74 -23.06 -13.93 -12.09
N GLY G 75 -22.20 -14.95 -12.04
CA GLY G 75 -22.50 -16.13 -11.26
C GLY G 75 -22.67 -17.47 -11.94
N GLN G 76 -22.87 -17.62 -13.27
CA GLN G 76 -22.94 -19.04 -13.61
C GLN G 76 -21.56 -19.37 -14.17
N THR G 77 -21.37 -20.62 -14.51
CA THR G 77 -20.13 -21.11 -15.08
C THR G 77 -20.23 -21.34 -16.59
N ILE G 78 -19.13 -21.09 -17.30
CA ILE G 78 -19.03 -21.30 -18.74
C ILE G 78 -17.96 -22.35 -18.95
N PRO G 79 -18.28 -23.49 -19.56
CA PRO G 79 -17.28 -24.53 -19.75
C PRO G 79 -16.22 -24.07 -20.75
N LYS G 80 -14.96 -24.18 -20.35
CA LYS G 80 -13.86 -23.68 -21.16
C LYS G 80 -13.03 -24.77 -21.81
N ALA G 81 -12.85 -25.90 -21.15
CA ALA G 81 -12.01 -26.94 -21.72
C ALA G 81 -12.27 -28.24 -20.98
N GLN G 82 -11.90 -29.34 -21.62
CA GLN G 82 -12.09 -30.66 -21.02
C GLN G 82 -10.98 -31.57 -21.53
N GLN G 83 -10.39 -32.33 -20.61
CA GLN G 83 -9.41 -33.36 -20.93
C GLN G 83 -9.88 -34.69 -20.36
N MET G 84 -9.17 -35.76 -20.73
CA MET G 84 -9.62 -37.08 -20.35
C MET G 84 -8.45 -37.98 -19.98
N HIS G 85 -8.66 -38.76 -18.93
CA HIS G 85 -7.79 -39.84 -18.52
C HIS G 85 -8.40 -41.17 -18.97
N THR G 86 -7.68 -42.25 -18.72
CA THR G 86 -8.15 -43.60 -19.03
C THR G 86 -8.89 -44.25 -17.87
N GLY G 87 -8.93 -43.60 -16.70
CA GLY G 87 -9.59 -44.09 -15.52
C GLY G 87 -10.01 -42.90 -14.69
N PRO G 88 -10.77 -43.14 -13.62
CA PRO G 88 -11.34 -42.03 -12.85
C PRO G 88 -10.27 -41.09 -12.28
N VAL G 89 -10.59 -39.81 -12.32
CA VAL G 89 -9.70 -38.75 -11.88
C VAL G 89 -9.91 -38.56 -10.39
N LEU G 90 -8.84 -38.73 -9.61
CA LEU G 90 -8.97 -38.69 -8.16
C LEU G 90 -8.57 -37.37 -7.53
N ASP G 91 -7.71 -36.59 -8.17
CA ASP G 91 -7.30 -35.29 -7.63
C ASP G 91 -6.90 -34.38 -8.78
N VAL G 92 -6.94 -33.07 -8.51
CA VAL G 92 -6.47 -32.05 -9.45
C VAL G 92 -5.91 -30.86 -8.68
N CYS G 93 -4.96 -30.15 -9.29
CA CYS G 93 -4.43 -28.92 -8.70
C CYS G 93 -3.83 -28.02 -9.79
N TRP G 94 -3.44 -26.82 -9.39
CA TRP G 94 -2.89 -25.79 -10.27
C TRP G 94 -1.41 -25.59 -10.00
N SER G 95 -0.76 -24.86 -10.92
CA SER G 95 0.60 -24.38 -10.75
C SER G 95 0.56 -22.95 -10.25
N ASP G 96 1.60 -22.56 -9.50
CA ASP G 96 1.58 -21.26 -8.84
C ASP G 96 1.31 -20.14 -9.83
N ASP G 97 1.87 -20.22 -11.05
CA ASP G 97 1.60 -19.15 -12.00
C ASP G 97 0.20 -19.25 -12.58
N GLY G 98 -0.52 -20.32 -12.27
CA GLY G 98 -1.87 -20.49 -12.76
C GLY G 98 -1.97 -20.83 -14.23
N SER G 99 -0.87 -21.26 -14.84
CA SER G 99 -0.93 -21.56 -16.26
C SER G 99 -1.38 -22.97 -16.54
N LYS G 100 -1.03 -23.92 -15.68
CA LYS G 100 -1.33 -25.31 -15.99
C LYS G 100 -1.95 -26.07 -14.81
N VAL G 101 -2.79 -27.04 -15.14
CA VAL G 101 -3.54 -27.86 -14.20
C VAL G 101 -2.98 -29.27 -14.21
N PHE G 102 -2.71 -29.81 -13.03
CA PHE G 102 -2.17 -31.16 -12.89
C PHE G 102 -3.29 -32.09 -12.42
N THR G 103 -3.33 -33.30 -12.99
CA THR G 103 -4.44 -34.22 -12.80
C THR G 103 -3.94 -35.59 -12.35
N ALA G 104 -4.72 -36.27 -11.51
CA ALA G 104 -4.37 -37.58 -10.98
C ALA G 104 -5.49 -38.59 -11.25
N SER G 105 -5.11 -39.82 -11.60
CA SER G 105 -6.11 -40.75 -12.13
C SER G 105 -5.81 -42.18 -11.69
N CYS G 106 -6.86 -43.01 -11.80
CA CYS G 106 -6.72 -44.44 -11.61
C CYS G 106 -5.93 -45.11 -12.72
N ASP G 107 -5.65 -44.41 -13.83
CA ASP G 107 -4.80 -45.05 -14.84
C ASP G 107 -3.34 -45.12 -14.45
N LYS G 108 -3.03 -44.80 -13.21
CA LYS G 108 -1.71 -44.97 -12.60
C LYS G 108 -0.74 -43.92 -13.14
N THR G 109 -1.27 -42.90 -13.81
CA THR G 109 -0.49 -41.83 -14.39
C THR G 109 -1.09 -40.52 -13.89
N ALA G 110 -0.33 -39.44 -14.04
CA ALA G 110 -0.82 -38.10 -13.78
C ALA G 110 -0.41 -37.21 -14.94
N LYS G 111 -1.26 -36.22 -15.24
CA LYS G 111 -1.05 -35.38 -16.42
C LYS G 111 -0.88 -33.92 -16.02
N MET G 112 -0.14 -33.18 -16.83
CA MET G 112 -0.12 -31.72 -16.73
C MET G 112 -0.83 -31.12 -17.96
N TRP G 113 -1.67 -30.12 -17.72
CA TRP G 113 -2.61 -29.62 -18.72
C TRP G 113 -2.36 -28.14 -18.99
N ASP G 114 -1.78 -27.83 -20.14
CA ASP G 114 -1.60 -26.44 -20.53
C ASP G 114 -2.97 -25.95 -20.98
N LEU G 115 -3.58 -25.07 -20.19
CA LEU G 115 -4.94 -24.62 -20.49
C LEU G 115 -5.00 -23.83 -21.79
N SER G 116 -4.09 -22.87 -21.98
CA SER G 116 -4.13 -22.01 -23.16
C SER G 116 -4.05 -22.81 -24.46
N SER G 117 -3.12 -23.78 -24.53
CA SER G 117 -2.98 -24.61 -25.71
C SER G 117 -3.94 -25.79 -25.71
N ASN G 118 -4.51 -26.10 -24.53
CA ASN G 118 -5.42 -27.24 -24.31
C ASN G 118 -4.84 -28.58 -24.73
N GLN G 119 -3.56 -28.79 -24.45
CA GLN G 119 -2.98 -30.12 -24.60
C GLN G 119 -2.41 -30.57 -23.27
N ALA G 120 -2.35 -31.89 -23.08
CA ALA G 120 -1.93 -32.48 -21.82
C ALA G 120 -0.87 -33.53 -22.06
N ILE G 121 0.13 -33.56 -21.18
CA ILE G 121 1.20 -34.54 -21.26
C ILE G 121 1.27 -35.27 -19.92
N GLN G 122 1.68 -36.53 -19.99
CA GLN G 122 1.94 -37.30 -18.78
C GLN G 122 3.25 -36.81 -18.17
N ILE G 123 3.26 -36.68 -16.84
CA ILE G 123 4.43 -36.18 -16.14
C ILE G 123 4.79 -37.10 -14.99
N ALA G 124 3.95 -38.09 -14.73
CA ALA G 124 4.17 -38.96 -13.60
C ALA G 124 3.63 -40.36 -13.89
N GLN G 125 4.25 -41.34 -13.24
CA GLN G 125 3.88 -42.74 -13.41
C GLN G 125 3.95 -43.46 -12.07
N HIS G 126 2.91 -44.20 -11.74
CA HIS G 126 2.92 -45.02 -10.54
C HIS G 126 2.55 -46.43 -10.95
N ASP G 127 2.62 -47.33 -9.99
CA ASP G 127 2.20 -48.71 -10.22
C ASP G 127 0.78 -48.95 -9.73
N ALA G 128 0.13 -47.94 -9.19
CA ALA G 128 -1.24 -48.02 -8.69
C ALA G 128 -1.93 -46.69 -8.98
N PRO G 129 -3.25 -46.57 -8.74
CA PRO G 129 -3.92 -45.28 -8.95
C PRO G 129 -3.27 -44.16 -8.14
N VAL G 130 -3.38 -42.94 -8.67
CA VAL G 130 -2.73 -41.76 -8.10
C VAL G 130 -3.77 -40.97 -7.34
N LYS G 131 -3.69 -40.97 -6.00
CA LYS G 131 -4.77 -40.41 -5.18
C LYS G 131 -4.63 -38.91 -4.96
N THR G 132 -3.42 -38.40 -4.81
CA THR G 132 -3.22 -37.00 -4.51
C THR G 132 -2.16 -36.40 -5.42
N ILE G 133 -2.34 -35.12 -5.76
CA ILE G 133 -1.41 -34.34 -6.57
C ILE G 133 -1.38 -32.90 -6.05
N HIS G 134 -0.17 -32.35 -5.94
CA HIS G 134 0.05 -31.01 -5.40
C HIS G 134 1.23 -30.34 -6.08
N TRP G 135 1.19 -29.01 -6.10
CA TRP G 135 2.25 -28.19 -6.65
C TRP G 135 3.02 -27.58 -5.48
N ILE G 136 4.33 -27.79 -5.45
CA ILE G 136 5.19 -27.22 -4.43
C ILE G 136 5.94 -26.05 -5.06
N LYS G 137 5.68 -24.84 -4.58
CA LYS G 137 6.43 -23.65 -4.99
C LYS G 137 7.36 -23.25 -3.85
N ALA G 138 8.61 -23.68 -3.94
CA ALA G 138 9.61 -23.31 -2.97
C ALA G 138 10.56 -22.27 -3.56
N PRO G 139 11.24 -21.50 -2.71
CA PRO G 139 12.11 -20.43 -3.24
C PRO G 139 13.19 -20.90 -4.21
N ASN G 140 13.71 -22.12 -4.10
CA ASN G 140 14.80 -22.54 -4.99
C ASN G 140 14.42 -23.68 -5.93
N TYR G 141 13.21 -24.22 -5.84
CA TYR G 141 12.77 -25.23 -6.78
C TYR G 141 11.26 -25.27 -6.75
N SER G 142 10.69 -25.90 -7.78
CA SER G 142 9.26 -26.17 -7.79
C SER G 142 9.07 -27.51 -8.49
N CYS G 143 8.06 -28.25 -8.05
CA CYS G 143 7.81 -29.57 -8.60
C CYS G 143 6.39 -29.98 -8.26
N VAL G 144 5.98 -31.09 -8.86
CA VAL G 144 4.69 -31.71 -8.63
C VAL G 144 4.88 -32.86 -7.65
N MET G 145 3.99 -32.97 -6.66
CA MET G 145 3.99 -34.07 -5.69
C MET G 145 2.81 -34.99 -5.93
N THR G 146 3.05 -36.30 -6.02
CA THR G 146 1.98 -37.27 -6.23
C THR G 146 1.98 -38.38 -5.16
N GLY G 147 0.80 -38.68 -4.62
CA GLY G 147 0.66 -39.82 -3.70
C GLY G 147 -0.27 -40.88 -4.24
N SER G 148 0.17 -42.14 -4.21
CA SER G 148 -0.53 -43.20 -4.93
C SER G 148 -0.77 -44.41 -4.04
N TRP G 149 -1.68 -45.27 -4.48
CA TRP G 149 -1.98 -46.51 -3.76
C TRP G 149 -0.86 -47.53 -3.83
N ASP G 150 0.22 -47.23 -4.56
CA ASP G 150 1.43 -48.02 -4.57
C ASP G 150 2.35 -47.69 -3.41
N LYS G 151 1.89 -46.88 -2.46
CA LYS G 151 2.62 -46.61 -1.22
C LYS G 151 3.90 -45.80 -1.47
N THR G 152 3.90 -44.96 -2.49
CA THR G 152 5.04 -44.11 -2.76
C THR G 152 4.57 -42.67 -2.90
N LEU G 153 5.45 -41.77 -2.48
CA LEU G 153 5.22 -40.34 -2.61
C LEU G 153 6.34 -39.85 -3.50
N LYS G 154 5.98 -39.35 -4.68
CA LYS G 154 6.93 -39.01 -5.74
C LYS G 154 6.80 -37.54 -6.11
N PHE G 155 7.93 -36.96 -6.51
CA PHE G 155 8.09 -35.54 -6.82
C PHE G 155 8.70 -35.46 -8.21
N TRP G 156 8.13 -34.61 -9.08
CA TRP G 156 8.46 -34.59 -10.49
C TRP G 156 8.76 -33.17 -10.94
N ASP G 157 9.81 -33.02 -11.77
CA ASP G 157 10.25 -31.68 -12.16
C ASP G 157 9.43 -31.10 -13.30
N THR G 158 8.55 -31.90 -13.88
CA THR G 158 7.65 -31.61 -14.99
C THR G 158 8.33 -31.51 -16.33
N ARG G 159 9.62 -31.87 -16.43
CA ARG G 159 10.29 -31.92 -17.72
C ARG G 159 10.84 -33.31 -17.98
N SER G 160 11.50 -33.92 -17.00
CA SER G 160 12.03 -35.25 -17.15
C SER G 160 10.98 -36.29 -16.73
N SER G 161 11.01 -37.43 -17.41
CA SER G 161 10.19 -38.57 -17.04
C SER G 161 10.69 -39.29 -15.80
N ASN G 162 11.93 -39.02 -15.37
CA ASN G 162 12.46 -39.54 -14.11
C ASN G 162 12.04 -38.67 -12.93
N PRO G 163 11.50 -39.25 -11.86
CA PRO G 163 11.11 -38.44 -10.72
C PRO G 163 12.33 -37.83 -10.06
N MET G 164 12.17 -36.58 -9.62
CA MET G 164 13.21 -35.89 -8.90
C MET G 164 13.49 -36.57 -7.55
N MET G 165 12.45 -37.06 -6.90
CA MET G 165 12.59 -37.71 -5.59
C MET G 165 11.48 -38.74 -5.44
N VAL G 166 11.77 -39.84 -4.76
CA VAL G 166 10.72 -40.80 -4.38
C VAL G 166 10.93 -41.21 -2.93
N LEU G 167 9.88 -41.08 -2.12
CA LEU G 167 9.85 -41.50 -0.73
C LEU G 167 8.89 -42.67 -0.56
N GLN G 168 9.25 -43.56 0.35
CA GLN G 168 8.39 -44.68 0.68
C GLN G 168 7.33 -44.23 1.68
N LEU G 169 6.02 -44.61 1.44
CA LEU G 169 4.94 -44.36 2.39
C LEU G 169 4.65 -45.62 3.21
N PRO G 170 4.11 -45.48 4.42
CA PRO G 170 3.82 -46.68 5.22
C PRO G 170 2.65 -47.49 4.71
N GLU G 171 1.81 -46.95 3.83
CA GLU G 171 0.65 -47.66 3.30
C GLU G 171 0.10 -46.83 2.14
N ARG G 172 -1.03 -47.26 1.58
CA ARG G 172 -1.59 -46.57 0.43
C ARG G 172 -1.94 -45.14 0.80
N CYS G 173 -1.55 -44.20 -0.06
CA CYS G 173 -1.81 -42.81 0.19
C CYS G 173 -3.30 -42.51 -0.01
N TYR G 174 -3.91 -41.87 1.00
CA TYR G 174 -5.34 -41.57 0.99
C TYR G 174 -5.68 -40.11 0.83
N CYS G 175 -4.85 -39.19 1.32
CA CYS G 175 -5.08 -37.77 1.07
C CYS G 175 -3.81 -37.03 1.48
N ALA G 176 -3.70 -35.78 1.03
CA ALA G 176 -2.51 -34.97 1.32
C ALA G 176 -2.83 -33.49 1.11
N ASP G 177 -1.95 -32.63 1.66
CA ASP G 177 -2.03 -31.19 1.46
C ASP G 177 -0.63 -30.59 1.55
N VAL G 178 -0.45 -29.43 0.90
CA VAL G 178 0.83 -28.73 0.87
C VAL G 178 0.54 -27.25 1.04
N ILE G 179 1.17 -26.63 2.03
CA ILE G 179 1.31 -25.17 2.11
C ILE G 179 2.76 -24.93 2.44
N TYR G 180 3.56 -24.54 1.43
CA TYR G 180 4.99 -24.41 1.63
C TYR G 180 5.26 -23.56 2.87
N PRO G 181 6.14 -24.00 3.79
CA PRO G 181 7.11 -25.09 3.64
C PRO G 181 6.68 -26.43 4.19
N MET G 182 5.38 -26.70 4.20
CA MET G 182 4.84 -27.87 4.87
C MET G 182 3.99 -28.70 3.91
N ALA G 183 4.11 -30.02 4.05
CA ALA G 183 3.22 -30.96 3.39
C ALA G 183 2.86 -32.02 4.42
N VAL G 184 1.63 -32.55 4.33
CA VAL G 184 1.22 -33.67 5.16
C VAL G 184 0.53 -34.70 4.27
N VAL G 185 0.84 -35.98 4.46
CA VAL G 185 0.17 -37.07 3.75
C VAL G 185 -0.44 -38.03 4.77
N ALA G 186 -1.64 -38.51 4.47
CA ALA G 186 -2.31 -39.49 5.31
C ALA G 186 -2.53 -40.78 4.52
N THR G 187 -2.29 -41.91 5.17
CA THR G 187 -2.42 -43.19 4.50
C THR G 187 -3.43 -44.07 5.23
N ALA G 188 -3.68 -45.22 4.62
CA ALA G 188 -4.44 -46.26 5.26
C ALA G 188 -3.79 -46.67 6.57
N GLU G 189 -4.64 -47.13 7.48
CA GLU G 189 -4.24 -47.70 8.74
C GLU G 189 -3.40 -46.73 9.57
N ARG G 190 -3.97 -45.53 9.69
CA ARG G 190 -3.59 -44.44 10.60
C ARG G 190 -2.22 -43.87 10.27
N GLY G 191 -1.77 -44.09 9.04
CA GLY G 191 -0.54 -43.49 8.59
C GLY G 191 -0.74 -41.99 8.42
N LEU G 192 0.14 -41.21 9.04
CA LEU G 192 0.01 -39.77 9.05
C LEU G 192 1.41 -39.22 9.14
N ILE G 193 1.86 -38.49 8.13
CA ILE G 193 3.26 -38.03 8.10
C ILE G 193 3.33 -36.57 7.66
N VAL G 194 4.12 -35.79 8.36
CA VAL G 194 4.31 -34.38 8.05
C VAL G 194 5.62 -34.21 7.32
N TYR G 195 5.67 -33.31 6.33
CA TYR G 195 6.87 -33.04 5.55
C TYR G 195 7.24 -31.58 5.67
N GLN G 196 8.54 -31.43 5.60
CA GLN G 196 9.27 -30.19 5.78
C GLN G 196 9.68 -29.89 4.30
N LEU G 197 9.60 -28.64 3.82
CA LEU G 197 9.79 -28.53 2.35
C LEU G 197 10.94 -27.66 1.93
N GLU G 198 11.66 -27.08 2.87
CA GLU G 198 12.69 -26.11 2.49
C GLU G 198 13.87 -26.82 1.79
N ASN G 199 14.37 -26.24 0.70
CA ASN G 199 15.56 -26.76 -0.01
C ASN G 199 15.27 -28.09 -0.69
N GLN G 200 14.72 -29.04 0.05
CA GLN G 200 14.45 -30.36 -0.51
C GLN G 200 13.48 -31.06 0.40
N PRO G 201 12.47 -31.75 -0.14
CA PRO G 201 11.51 -32.42 0.74
C PRO G 201 12.17 -33.52 1.55
N SER G 202 11.78 -33.59 2.81
CA SER G 202 12.23 -34.66 3.68
C SER G 202 11.19 -34.85 4.78
N GLU G 203 11.20 -36.04 5.34
CA GLU G 203 10.24 -36.42 6.36
C GLU G 203 10.49 -35.63 7.63
N PHE G 204 9.48 -34.88 8.08
CA PHE G 204 9.67 -34.07 9.28
C PHE G 204 9.26 -34.85 10.53
N ARG G 205 8.03 -35.35 10.58
CA ARG G 205 7.62 -36.15 11.73
C ARG G 205 6.57 -37.18 11.33
N ARG G 206 6.65 -38.35 11.98
CA ARG G 206 5.63 -39.39 11.90
C ARG G 206 4.72 -39.31 13.14
N ILE G 207 3.45 -38.93 12.93
CA ILE G 207 2.53 -38.59 13.99
C ILE G 207 1.68 -39.79 14.34
N GLU G 208 1.61 -40.12 15.63
CA GLU G 208 0.64 -41.13 16.07
C GLU G 208 -0.75 -40.54 15.92
N SER G 209 -1.53 -41.10 15.01
CA SER G 209 -2.70 -40.39 14.54
C SER G 209 -3.72 -40.17 15.66
N PRO G 210 -4.23 -38.95 15.81
CA PRO G 210 -5.27 -38.70 16.80
C PRO G 210 -6.57 -39.40 16.48
N LEU G 211 -6.78 -39.85 15.25
CA LEU G 211 -7.98 -40.58 14.86
C LEU G 211 -7.72 -42.07 14.82
N LYS G 212 -8.71 -42.84 15.23
CA LYS G 212 -8.58 -44.28 15.32
C LYS G 212 -9.19 -45.02 14.12
N HIS G 213 -9.87 -44.33 13.20
CA HIS G 213 -10.54 -45.01 12.09
C HIS G 213 -10.07 -44.44 10.76
N GLN G 214 -10.46 -45.13 9.70
CA GLN G 214 -9.91 -44.92 8.37
C GLN G 214 -9.84 -43.44 8.04
N HIS G 215 -8.64 -42.99 7.66
CA HIS G 215 -8.39 -41.61 7.28
C HIS G 215 -8.99 -41.30 5.91
N ARG G 216 -9.30 -40.01 5.70
CA ARG G 216 -10.02 -39.68 4.48
C ARG G 216 -9.72 -38.29 3.90
N CYS G 217 -9.57 -37.26 4.74
CA CYS G 217 -9.29 -35.92 4.23
C CYS G 217 -8.34 -35.16 5.16
N VAL G 218 -7.59 -34.23 4.58
CA VAL G 218 -6.63 -33.44 5.35
C VAL G 218 -6.53 -32.04 4.75
N ALA G 219 -6.46 -31.04 5.62
CA ALA G 219 -6.29 -29.66 5.20
C ALA G 219 -5.38 -28.97 6.19
N ILE G 220 -4.38 -28.25 5.70
CA ILE G 220 -3.41 -27.56 6.54
C ILE G 220 -3.94 -26.17 6.82
N PHE G 221 -3.72 -25.70 8.03
CA PHE G 221 -4.11 -24.35 8.39
C PHE G 221 -2.91 -23.58 8.89
N LYS G 222 -2.99 -22.26 8.75
CA LYS G 222 -1.88 -21.37 9.02
C LYS G 222 -2.10 -20.64 10.36
N ASP G 223 -1.03 -20.13 10.92
CA ASP G 223 -1.16 -19.45 12.20
C ASP G 223 -1.62 -18.02 11.97
N LYS G 224 -1.55 -17.20 13.03
CA LYS G 224 -1.98 -15.82 12.98
C LYS G 224 -1.10 -14.95 12.08
N GLN G 225 0.08 -15.46 11.69
CA GLN G 225 1.05 -14.74 10.86
C GLN G 225 1.20 -15.35 9.47
N ASN G 226 0.20 -16.13 9.05
CA ASN G 226 0.14 -16.79 7.75
C ASN G 226 1.22 -17.86 7.55
N LYS G 227 1.86 -18.34 8.62
CA LYS G 227 2.83 -19.42 8.50
C LYS G 227 2.13 -20.73 8.80
N PRO G 228 2.15 -21.72 7.90
CA PRO G 228 1.51 -23.02 8.18
C PRO G 228 1.89 -23.57 9.54
N THR G 229 0.88 -24.01 10.29
CA THR G 229 1.07 -24.34 11.68
C THR G 229 0.45 -25.66 12.12
N GLY G 230 -0.44 -26.23 11.33
CA GLY G 230 -1.07 -27.49 11.70
C GLY G 230 -2.06 -27.92 10.64
N PHE G 231 -2.72 -29.03 10.91
CA PHE G 231 -3.67 -29.55 9.93
C PHE G 231 -4.91 -30.06 10.65
N ALA G 232 -5.96 -30.25 9.84
CA ALA G 232 -7.19 -30.90 10.25
C ALA G 232 -7.33 -32.21 9.50
N LEU G 233 -7.79 -33.25 10.19
CA LEU G 233 -7.85 -34.61 9.65
C LEU G 233 -9.25 -35.16 9.89
N GLY G 234 -9.90 -35.66 8.83
CA GLY G 234 -11.25 -36.23 8.90
C GLY G 234 -11.25 -37.73 8.64
N SER G 235 -12.00 -38.47 9.47
CA SER G 235 -12.09 -39.92 9.34
C SER G 235 -13.45 -40.33 8.80
N ILE G 236 -13.65 -41.64 8.66
CA ILE G 236 -14.96 -42.14 8.23
C ILE G 236 -16.00 -42.14 9.34
N GLU G 237 -15.64 -41.80 10.58
CA GLU G 237 -16.60 -41.82 11.68
C GLU G 237 -17.08 -40.36 11.97
N ARG G 239 -16.13 -37.44 12.77
CA ARG G 239 -14.99 -36.90 13.51
C ARG G 239 -13.92 -36.15 12.71
N VAL G 240 -13.45 -35.03 13.26
CA VAL G 240 -12.32 -34.30 12.70
C VAL G 240 -11.34 -34.01 13.84
N ALA G 241 -10.05 -34.11 13.54
CA ALA G 241 -8.99 -33.82 14.49
C ALA G 241 -8.34 -32.49 14.13
N ILE G 242 -8.00 -31.72 15.16
CA ILE G 242 -7.20 -30.53 15.06
C ILE G 242 -5.84 -30.89 15.62
N HIS G 243 -4.80 -30.72 14.80
CA HIS G 243 -3.44 -31.05 15.21
C HIS G 243 -2.54 -29.85 14.98
N TYR G 244 -2.08 -29.24 16.06
CA TYR G 244 -1.04 -28.25 15.98
C TYR G 244 0.30 -28.96 15.96
N ILE G 245 1.21 -28.47 15.11
CA ILE G 245 2.49 -29.15 14.93
C ILE G 245 3.34 -29.04 16.19
N ASN G 246 3.42 -27.84 16.77
CA ASN G 246 4.27 -27.58 17.94
C ASN G 246 3.57 -26.65 18.93
N PRO G 247 2.45 -27.07 19.50
CA PRO G 247 1.74 -26.21 20.48
C PRO G 247 2.38 -26.35 21.86
N PRO G 248 2.16 -25.38 22.74
CA PRO G 248 2.81 -25.47 24.08
C PRO G 248 2.25 -26.57 24.97
N ASN G 249 0.96 -26.89 24.88
CA ASN G 249 0.35 -27.95 25.67
C ASN G 249 -0.48 -28.85 24.76
N PRO G 250 0.14 -29.85 24.14
CA PRO G 250 -0.57 -30.64 23.12
C PRO G 250 -1.79 -31.36 23.64
N ALA G 251 -1.77 -31.80 24.90
CA ALA G 251 -2.92 -32.49 25.47
C ALA G 251 -4.17 -31.63 25.40
N LYS G 252 -4.02 -30.32 25.64
CA LYS G 252 -5.15 -29.41 25.60
C LYS G 252 -5.31 -28.72 24.25
N ASP G 253 -4.21 -28.45 23.56
CA ASP G 253 -4.29 -27.72 22.29
C ASP G 253 -4.69 -28.63 21.12
N ASN G 254 -4.39 -29.92 21.15
CA ASN G 254 -4.95 -30.81 20.14
C ASN G 254 -6.28 -31.39 20.65
N PHE G 255 -7.24 -31.56 19.75
CA PHE G 255 -8.50 -32.18 20.14
C PHE G 255 -9.20 -32.72 18.89
N THR G 256 -10.11 -33.65 19.11
CA THR G 256 -11.00 -34.16 18.09
C THR G 256 -12.43 -33.73 18.40
N PHE G 257 -13.26 -33.63 17.37
CA PHE G 257 -14.66 -33.32 17.59
C PHE G 257 -15.54 -34.14 16.67
N LYS G 258 -16.73 -34.49 17.19
CA LYS G 258 -17.68 -35.32 16.48
C LYS G 258 -18.47 -34.46 15.50
N CYS G 259 -18.68 -34.98 14.30
CA CYS G 259 -19.31 -34.17 13.29
C CYS G 259 -19.88 -35.10 12.23
N HIS G 260 -20.77 -34.54 11.42
CA HIS G 260 -21.45 -35.28 10.36
C HIS G 260 -22.13 -36.51 10.92
N ARG G 261 -22.80 -36.31 12.04
CA ARG G 261 -23.62 -37.36 12.62
C ARG G 261 -25.06 -36.86 12.65
N SER G 262 -25.99 -37.80 12.60
CA SER G 262 -27.41 -37.47 12.65
C SER G 262 -27.81 -37.18 14.10
N ASN G 263 -29.08 -36.82 14.29
CA ASN G 263 -29.65 -36.62 15.62
C ASN G 263 -29.14 -35.35 16.30
N SER G 268 -34.57 -43.05 22.15
CA SER G 268 -35.16 -42.82 20.84
C SER G 268 -34.42 -43.62 19.75
N ALA G 269 -33.76 -42.93 18.83
CA ALA G 269 -33.15 -43.73 17.77
C ALA G 269 -31.62 -43.63 17.79
N PRO G 270 -30.94 -44.68 17.32
CA PRO G 270 -29.47 -44.66 17.28
C PRO G 270 -28.90 -43.52 16.43
N GLN G 271 -27.70 -43.06 16.81
CA GLN G 271 -27.02 -42.00 16.08
C GLN G 271 -26.36 -42.54 14.81
N ASP G 272 -26.65 -41.91 13.69
CA ASP G 272 -26.04 -42.29 12.42
C ASP G 272 -24.75 -41.50 12.25
N ILE G 273 -23.62 -42.21 12.10
CA ILE G 273 -22.31 -41.59 11.92
C ILE G 273 -21.87 -41.80 10.49
N TYR G 274 -21.81 -40.72 9.72
CA TYR G 274 -21.36 -40.78 8.32
C TYR G 274 -19.90 -40.34 8.20
N ALA G 275 -19.34 -40.55 7.01
CA ALA G 275 -17.93 -40.28 6.81
C ALA G 275 -17.70 -38.85 6.39
N VAL G 276 -16.57 -38.28 6.82
CA VAL G 276 -16.16 -36.94 6.41
C VAL G 276 -15.41 -37.06 5.09
N ASN G 277 -15.90 -36.38 4.07
CA ASN G 277 -15.31 -36.56 2.75
C ASN G 277 -14.36 -35.45 2.34
N GLY G 278 -14.52 -34.25 2.86
CA GLY G 278 -13.64 -33.15 2.49
C GLY G 278 -13.43 -32.19 3.64
N ILE G 279 -12.24 -31.57 3.66
CA ILE G 279 -11.95 -30.48 4.59
C ILE G 279 -11.25 -29.37 3.82
N ALA G 280 -11.67 -28.14 4.04
CA ALA G 280 -11.03 -26.98 3.42
C ALA G 280 -10.99 -25.84 4.41
N PHE G 281 -9.87 -25.10 4.42
CA PHE G 281 -9.75 -23.90 5.25
C PHE G 281 -10.04 -22.64 4.45
N HIS G 282 -10.79 -21.73 5.06
CA HIS G 282 -11.07 -20.44 4.44
C HIS G 282 -9.79 -19.65 4.40
N PRO G 283 -9.32 -19.24 3.22
CA PRO G 283 -7.94 -18.73 3.12
C PRO G 283 -7.71 -17.47 3.90
N VAL G 284 -8.77 -16.72 4.20
CA VAL G 284 -8.66 -15.43 4.86
C VAL G 284 -8.99 -15.53 6.35
N HIS G 285 -10.10 -16.23 6.66
CA HIS G 285 -10.70 -16.28 7.99
C HIS G 285 -10.12 -17.35 8.91
N GLY G 286 -9.48 -18.38 8.35
CA GLY G 286 -8.93 -19.45 9.16
C GLY G 286 -9.97 -20.40 9.70
N THR G 287 -11.25 -20.11 9.54
CA THR G 287 -12.32 -21.04 9.79
C THR G 287 -12.27 -22.16 8.77
N LEU G 288 -13.13 -23.17 8.95
CA LEU G 288 -13.07 -24.32 8.07
C LEU G 288 -14.45 -24.81 7.67
N ALA G 289 -14.49 -25.51 6.53
CA ALA G 289 -15.68 -26.15 6.01
C ALA G 289 -15.45 -27.66 5.96
N THR G 290 -16.51 -28.44 6.30
CA THR G 290 -16.48 -29.90 6.20
C THR G 290 -17.68 -30.41 5.42
N VAL G 291 -17.47 -31.44 4.60
CA VAL G 291 -18.53 -32.14 3.88
C VAL G 291 -18.48 -33.63 4.18
N GLY G 292 -19.66 -34.28 4.18
CA GLY G 292 -19.79 -35.65 4.63
C GLY G 292 -20.75 -36.46 3.76
N SER G 293 -20.62 -37.79 3.89
CA SER G 293 -21.56 -38.68 3.20
C SER G 293 -22.97 -38.51 3.73
N ASP G 294 -23.15 -37.83 4.87
CA ASP G 294 -24.48 -37.50 5.34
C ASP G 294 -25.23 -36.54 4.43
N GLY G 295 -24.56 -36.02 3.39
CA GLY G 295 -25.17 -35.09 2.47
C GLY G 295 -25.36 -33.67 2.96
N ARG G 296 -24.62 -33.24 3.99
CA ARG G 296 -24.64 -31.86 4.45
C ARG G 296 -23.21 -31.37 4.64
N PHE G 297 -23.05 -30.05 4.63
CA PHE G 297 -21.79 -29.42 4.99
C PHE G 297 -21.94 -28.55 6.24
N SER G 298 -20.85 -28.43 7.00
CA SER G 298 -20.82 -27.64 8.21
C SER G 298 -19.62 -26.72 8.20
N PHE G 299 -19.79 -25.53 8.79
CA PHE G 299 -18.70 -24.55 8.95
C PHE G 299 -18.27 -24.50 10.40
N TRP G 300 -16.96 -24.33 10.62
CA TRP G 300 -16.43 -24.44 11.96
C TRP G 300 -15.40 -23.34 12.19
N ASP G 301 -15.32 -22.93 13.45
CA ASP G 301 -14.26 -22.06 13.99
C ASP G 301 -13.50 -22.93 14.98
N LYS G 302 -12.31 -23.37 14.57
CA LYS G 302 -11.51 -24.30 15.38
C LYS G 302 -10.80 -23.64 16.54
N ASP G 303 -10.85 -22.31 16.64
CA ASP G 303 -10.20 -21.59 17.74
C ASP G 303 -11.16 -21.32 18.89
N ALA G 304 -12.33 -20.76 18.58
CA ALA G 304 -13.44 -20.71 19.52
C ALA G 304 -14.02 -22.08 19.81
N ARG G 305 -13.67 -23.08 19.01
CA ARG G 305 -14.18 -24.44 19.14
C ARG G 305 -15.71 -24.45 19.06
N THR G 306 -16.24 -23.85 18.00
CA THR G 306 -17.67 -23.80 17.79
C THR G 306 -18.00 -24.21 16.36
N LYS G 307 -19.23 -24.63 16.18
CA LYS G 307 -19.78 -25.00 14.89
C LYS G 307 -20.63 -23.82 14.40
N LEU G 308 -20.26 -23.27 13.25
CA LEU G 308 -20.87 -22.04 12.77
C LEU G 308 -22.16 -22.27 12.01
N LYS G 309 -22.21 -23.33 11.20
CA LYS G 309 -23.37 -23.59 10.37
C LYS G 309 -23.39 -25.06 10.00
N THR G 310 -24.60 -25.60 9.80
CA THR G 310 -24.80 -26.87 9.14
C THR G 310 -25.88 -26.69 8.08
N SER G 311 -25.62 -27.20 6.88
CA SER G 311 -26.59 -27.14 5.81
C SER G 311 -27.75 -28.10 6.05
N GLU G 312 -28.71 -28.07 5.16
CA GLU G 312 -29.73 -29.10 5.09
C GLU G 312 -29.20 -30.28 4.29
N GLN G 313 -29.93 -31.39 4.36
CA GLN G 313 -29.45 -32.60 3.73
C GLN G 313 -29.78 -32.57 2.25
N LEU G 314 -28.80 -32.95 1.43
CA LEU G 314 -29.00 -33.10 -0.01
C LEU G 314 -29.34 -34.55 -0.30
N ASP G 315 -29.93 -34.77 -1.46
CA ASP G 315 -30.42 -36.12 -1.73
C ASP G 315 -29.29 -37.14 -1.92
N GLN G 316 -28.03 -36.72 -1.92
CA GLN G 316 -26.93 -37.67 -1.91
C GLN G 316 -25.75 -37.04 -1.18
N PRO G 317 -24.71 -37.83 -0.88
CA PRO G 317 -23.54 -37.30 -0.17
C PRO G 317 -22.85 -36.13 -0.87
N ILE G 318 -22.10 -35.37 -0.06
CA ILE G 318 -21.17 -34.35 -0.56
C ILE G 318 -19.80 -34.99 -0.66
N SER G 319 -19.26 -35.05 -1.87
CA SER G 319 -18.06 -35.83 -2.16
C SER G 319 -16.79 -35.02 -2.11
N ALA G 320 -16.88 -33.73 -2.40
CA ALA G 320 -15.70 -32.88 -2.45
C ALA G 320 -16.14 -31.44 -2.29
N CYS G 321 -15.18 -30.60 -1.91
CA CYS G 321 -15.39 -29.16 -1.78
C CYS G 321 -14.03 -28.47 -1.85
N CYS G 322 -14.08 -27.14 -1.95
CA CYS G 322 -12.90 -26.28 -1.90
C CYS G 322 -13.38 -24.83 -1.95
N PHE G 323 -12.46 -23.92 -1.66
CA PHE G 323 -12.68 -22.48 -1.75
C PHE G 323 -11.98 -21.92 -2.96
N ASN G 324 -12.40 -20.72 -3.37
CA ASN G 324 -11.59 -19.98 -4.30
C ASN G 324 -10.47 -19.27 -3.55
N HIS G 325 -9.65 -18.50 -4.27
CA HIS G 325 -8.41 -18.00 -3.68
C HIS G 325 -8.67 -16.97 -2.59
N ASN G 326 -9.64 -16.09 -2.77
CA ASN G 326 -9.91 -15.04 -1.79
C ASN G 326 -11.00 -15.42 -0.80
N GLY G 327 -11.55 -16.63 -0.90
CA GLY G 327 -12.51 -17.10 0.08
C GLY G 327 -13.92 -16.57 -0.05
N ASN G 328 -14.32 -16.12 -1.24
CA ASN G 328 -15.68 -15.66 -1.45
C ASN G 328 -16.56 -16.66 -2.17
N ILE G 329 -16.02 -17.83 -2.52
CA ILE G 329 -16.80 -18.87 -3.18
C ILE G 329 -16.58 -20.17 -2.43
N PHE G 330 -17.66 -20.77 -1.94
CA PHE G 330 -17.56 -22.12 -1.43
C PHE G 330 -18.20 -23.02 -2.46
N ALA G 331 -17.38 -23.91 -3.05
CA ALA G 331 -17.85 -24.88 -4.02
C ALA G 331 -17.89 -26.26 -3.37
N TYR G 332 -19.02 -26.96 -3.48
CA TYR G 332 -19.16 -28.31 -2.94
C TYR G 332 -19.95 -29.17 -3.92
N ALA G 333 -19.61 -30.45 -4.00
CA ALA G 333 -20.10 -31.35 -5.05
C ALA G 333 -20.99 -32.44 -4.47
N SER G 334 -22.21 -32.56 -4.99
CA SER G 334 -23.17 -33.59 -4.59
C SER G 334 -23.07 -34.76 -5.55
N SER G 335 -22.55 -35.88 -5.04
CA SER G 335 -22.34 -37.10 -5.82
C SER G 335 -22.36 -38.26 -4.85
N TYR G 336 -22.83 -39.41 -5.33
CA TYR G 336 -22.66 -40.61 -4.52
C TYR G 336 -21.17 -40.89 -4.37
N ASP G 337 -20.80 -41.47 -3.24
CA ASP G 337 -19.40 -41.67 -2.89
C ASP G 337 -19.06 -43.11 -2.58
N TRP G 338 -19.95 -44.06 -2.89
CA TRP G 338 -19.75 -45.47 -2.55
C TRP G 338 -19.70 -45.71 -1.03
N SER G 339 -20.20 -44.77 -0.22
CA SER G 339 -20.23 -44.99 1.23
C SER G 339 -21.11 -46.19 1.64
N LYS G 340 -22.05 -46.60 0.79
CA LYS G 340 -22.93 -47.73 1.11
C LYS G 340 -22.82 -48.83 0.07
N GLY G 341 -21.78 -48.80 -0.74
CA GLY G 341 -21.51 -49.86 -1.68
C GLY G 341 -22.24 -49.69 -3.00
N HIS G 342 -22.10 -50.73 -3.84
CA HIS G 342 -22.62 -50.67 -5.20
C HIS G 342 -24.14 -50.71 -5.25
N GLU G 343 -24.80 -51.26 -4.25
CA GLU G 343 -26.25 -51.40 -4.32
C GLU G 343 -26.98 -50.06 -4.35
N PHE G 344 -26.36 -48.99 -3.84
CA PHE G 344 -26.99 -47.68 -3.74
C PHE G 344 -26.53 -46.70 -4.82
N TYR G 345 -25.78 -47.18 -5.80
CA TYR G 345 -25.39 -46.34 -6.92
C TYR G 345 -26.50 -46.35 -7.97
N ASN G 346 -26.92 -45.16 -8.37
CA ASN G 346 -27.86 -44.98 -9.48
C ASN G 346 -27.26 -44.06 -10.53
N PRO G 347 -26.71 -44.59 -11.64
CA PRO G 347 -26.07 -43.72 -12.64
C PRO G 347 -27.01 -42.67 -13.23
N GLN G 348 -28.32 -42.92 -13.14
CA GLN G 348 -29.31 -41.97 -13.63
C GLN G 348 -29.42 -40.76 -12.72
N LYS G 349 -29.13 -40.92 -11.41
CA LYS G 349 -29.07 -39.77 -10.53
C LYS G 349 -28.02 -38.80 -11.06
N LYS G 350 -28.40 -37.55 -11.24
CA LYS G 350 -27.50 -36.60 -11.87
C LYS G 350 -26.61 -35.99 -10.80
N ASN G 351 -25.42 -35.57 -11.21
CA ASN G 351 -24.45 -35.02 -10.28
C ASN G 351 -24.40 -33.50 -10.43
N TYR G 352 -24.13 -32.82 -9.32
CA TYR G 352 -24.21 -31.37 -9.29
C TYR G 352 -23.04 -30.81 -8.49
N ILE G 353 -22.65 -29.59 -8.86
CA ILE G 353 -21.71 -28.77 -8.10
C ILE G 353 -22.40 -27.46 -7.77
N PHE G 354 -22.39 -27.07 -6.50
CA PHE G 354 -23.02 -25.82 -6.09
C PHE G 354 -21.97 -24.85 -5.57
N LEU G 355 -22.24 -23.57 -5.82
CA LEU G 355 -21.36 -22.49 -5.40
C LEU G 355 -22.13 -21.62 -4.40
N ARG G 356 -21.44 -21.22 -3.34
CA ARG G 356 -22.04 -20.46 -2.25
C ARG G 356 -21.09 -19.36 -1.83
N ASN G 357 -21.63 -18.14 -1.71
CA ASN G 357 -20.89 -17.03 -1.14
C ASN G 357 -20.91 -17.19 0.38
N ALA G 358 -19.78 -17.61 0.94
CA ALA G 358 -19.68 -17.81 2.38
C ALA G 358 -18.54 -16.99 2.97
N ALA G 359 -18.21 -15.87 2.34
CA ALA G 359 -17.17 -15.00 2.89
C ALA G 359 -17.59 -14.44 4.25
N GLU G 360 -18.72 -13.75 4.28
CA GLU G 360 -19.27 -13.27 5.55
C GLU G 360 -19.78 -14.40 6.44
N GLU G 361 -20.34 -15.47 5.87
CA GLU G 361 -20.87 -16.54 6.70
C GLU G 361 -19.76 -17.27 7.46
N LEU G 362 -18.54 -17.28 6.94
CA LEU G 362 -17.45 -17.99 7.57
C LEU G 362 -16.58 -17.06 8.38
N LYS G 363 -17.02 -15.83 8.58
CA LYS G 363 -16.27 -14.88 9.39
C LYS G 363 -16.46 -15.24 10.86
N PRO G 364 -15.41 -15.24 11.66
CA PRO G 364 -15.60 -15.53 13.09
C PRO G 364 -16.51 -14.48 13.71
N ARG G 365 -17.03 -14.79 14.88
CA ARG G 365 -18.05 -13.92 15.42
C ARG G 365 -17.78 -13.69 16.90
N ASN G 366 -18.31 -12.58 17.42
CA ASN G 366 -18.28 -12.28 18.85
C ASN G 366 -16.83 -12.16 19.34
N THR H 12 -12.64 -58.78 -3.54
CA THR H 12 -12.68 -57.84 -4.65
C THR H 12 -14.10 -57.33 -4.91
N GLY H 13 -14.37 -56.11 -4.47
CA GLY H 13 -15.63 -55.47 -4.76
C GLY H 13 -16.50 -55.34 -3.52
N THR H 14 -17.76 -54.99 -3.78
CA THR H 14 -18.79 -54.94 -2.75
C THR H 14 -19.76 -56.13 -2.90
N THR H 15 -19.22 -57.35 -2.82
CA THR H 15 -20.04 -58.56 -2.97
C THR H 15 -20.92 -58.80 -1.74
N ILE H 16 -20.40 -58.48 -0.56
CA ILE H 16 -21.12 -58.66 0.70
C ILE H 16 -22.14 -57.54 0.86
N LYS H 17 -23.36 -57.90 1.27
CA LYS H 17 -24.40 -56.91 1.47
C LYS H 17 -23.95 -55.87 2.51
N PHE H 18 -24.34 -54.62 2.32
CA PHE H 18 -24.02 -53.59 3.30
C PHE H 18 -24.95 -53.69 4.50
N ASN H 19 -24.36 -53.72 5.70
CA ASN H 19 -25.12 -53.70 6.94
C ASN H 19 -24.37 -52.86 7.97
N PRO H 20 -24.92 -51.72 8.36
CA PRO H 20 -24.20 -50.77 9.22
C PRO H 20 -23.82 -51.39 10.55
N PRO H 21 -22.55 -51.33 10.93
CA PRO H 21 -22.14 -51.84 12.26
C PRO H 21 -22.83 -51.08 13.39
N THR H 22 -23.04 -51.78 14.50
CA THR H 22 -23.74 -51.28 15.67
C THR H 22 -22.77 -50.88 16.79
N GLY H 23 -23.14 -49.84 17.52
CA GLY H 23 -22.35 -49.33 18.64
C GLY H 23 -23.16 -48.67 19.75
N THR H 34 -24.02 -40.62 29.82
CA THR H 34 -25.03 -40.56 28.77
C THR H 34 -24.66 -41.46 27.58
N ASN H 35 -24.54 -42.76 27.83
CA ASN H 35 -24.23 -43.72 26.77
C ASN H 35 -25.44 -43.86 25.84
N ILE H 36 -25.23 -43.57 24.56
CA ILE H 36 -26.29 -43.77 23.57
C ILE H 36 -25.79 -44.87 22.63
N SER H 37 -26.39 -44.98 21.45
CA SER H 37 -26.31 -46.13 20.57
C SER H 37 -26.06 -45.61 19.17
N THR H 38 -25.18 -46.27 18.42
CA THR H 38 -24.64 -45.66 17.21
C THR H 38 -24.65 -46.63 16.03
N LYS H 39 -24.85 -46.09 14.83
CA LYS H 39 -24.79 -46.83 13.57
C LYS H 39 -23.67 -46.29 12.72
N HIS H 40 -22.74 -47.15 12.32
CA HIS H 40 -21.62 -46.76 11.46
C HIS H 40 -22.08 -46.89 10.01
N GLN H 41 -22.50 -45.77 9.43
CA GLN H 41 -23.16 -45.79 8.11
C GLN H 41 -22.16 -45.68 6.97
N CYS H 42 -21.13 -46.54 7.00
CA CYS H 42 -20.07 -46.53 6.01
C CYS H 42 -19.51 -47.94 5.83
N ILE H 43 -19.50 -48.38 4.57
CA ILE H 43 -19.18 -49.76 4.20
C ILE H 43 -17.89 -50.21 4.90
N THR H 44 -16.88 -49.33 4.96
CA THR H 44 -15.57 -49.64 5.51
C THR H 44 -15.53 -49.64 7.04
N ALA H 45 -16.63 -49.25 7.69
CA ALA H 45 -16.76 -49.56 9.11
C ALA H 45 -17.12 -51.02 9.29
N MET H 46 -17.69 -51.66 8.27
CA MET H 46 -17.97 -53.09 8.35
C MET H 46 -16.66 -53.83 8.35
N LYS H 47 -16.59 -54.91 9.11
CA LYS H 47 -15.32 -55.57 9.26
C LYS H 47 -15.01 -56.50 8.09
N GLU H 48 -15.95 -56.64 7.13
CA GLU H 48 -15.61 -57.22 5.84
C GLU H 48 -14.82 -56.27 4.95
N TYR H 49 -14.80 -54.97 5.27
CA TYR H 49 -14.29 -53.95 4.35
C TYR H 49 -13.25 -52.99 4.92
N GLU H 50 -12.87 -53.13 6.19
CA GLU H 50 -12.11 -52.10 6.89
C GLU H 50 -10.70 -51.91 6.35
N SER H 51 -10.18 -52.88 5.59
CA SER H 51 -8.81 -52.81 5.10
C SER H 51 -8.73 -52.19 3.71
N LYS H 52 -9.82 -51.62 3.22
CA LYS H 52 -9.83 -50.93 1.95
C LYS H 52 -10.57 -49.61 2.10
N SER H 53 -10.37 -48.71 1.16
CA SER H 53 -11.03 -47.42 1.14
C SER H 53 -12.17 -47.43 0.15
N LEU H 54 -13.03 -46.43 0.31
CA LEU H 54 -14.20 -46.29 -0.57
C LEU H 54 -13.78 -46.25 -2.03
N GLU H 55 -12.84 -45.36 -2.36
CA GLU H 55 -12.42 -45.22 -3.76
C GLU H 55 -11.81 -46.49 -4.30
N GLU H 56 -11.03 -47.19 -3.47
CA GLU H 56 -10.47 -48.48 -3.90
C GLU H 56 -11.59 -49.46 -4.24
N LEU H 57 -12.53 -49.64 -3.31
CA LEU H 57 -13.66 -50.54 -3.52
C LEU H 57 -14.48 -50.13 -4.73
N ARG H 58 -14.71 -48.83 -4.90
CA ARG H 58 -15.44 -48.36 -6.08
C ARG H 58 -14.70 -48.69 -7.37
N LEU H 59 -13.37 -48.55 -7.38
CA LEU H 59 -12.62 -48.87 -8.60
C LEU H 59 -12.76 -50.34 -8.96
N GLU H 60 -12.53 -51.23 -7.98
CA GLU H 60 -12.71 -52.65 -8.25
C GLU H 60 -14.11 -52.93 -8.79
N ASP H 61 -15.12 -52.22 -8.25
CA ASP H 61 -16.48 -52.39 -8.74
C ASP H 61 -16.60 -51.93 -10.19
N TYR H 62 -15.97 -50.80 -10.53
CA TYR H 62 -15.97 -50.33 -11.92
C TYR H 62 -15.26 -51.30 -12.85
N GLN H 63 -14.17 -51.93 -12.37
CA GLN H 63 -13.39 -52.85 -13.19
C GLN H 63 -14.13 -54.15 -13.46
N ALA H 64 -15.11 -54.49 -12.64
CA ALA H 64 -15.94 -55.66 -12.87
C ALA H 64 -17.28 -55.34 -13.53
N ASN H 65 -17.58 -54.05 -13.76
CA ASN H 65 -18.89 -53.60 -14.22
C ASN H 65 -19.98 -53.88 -13.19
N ARG H 66 -19.60 -53.87 -11.91
CA ARG H 66 -20.56 -54.01 -10.83
C ARG H 66 -20.96 -52.61 -10.39
N LYS H 67 -21.76 -51.98 -11.24
CA LYS H 67 -22.30 -50.66 -10.97
C LYS H 67 -23.82 -50.67 -10.71
N ASP I 13 5.61 -7.18 -30.97
CA ASP I 13 4.43 -7.18 -31.84
C ASP I 13 4.83 -7.51 -33.27
N GLU I 14 3.85 -7.56 -34.18
CA GLU I 14 4.12 -7.77 -35.60
C GLU I 14 4.04 -6.44 -36.33
N GLU I 15 4.90 -6.27 -37.32
CA GLU I 15 4.94 -4.99 -38.00
C GLU I 15 3.82 -4.95 -39.04
N GLN I 16 3.01 -3.90 -39.00
CA GLN I 16 1.67 -3.82 -39.58
C GLN I 16 1.52 -2.54 -40.38
N PRO I 17 0.56 -2.52 -41.34
CA PRO I 17 0.43 -1.33 -42.18
C PRO I 17 0.11 -0.11 -41.33
N MET I 18 0.69 1.02 -41.71
CA MET I 18 0.37 2.28 -41.09
C MET I 18 -1.03 2.68 -41.52
N GLU I 19 -1.67 3.51 -40.70
CA GLU I 19 -2.99 4.03 -41.04
C GLU I 19 -2.78 5.42 -41.66
N ILE I 20 -2.50 5.41 -42.96
CA ILE I 20 -2.13 6.61 -43.72
C ILE I 20 -3.38 7.37 -44.17
N ASP I 21 -3.38 8.67 -43.94
CA ASP I 21 -4.50 9.51 -44.37
C ASP I 21 -4.57 9.68 -45.89
N GLU J 14 -5.38 22.79 25.09
CA GLU J 14 -6.34 22.51 26.15
C GLU J 14 -7.55 23.46 25.99
N GLU J 15 -8.45 23.51 26.99
CA GLU J 15 -9.67 24.29 26.85
C GLU J 15 -9.36 25.79 26.95
N GLN J 16 -9.91 26.57 26.02
CA GLN J 16 -9.60 27.98 25.93
C GLN J 16 -10.90 28.77 25.85
N PRO J 17 -10.88 30.03 26.28
CA PRO J 17 -12.11 30.83 26.32
C PRO J 17 -12.72 31.03 24.94
N MET J 18 -14.05 31.04 24.88
CA MET J 18 -14.71 31.37 23.63
C MET J 18 -14.52 32.84 23.30
N GLU J 19 -14.65 33.16 22.02
CA GLU J 19 -14.59 34.54 21.55
C GLU J 19 -16.02 35.05 21.42
N ILE J 20 -16.55 35.55 22.54
CA ILE J 20 -17.94 35.99 22.64
C ILE J 20 -18.03 37.44 22.14
N ASP J 21 -18.97 37.68 21.25
CA ASP J 21 -19.14 39.03 20.71
C ASP J 21 -19.74 39.99 21.72
N ASP K 13 -27.01 -20.32 10.87
CA ASP K 13 -27.61 -20.54 12.18
C ASP K 13 -27.06 -19.60 13.25
N GLU K 14 -27.12 -20.04 14.50
CA GLU K 14 -26.33 -19.47 15.58
C GLU K 14 -25.19 -20.43 15.91
N GLU K 15 -24.04 -19.89 16.32
CA GLU K 15 -22.87 -20.73 16.56
C GLU K 15 -23.06 -21.55 17.83
N GLN K 16 -22.76 -22.84 17.73
CA GLN K 16 -22.99 -23.80 18.79
C GLN K 16 -21.67 -24.42 19.20
N PRO K 17 -21.53 -24.91 20.43
CA PRO K 17 -20.26 -25.54 20.81
C PRO K 17 -20.09 -26.79 19.98
N MET K 18 -18.86 -27.07 19.59
CA MET K 18 -18.64 -28.34 18.92
C MET K 18 -18.69 -29.47 19.94
N GLU K 19 -18.85 -30.70 19.45
CA GLU K 19 -18.91 -31.86 20.33
C GLU K 19 -17.52 -32.46 20.44
N ILE K 20 -16.75 -31.96 21.40
CA ILE K 20 -15.36 -32.35 21.59
C ILE K 20 -15.30 -33.63 22.42
N ASP K 21 -14.54 -34.61 21.94
CA ASP K 21 -14.41 -35.85 22.68
C ASP K 21 -13.65 -35.60 23.97
N ASP L 13 26.50 7.16 -3.28
CA ASP L 13 27.83 6.84 -3.79
C ASP L 13 27.88 5.77 -4.89
N GLU L 14 29.07 5.19 -4.98
CA GLU L 14 29.50 4.39 -6.13
C GLU L 14 29.50 2.90 -5.74
N GLU L 15 28.50 2.18 -6.27
CA GLU L 15 28.37 0.73 -5.95
C GLU L 15 29.61 0.01 -6.46
N GLN L 16 30.18 -0.86 -5.63
CA GLN L 16 31.42 -1.58 -6.01
C GLN L 16 31.32 -3.02 -5.52
N PRO L 17 32.06 -3.96 -6.12
CA PRO L 17 32.05 -5.34 -5.66
C PRO L 17 32.62 -5.45 -4.24
N MET L 18 32.19 -6.47 -3.50
CA MET L 18 32.72 -6.70 -2.13
C MET L 18 34.02 -7.48 -2.24
N GLU L 19 34.83 -7.44 -1.19
CA GLU L 19 36.08 -8.19 -1.16
C GLU L 19 35.80 -9.46 -0.36
N ILE L 20 35.30 -10.48 -1.04
CA ILE L 20 34.87 -11.70 -0.38
C ILE L 20 36.06 -12.61 -0.12
N ASP L 21 36.16 -13.12 1.09
CA ASP L 21 37.21 -14.06 1.43
C ASP L 21 36.94 -15.36 0.70
#